data_5TBN
#
_entry.id   5TBN
#
loop_
_entity.id
_entity.type
_entity.pdbx_description
1 polymer 'PHD finger protein 20'
2 polymer 'Histone H3.1'
3 non-polymer 'ZINC ION'
#
loop_
_entity_poly.entity_id
_entity_poly.type
_entity_poly.pdbx_seq_one_letter_code
_entity_poly.pdbx_strand_id
1 'polypeptide(L)' GHMDRYDFEVVRCICEVQEENDFMIQCEECQCWQHGVCMGLLEENVPEKYTCYVCQD A
2 'polypeptide(L)' ART(MLY)QTARKST(NH2) C
#
loop_
_chem_comp.id
_chem_comp.type
_chem_comp.name
_chem_comp.formula
NH2 non-polymer 'AMINO GROUP' 'H2 N'
ZN non-polymer 'ZINC ION' 'Zn 2'
#
# COMPACT_ATOMS: atom_id res chain seq x y z
N GLY A 1 -8.64 -10.65 16.94
CA GLY A 1 -8.52 -9.97 15.63
C GLY A 1 -7.07 -9.74 15.23
N HIS A 2 -6.76 -9.89 13.94
CA HIS A 2 -5.38 -9.92 13.38
C HIS A 2 -4.56 -8.62 13.58
N MET A 3 -5.22 -7.49 13.83
CA MET A 3 -4.59 -6.18 14.05
C MET A 3 -3.70 -6.10 15.30
N ASP A 4 -4.06 -6.80 16.37
CA ASP A 4 -3.44 -6.63 17.71
C ASP A 4 -3.44 -5.17 18.22
N ARG A 5 -4.25 -4.32 17.56
CA ARG A 5 -4.31 -2.84 17.66
C ARG A 5 -3.03 -2.09 17.25
N TYR A 6 -2.04 -2.84 16.74
CA TYR A 6 -0.75 -2.36 16.24
C TYR A 6 -0.80 -1.95 14.76
N ASP A 7 0.09 -1.03 14.37
CA ASP A 7 0.33 -0.68 12.96
C ASP A 7 1.48 -1.54 12.39
N PHE A 8 1.16 -2.40 11.42
CA PHE A 8 2.07 -3.29 10.71
C PHE A 8 1.99 -3.11 9.19
N GLU A 9 3.07 -3.52 8.51
CA GLU A 9 3.15 -3.57 7.05
C GLU A 9 2.18 -4.68 6.56
N VAL A 10 1.02 -4.26 6.06
CA VAL A 10 -0.14 -5.12 5.75
C VAL A 10 -0.70 -4.81 4.38
N VAL A 11 -0.52 -5.69 3.41
CA VAL A 11 -1.01 -5.45 2.05
C VAL A 11 -2.53 -5.64 2.03
N ARG A 12 -3.26 -4.53 2.06
CA ARG A 12 -4.73 -4.47 2.01
C ARG A 12 -5.15 -3.51 0.93
N CYS A 13 -5.32 -4.05 -0.26
CA CYS A 13 -5.93 -3.35 -1.40
C CYS A 13 -7.45 -3.59 -1.48
N ILE A 14 -8.18 -2.72 -2.20
CA ILE A 14 -9.60 -2.92 -2.58
C ILE A 14 -9.87 -4.23 -3.32
N CYS A 15 -8.78 -4.81 -3.80
CA CYS A 15 -8.73 -6.10 -4.50
C CYS A 15 -8.99 -7.27 -3.50
N GLU A 16 -8.89 -7.01 -2.18
CA GLU A 16 -8.94 -7.99 -1.08
C GLU A 16 -7.98 -9.16 -1.27
N VAL A 17 -6.81 -8.81 -1.82
CA VAL A 17 -5.67 -9.66 -2.09
C VAL A 17 -4.43 -9.04 -1.43
N GLN A 18 -3.61 -9.88 -0.83
CA GLN A 18 -2.26 -9.50 -0.34
C GLN A 18 -1.18 -9.63 -1.45
N GLU A 19 -1.56 -9.90 -2.70
CA GLU A 19 -0.70 -10.05 -3.88
C GLU A 19 0.07 -8.76 -4.14
N GLU A 20 1.27 -8.87 -4.71
CA GLU A 20 2.08 -7.77 -5.15
C GLU A 20 2.17 -7.70 -6.67
N ASN A 21 1.68 -6.55 -7.08
CA ASN A 21 1.80 -5.97 -8.41
C ASN A 21 3.25 -5.44 -8.59
N ASP A 22 3.53 -4.90 -9.78
CA ASP A 22 4.78 -4.19 -10.10
C ASP A 22 5.03 -2.97 -9.19
N PHE A 23 3.96 -2.29 -8.76
CA PHE A 23 3.98 -1.13 -7.86
C PHE A 23 3.07 -1.30 -6.63
N MET A 24 3.58 -0.94 -5.43
CA MET A 24 2.80 -0.83 -4.18
C MET A 24 3.17 0.42 -3.35
N ILE A 25 2.22 0.94 -2.56
CA ILE A 25 2.38 2.14 -1.69
C ILE A 25 1.85 1.81 -0.31
N GLN A 26 2.30 2.53 0.72
CA GLN A 26 1.85 2.34 2.11
C GLN A 26 0.99 3.51 2.59
N CYS A 27 -0.13 3.21 3.25
CA CYS A 27 -0.97 4.19 3.92
C CYS A 27 -0.23 4.85 5.08
N GLU A 28 -0.28 6.16 5.14
CA GLU A 28 0.37 6.91 6.23
C GLU A 28 -0.36 6.75 7.59
N GLU A 29 -1.63 6.32 7.58
CA GLU A 29 -2.47 6.27 8.80
C GLU A 29 -2.40 4.94 9.52
N CYS A 30 -2.63 3.85 8.78
CA CYS A 30 -2.64 2.49 9.31
C CYS A 30 -1.54 1.55 8.80
N GLN A 31 -0.61 2.07 7.99
CA GLN A 31 0.56 1.36 7.43
C GLN A 31 0.26 0.30 6.36
N CYS A 32 -0.98 0.14 5.92
CA CYS A 32 -1.27 -0.94 4.98
C CYS A 32 -0.80 -0.62 3.58
N TRP A 33 -0.44 -1.63 2.81
CA TRP A 33 0.10 -1.53 1.46
C TRP A 33 -0.91 -1.84 0.37
N GLN A 34 -0.85 -1.16 -0.78
CA GLN A 34 -1.81 -1.36 -1.86
C GLN A 34 -1.13 -1.25 -3.19
N HIS A 35 -1.77 -1.77 -4.23
CA HIS A 35 -1.32 -1.51 -5.59
C HIS A 35 -1.68 -0.07 -5.89
N GLY A 36 -0.70 0.78 -6.16
CA GLY A 36 -1.02 2.18 -6.39
C GLY A 36 -2.02 2.42 -7.52
N VAL A 37 -1.93 1.61 -8.58
CA VAL A 37 -2.78 1.75 -9.78
C VAL A 37 -4.26 1.41 -9.47
N CYS A 38 -4.53 0.71 -8.37
CA CYS A 38 -5.87 0.46 -7.82
C CYS A 38 -6.40 1.64 -7.00
N MET A 39 -5.49 2.41 -6.40
CA MET A 39 -5.72 3.54 -5.50
C MET A 39 -5.67 4.91 -6.23
N GLY A 40 -5.28 4.94 -7.52
CA GLY A 40 -5.11 6.14 -8.35
C GLY A 40 -3.77 6.85 -8.15
N LEU A 41 -2.74 6.10 -7.76
CA LEU A 41 -1.38 6.61 -7.54
C LEU A 41 -0.36 5.73 -8.28
N LEU A 42 0.75 6.32 -8.69
CA LEU A 42 1.89 5.76 -9.38
C LEU A 42 3.15 6.20 -8.64
N GLU A 43 4.31 5.60 -8.93
CA GLU A 43 5.59 6.07 -8.41
C GLU A 43 5.89 7.54 -8.79
N GLU A 44 5.30 8.05 -9.88
CA GLU A 44 5.37 9.50 -10.20
C GLU A 44 4.61 10.38 -9.20
N ASN A 45 3.45 9.92 -8.71
CA ASN A 45 2.53 10.74 -7.92
C ASN A 45 2.59 10.52 -6.40
N VAL A 46 3.45 9.63 -5.86
CA VAL A 46 3.41 9.20 -4.44
C VAL A 46 3.46 10.42 -3.53
N PRO A 47 2.36 10.69 -2.79
CA PRO A 47 2.28 11.81 -1.88
C PRO A 47 3.03 11.52 -0.57
N GLU A 48 3.24 12.56 0.24
CA GLU A 48 3.84 12.41 1.57
C GLU A 48 2.83 11.76 2.52
N LYS A 49 1.54 12.04 2.32
CA LYS A 49 0.42 11.44 3.05
C LYS A 49 -0.71 10.95 2.16
N TYR A 50 -0.51 9.73 1.64
CA TYR A 50 -1.61 9.00 0.99
C TYR A 50 -2.41 8.28 2.09
N THR A 51 -3.70 8.54 2.12
CA THR A 51 -4.72 7.84 2.91
C THR A 51 -5.40 6.74 2.09
N CYS A 52 -5.61 5.56 2.71
CA CYS A 52 -6.17 4.39 2.04
C CYS A 52 -7.66 4.36 2.23
N TYR A 53 -8.45 3.84 1.30
CA TYR A 53 -9.87 3.57 1.46
C TYR A 53 -10.35 3.00 2.82
N VAL A 54 -9.60 2.10 3.46
CA VAL A 54 -9.89 1.60 4.83
C VAL A 54 -9.87 2.74 5.87
N CYS A 55 -9.07 3.79 5.66
CA CYS A 55 -9.06 5.04 6.40
C CYS A 55 -9.93 6.13 5.73
N GLN A 56 -9.60 6.58 4.49
CA GLN A 56 -10.33 7.69 3.86
C GLN A 56 -11.66 7.34 3.16
N ASP A 57 -11.77 6.13 2.61
CA ASP A 57 -12.84 5.67 1.69
C ASP A 57 -12.85 6.51 0.38
N ALA B 1 4.39 8.48 2.49
CA ALA B 1 3.78 7.18 2.07
C ALA B 1 4.92 6.25 1.56
N ARG B 2 5.28 5.17 2.28
CA ARG B 2 6.36 4.21 1.87
C ARG B 2 6.05 3.60 0.50
N THR B 3 7.06 3.22 -0.29
CA THR B 3 6.87 2.62 -1.63
C THR B 3 7.92 1.57 -1.99
N MLY B 4 7.52 0.65 -2.87
CA MLY B 4 8.30 -0.52 -3.29
CB MLY B 4 8.03 -1.69 -2.32
CG MLY B 4 6.62 -2.27 -2.49
CD MLY B 4 6.17 -3.11 -1.27
CE MLY B 4 6.52 -4.60 -1.40
NZ MLY B 4 6.08 -5.39 -0.20
CH1 MLY B 4 4.59 -5.45 -0.07
CH2 MLY B 4 6.62 -6.78 -0.30
C MLY B 4 7.96 -0.88 -4.75
O MLY B 4 6.86 -0.60 -5.23
H MLY B 4 6.59 0.72 -3.25
HA MLY B 4 9.36 -0.26 -3.25
HB2 MLY B 4 8.75 -2.48 -2.48
HB3 MLY B 4 8.14 -1.32 -1.29
HG2 MLY B 4 5.94 -1.44 -2.61
HG3 MLY B 4 6.59 -2.88 -3.40
HD2 MLY B 4 6.59 -2.69 -0.35
HD3 MLY B 4 5.08 -3.00 -1.19
HE2 MLY B 4 6.07 -5.01 -2.30
HE3 MLY B 4 7.61 -4.67 -1.51
HH11 MLY B 4 4.16 -4.46 0.14
HH12 MLY B 4 4.12 -5.85 -0.98
HH13 MLY B 4 4.31 -6.10 0.77
HH21 MLY B 4 6.34 -7.37 0.57
HH22 MLY B 4 6.25 -7.28 -1.20
HH23 MLY B 4 7.72 -6.77 -0.35
HZ MLY B 4 6.48 -4.95 0.64
N GLN B 5 8.90 -1.55 -5.42
CA GLN B 5 8.76 -2.05 -6.79
C GLN B 5 9.32 -3.47 -6.94
N THR B 6 8.77 -4.25 -7.87
CA THR B 6 9.26 -5.59 -8.24
C THR B 6 8.95 -5.95 -9.71
N ALA B 7 9.59 -6.99 -10.23
CA ALA B 7 9.45 -7.46 -11.61
C ALA B 7 9.77 -8.96 -11.80
N ARG B 8 10.78 -9.48 -11.08
CA ARG B 8 11.23 -10.90 -11.12
C ARG B 8 11.83 -11.36 -9.78
N LYS B 9 12.12 -12.67 -9.67
CA LYS B 9 12.83 -13.29 -8.52
C LYS B 9 14.23 -12.68 -8.29
N SER B 10 14.79 -12.89 -7.10
CA SER B 10 16.02 -12.24 -6.60
C SER B 10 17.36 -12.73 -7.19
N THR B 11 17.34 -13.65 -8.16
CA THR B 11 18.54 -14.28 -8.75
C THR B 11 19.43 -13.33 -9.56
N NH2 B 12 20.67 -13.48 -9.48
HN1 NH2 B 12 21.06 -14.21 -8.89
HN2 NH2 B 12 21.30 -12.88 -10.00
ZN ZN C . -5.15 3.19 6.09
ZN ZN D . -5.24 -3.90 -6.19
N GLY A 1 -8.96 -10.05 18.70
CA GLY A 1 -8.97 -9.50 17.32
C GLY A 1 -7.57 -9.32 16.76
N HIS A 2 -7.38 -9.61 15.47
CA HIS A 2 -6.07 -9.69 14.79
C HIS A 2 -5.25 -8.39 14.74
N MET A 3 -5.89 -7.23 14.96
CA MET A 3 -5.24 -5.91 14.94
C MET A 3 -4.19 -5.69 16.02
N ASP A 4 -4.40 -6.26 17.22
CA ASP A 4 -3.63 -5.97 18.45
C ASP A 4 -3.53 -4.46 18.78
N ARG A 5 -4.33 -3.64 18.09
CA ARG A 5 -4.32 -2.15 18.01
C ARG A 5 -3.02 -1.54 17.45
N TYR A 6 -2.12 -2.39 16.95
CA TYR A 6 -0.82 -2.05 16.38
C TYR A 6 -0.89 -1.71 14.88
N ASP A 7 0.03 -0.85 14.43
CA ASP A 7 0.26 -0.58 13.01
C ASP A 7 1.35 -1.51 12.45
N PHE A 8 0.98 -2.40 11.52
CA PHE A 8 1.85 -3.34 10.84
C PHE A 8 1.84 -3.15 9.30
N GLU A 9 2.90 -3.60 8.65
CA GLU A 9 3.04 -3.63 7.19
C GLU A 9 2.07 -4.72 6.67
N VAL A 10 0.94 -4.28 6.11
CA VAL A 10 -0.21 -5.13 5.77
C VAL A 10 -0.74 -4.81 4.40
N VAL A 11 -0.55 -5.68 3.41
CA VAL A 11 -1.04 -5.41 2.05
C VAL A 11 -2.56 -5.60 2.02
N ARG A 12 -3.28 -4.48 2.07
CA ARG A 12 -4.74 -4.43 2.03
C ARG A 12 -5.16 -3.46 0.94
N CYS A 13 -5.33 -4.02 -0.26
CA CYS A 13 -5.93 -3.32 -1.41
C CYS A 13 -7.44 -3.56 -1.48
N ILE A 14 -8.17 -2.68 -2.21
CA ILE A 14 -9.59 -2.87 -2.60
C ILE A 14 -9.87 -4.19 -3.33
N CYS A 15 -8.78 -4.78 -3.81
CA CYS A 15 -8.74 -6.06 -4.50
C CYS A 15 -8.99 -7.24 -3.51
N GLU A 16 -8.91 -6.98 -2.19
CA GLU A 16 -8.96 -7.95 -1.08
C GLU A 16 -7.99 -9.13 -1.27
N VAL A 17 -6.83 -8.77 -1.80
CA VAL A 17 -5.70 -9.63 -2.07
C VAL A 17 -4.45 -9.01 -1.43
N GLN A 18 -3.63 -9.86 -0.82
CA GLN A 18 -2.29 -9.48 -0.33
C GLN A 18 -1.20 -9.62 -1.43
N GLU A 19 -1.58 -9.88 -2.68
CA GLU A 19 -0.72 -10.02 -3.86
C GLU A 19 0.06 -8.74 -4.12
N GLU A 20 1.26 -8.85 -4.68
CA GLU A 20 2.07 -7.77 -5.13
C GLU A 20 2.16 -7.68 -6.66
N ASN A 21 1.67 -6.55 -7.07
CA ASN A 21 1.78 -5.97 -8.40
C ASN A 21 3.23 -5.42 -8.60
N ASP A 22 3.49 -4.89 -9.79
CA ASP A 22 4.74 -4.18 -10.13
C ASP A 22 5.01 -2.97 -9.22
N PHE A 23 3.95 -2.29 -8.78
CA PHE A 23 3.98 -1.13 -7.87
C PHE A 23 3.07 -1.29 -6.63
N MET A 24 3.59 -0.95 -5.43
CA MET A 24 2.81 -0.82 -4.18
C MET A 24 3.19 0.42 -3.36
N ILE A 25 2.23 0.95 -2.58
CA ILE A 25 2.38 2.14 -1.70
C ILE A 25 1.88 1.81 -0.32
N GLN A 26 2.32 2.53 0.71
CA GLN A 26 1.88 2.33 2.11
C GLN A 26 1.01 3.50 2.56
N CYS A 27 -0.09 3.20 3.25
CA CYS A 27 -0.94 4.18 3.91
C CYS A 27 -0.20 4.85 5.06
N GLU A 28 -0.24 6.17 5.12
CA GLU A 28 0.40 6.91 6.21
C GLU A 28 -0.32 6.76 7.57
N GLU A 29 -1.59 6.33 7.55
CA GLU A 29 -2.43 6.28 8.77
C GLU A 29 -2.37 4.94 9.50
N CYS A 30 -2.59 3.86 8.76
CA CYS A 30 -2.61 2.50 9.29
C CYS A 30 -1.50 1.55 8.78
N GLN A 31 -0.57 2.08 7.98
CA GLN A 31 0.59 1.36 7.42
C GLN A 31 0.29 0.30 6.36
N CYS A 32 -0.96 0.14 5.92
CA CYS A 32 -1.26 -0.94 4.99
C CYS A 32 -0.78 -0.62 3.58
N TRP A 33 -0.43 -1.64 2.81
CA TRP A 33 0.11 -1.54 1.46
C TRP A 33 -0.90 -1.84 0.36
N GLN A 34 -0.83 -1.16 -0.78
CA GLN A 34 -1.80 -1.34 -1.86
C GLN A 34 -1.13 -1.23 -3.20
N HIS A 35 -1.76 -1.76 -4.23
CA HIS A 35 -1.31 -1.49 -5.59
C HIS A 35 -1.67 -0.06 -5.90
N GLY A 36 -0.68 0.78 -6.18
CA GLY A 36 -1.01 2.19 -6.41
C GLY A 36 -2.00 2.42 -7.53
N VAL A 37 -1.92 1.62 -8.58
CA VAL A 37 -2.77 1.76 -9.79
C VAL A 37 -4.24 1.43 -9.49
N CYS A 38 -4.52 0.72 -8.38
CA CYS A 38 -5.86 0.48 -7.83
C CYS A 38 -6.39 1.67 -7.00
N MET A 39 -5.47 2.42 -6.41
CA MET A 39 -5.69 3.56 -5.52
C MET A 39 -5.64 4.93 -6.25
N GLY A 40 -5.26 4.96 -7.53
CA GLY A 40 -5.08 6.16 -8.35
C GLY A 40 -3.74 6.87 -8.16
N LEU A 41 -2.72 6.11 -7.76
CA LEU A 41 -1.36 6.62 -7.56
C LEU A 41 -0.34 5.74 -8.29
N LEU A 42 0.77 6.33 -8.70
CA LEU A 42 1.91 5.77 -9.40
C LEU A 42 3.17 6.20 -8.64
N GLU A 43 4.32 5.60 -8.94
CA GLU A 43 5.60 6.08 -8.41
C GLU A 43 5.91 7.55 -8.78
N GLU A 44 5.32 8.06 -9.88
CA GLU A 44 5.39 9.49 -10.20
C GLU A 44 4.62 10.39 -9.20
N ASN A 45 3.46 9.93 -8.72
CA ASN A 45 2.55 10.75 -7.92
C ASN A 45 2.61 10.51 -6.40
N VAL A 46 3.47 9.63 -5.87
CA VAL A 46 3.42 9.20 -4.45
C VAL A 46 3.47 10.43 -3.53
N PRO A 47 2.37 10.69 -2.80
CA PRO A 47 2.30 11.80 -1.87
C PRO A 47 3.00 11.48 -0.55
N GLU A 48 3.25 12.51 0.23
CA GLU A 48 3.84 12.41 1.55
C GLU A 48 2.83 11.77 2.52
N LYS A 49 1.54 12.05 2.31
CA LYS A 49 0.43 11.46 3.04
C LYS A 49 -0.70 10.97 2.15
N TYR A 50 -0.52 9.75 1.63
CA TYR A 50 -1.61 9.02 0.98
C TYR A 50 -2.40 8.29 2.08
N THR A 51 -3.71 8.53 2.10
CA THR A 51 -4.69 7.81 2.89
C THR A 51 -5.36 6.71 2.07
N CYS A 52 -5.54 5.54 2.69
CA CYS A 52 -6.11 4.36 2.02
C CYS A 52 -7.61 4.37 2.20
N TYR A 53 -8.40 3.93 1.24
CA TYR A 53 -9.83 3.70 1.38
C TYR A 53 -10.31 3.18 2.77
N VAL A 54 -9.62 2.20 3.38
CA VAL A 54 -9.94 1.69 4.73
C VAL A 54 -9.90 2.81 5.79
N CYS A 55 -9.03 3.81 5.63
CA CYS A 55 -8.99 5.06 6.39
C CYS A 55 -9.84 6.16 5.73
N GLN A 56 -9.54 6.59 4.47
CA GLN A 56 -10.33 7.65 3.84
C GLN A 56 -11.73 7.24 3.34
N ASP A 57 -11.85 6.28 2.42
CA ASP A 57 -13.15 5.88 1.80
C ASP A 57 -13.22 4.54 1.02
N ALA B 1 4.38 8.54 2.40
CA ALA B 1 3.79 7.22 2.03
C ALA B 1 4.92 6.29 1.53
N ARG B 2 5.28 5.20 2.24
CA ARG B 2 6.36 4.25 1.83
C ARG B 2 6.04 3.63 0.47
N THR B 3 7.06 3.24 -0.30
CA THR B 3 6.89 2.63 -1.64
C THR B 3 7.93 1.58 -1.99
N MLY B 4 7.54 0.65 -2.88
CA MLY B 4 8.31 -0.53 -3.28
CB MLY B 4 8.04 -1.68 -2.28
CG MLY B 4 6.63 -2.27 -2.46
CD MLY B 4 6.16 -3.09 -1.24
CE MLY B 4 6.51 -4.58 -1.36
NZ MLY B 4 6.07 -5.38 -0.18
CH1 MLY B 4 4.57 -5.43 -0.04
CH2 MLY B 4 6.59 -6.77 -0.29
C MLY B 4 7.98 -0.92 -4.72
O MLY B 4 6.89 -0.64 -5.22
H MLY B 4 6.60 0.71 -3.26
HA MLY B 4 9.36 -0.27 -3.23
HB2 MLY B 4 8.77 -2.47 -2.41
HB3 MLY B 4 8.12 -1.30 -1.26
HG2 MLY B 4 5.94 -1.44 -2.60
HG3 MLY B 4 6.60 -2.88 -3.36
HD2 MLY B 4 6.57 -2.68 -0.32
HD3 MLY B 4 5.08 -2.99 -1.18
HE2 MLY B 4 6.07 -5.00 -2.27
HE3 MLY B 4 7.60 -4.66 -1.47
HH11 MLY B 4 4.29 -6.08 0.78
HH12 MLY B 4 4.15 -4.44 0.17
HH13 MLY B 4 4.10 -5.82 -0.95
HH21 MLY B 4 6.22 -7.26 -1.19
HH22 MLY B 4 7.69 -6.76 -0.33
HH23 MLY B 4 6.30 -7.37 0.58
HZ MLY B 4 6.46 -4.95 0.66
N GLN B 5 8.92 -1.62 -5.35
CA GLN B 5 8.78 -2.18 -6.71
C GLN B 5 9.40 -3.60 -6.77
N THR B 6 8.86 -4.47 -7.63
CA THR B 6 9.41 -5.81 -7.89
C THR B 6 10.75 -5.77 -8.65
N ALA B 7 11.59 -6.78 -8.45
CA ALA B 7 12.93 -6.91 -9.03
C ALA B 7 13.35 -8.38 -9.25
N ARG B 8 14.40 -8.60 -10.07
CA ARG B 8 14.95 -9.89 -10.52
C ARG B 8 14.01 -10.71 -11.43
N LYS B 9 14.58 -11.51 -12.34
CA LYS B 9 13.85 -12.41 -13.25
C LYS B 9 13.16 -13.56 -12.49
N SER B 10 12.09 -14.11 -13.09
CA SER B 10 11.32 -15.24 -12.54
C SER B 10 12.13 -16.54 -12.43
N THR B 11 11.76 -17.40 -11.47
CA THR B 11 12.32 -18.74 -11.27
C THR B 11 11.97 -19.71 -12.41
N NH2 B 12 10.81 -19.72 -12.89
HN1 NH2 B 12 10.11 -19.08 -12.53
HN2 NH2 B 12 10.57 -20.36 -13.63
ZN ZN C . -5.12 3.18 6.07
ZN ZN D . -5.25 -3.88 -6.18
N GLY A 1 -10.45 -9.76 15.63
CA GLY A 1 -10.37 -8.60 14.69
C GLY A 1 -9.04 -8.58 13.93
N HIS A 2 -9.03 -7.96 12.74
CA HIS A 2 -7.86 -7.93 11.82
C HIS A 2 -6.72 -7.00 12.30
N MET A 3 -7.04 -5.94 13.05
CA MET A 3 -6.10 -4.86 13.38
C MET A 3 -4.98 -5.22 14.36
N ASP A 4 -5.26 -6.08 15.35
CA ASP A 4 -4.37 -6.37 16.50
C ASP A 4 -3.86 -5.13 17.26
N ARG A 5 -4.47 -3.97 17.02
CA ARG A 5 -4.24 -2.62 17.59
C ARG A 5 -2.83 -2.04 17.37
N TYR A 6 -1.95 -2.83 16.75
CA TYR A 6 -0.64 -2.50 16.23
C TYR A 6 -0.68 -1.95 14.80
N ASP A 7 0.24 -1.06 14.46
CA ASP A 7 0.48 -0.62 13.08
C ASP A 7 1.59 -1.49 12.44
N PHE A 8 1.23 -2.28 11.43
CA PHE A 8 2.10 -3.22 10.72
C PHE A 8 2.01 -3.06 9.19
N GLU A 9 3.07 -3.50 8.50
CA GLU A 9 3.15 -3.56 7.04
C GLU A 9 2.19 -4.66 6.57
N VAL A 10 1.02 -4.24 6.06
CA VAL A 10 -0.13 -5.11 5.76
C VAL A 10 -0.69 -4.80 4.39
N VAL A 11 -0.50 -5.68 3.42
CA VAL A 11 -0.99 -5.44 2.05
C VAL A 11 -2.52 -5.64 2.02
N ARG A 12 -3.25 -4.53 2.07
CA ARG A 12 -4.71 -4.48 2.03
C ARG A 12 -5.15 -3.52 0.95
N CYS A 13 -5.32 -4.06 -0.25
CA CYS A 13 -5.93 -3.36 -1.39
C CYS A 13 -7.45 -3.61 -1.46
N ILE A 14 -8.18 -2.74 -2.19
CA ILE A 14 -9.60 -2.92 -2.58
C ILE A 14 -9.86 -4.25 -3.31
N CYS A 15 -8.77 -4.83 -3.80
CA CYS A 15 -8.72 -6.12 -4.48
C CYS A 15 -8.97 -7.29 -3.49
N GLU A 16 -8.89 -7.03 -2.17
CA GLU A 16 -8.93 -8.01 -1.06
C GLU A 16 -7.96 -9.17 -1.25
N VAL A 17 -6.80 -8.81 -1.79
CA VAL A 17 -5.65 -9.67 -2.05
C VAL A 17 -4.42 -9.05 -1.42
N GLN A 18 -3.59 -9.88 -0.81
CA GLN A 18 -2.25 -9.50 -0.33
C GLN A 18 -1.15 -9.61 -1.43
N GLU A 19 -1.54 -9.88 -2.68
CA GLU A 19 -0.68 -10.02 -3.87
C GLU A 19 0.10 -8.74 -4.12
N GLU A 20 1.30 -8.85 -4.67
CA GLU A 20 2.11 -7.75 -5.13
C GLU A 20 2.21 -7.69 -6.65
N ASN A 21 1.72 -6.56 -7.08
CA ASN A 21 1.84 -6.00 -8.43
C ASN A 21 3.26 -5.43 -8.68
N ASP A 22 3.47 -4.90 -9.89
CA ASP A 22 4.66 -4.12 -10.27
C ASP A 22 4.80 -2.78 -9.50
N PHE A 23 3.75 -2.31 -8.82
CA PHE A 23 3.83 -1.16 -7.91
C PHE A 23 2.96 -1.31 -6.65
N MET A 24 3.49 -0.95 -5.46
CA MET A 24 2.76 -0.82 -4.18
C MET A 24 3.15 0.42 -3.38
N ILE A 25 2.22 0.95 -2.57
CA ILE A 25 2.37 2.14 -1.70
C ILE A 25 1.86 1.81 -0.31
N GLN A 26 2.30 2.53 0.72
CA GLN A 26 1.84 2.35 2.11
C GLN A 26 0.98 3.51 2.58
N CYS A 27 -0.13 3.22 3.25
CA CYS A 27 -0.97 4.20 3.93
C CYS A 27 -0.23 4.85 5.08
N GLU A 28 -0.29 6.18 5.16
CA GLU A 28 0.35 6.92 6.25
C GLU A 28 -0.37 6.77 7.60
N GLU A 29 -1.65 6.34 7.59
CA GLU A 29 -2.49 6.29 8.80
C GLU A 29 -2.41 4.94 9.52
N CYS A 30 -2.63 3.86 8.78
CA CYS A 30 -2.63 2.49 9.31
C CYS A 30 -1.52 1.57 8.80
N GLN A 31 -0.60 2.08 7.99
CA GLN A 31 0.56 1.38 7.44
C GLN A 31 0.27 0.31 6.38
N CYS A 32 -0.97 0.15 5.93
CA CYS A 32 -1.26 -0.93 4.99
C CYS A 32 -0.79 -0.61 3.58
N TRP A 33 -0.43 -1.62 2.81
CA TRP A 33 0.11 -1.52 1.47
C TRP A 33 -0.91 -1.84 0.37
N GLN A 34 -0.86 -1.16 -0.77
CA GLN A 34 -1.83 -1.34 -1.85
C GLN A 34 -1.17 -1.22 -3.19
N HIS A 35 -1.80 -1.77 -4.22
CA HIS A 35 -1.36 -1.50 -5.58
C HIS A 35 -1.69 -0.07 -5.89
N GLY A 36 -0.70 0.77 -6.16
CA GLY A 36 -1.01 2.18 -6.39
C GLY A 36 -2.00 2.43 -7.50
N VAL A 37 -1.88 1.66 -8.58
CA VAL A 37 -2.75 1.78 -9.76
C VAL A 37 -4.24 1.47 -9.44
N CYS A 38 -4.50 0.69 -8.37
CA CYS A 38 -5.83 0.44 -7.82
C CYS A 38 -6.38 1.64 -7.01
N MET A 39 -5.47 2.39 -6.41
CA MET A 39 -5.70 3.53 -5.52
C MET A 39 -5.65 4.90 -6.23
N GLY A 40 -5.26 4.94 -7.52
CA GLY A 40 -5.09 6.14 -8.34
C GLY A 40 -3.76 6.84 -8.14
N LEU A 41 -2.72 6.09 -7.75
CA LEU A 41 -1.37 6.62 -7.55
C LEU A 41 -0.34 5.73 -8.28
N LEU A 42 0.77 6.31 -8.68
CA LEU A 42 1.92 5.75 -9.36
C LEU A 42 3.17 6.18 -8.61
N GLU A 43 4.32 5.56 -8.89
CA GLU A 43 5.61 6.03 -8.36
C GLU A 43 5.92 7.48 -8.73
N GLU A 44 5.34 8.01 -9.83
CA GLU A 44 5.42 9.45 -10.15
C GLU A 44 4.66 10.34 -9.17
N ASN A 45 3.49 9.90 -8.69
CA ASN A 45 2.57 10.73 -7.91
C ASN A 45 2.62 10.51 -6.39
N VAL A 46 3.48 9.63 -5.85
CA VAL A 46 3.43 9.21 -4.42
C VAL A 46 3.48 10.43 -3.50
N PRO A 47 2.38 10.69 -2.78
CA PRO A 47 2.30 11.82 -1.86
C PRO A 47 3.03 11.50 -0.56
N GLU A 48 3.24 12.53 0.27
CA GLU A 48 3.84 12.36 1.60
C GLU A 48 2.80 11.73 2.53
N LYS A 49 1.52 12.04 2.32
CA LYS A 49 0.39 11.45 3.04
C LYS A 49 -0.73 10.95 2.14
N TYR A 50 -0.53 9.74 1.63
CA TYR A 50 -1.62 9.01 0.98
C TYR A 50 -2.42 8.28 2.08
N THR A 51 -3.72 8.54 2.10
CA THR A 51 -4.72 7.84 2.89
C THR A 51 -5.40 6.74 2.08
N CYS A 52 -5.61 5.56 2.69
CA CYS A 52 -6.16 4.39 2.02
C CYS A 52 -7.66 4.36 2.22
N TYR A 53 -8.44 3.83 1.30
CA TYR A 53 -9.88 3.57 1.45
C TYR A 53 -10.36 3.00 2.80
N VAL A 54 -9.61 2.10 3.45
CA VAL A 54 -9.89 1.60 4.81
C VAL A 54 -9.89 2.74 5.86
N CYS A 55 -9.07 3.77 5.65
CA CYS A 55 -9.07 5.04 6.39
C CYS A 55 -9.93 6.13 5.70
N GLN A 56 -9.60 6.58 4.48
CA GLN A 56 -10.34 7.69 3.85
C GLN A 56 -11.66 7.34 3.15
N ASP A 57 -11.78 6.13 2.60
CA ASP A 57 -12.84 5.68 1.67
C ASP A 57 -12.85 6.51 0.36
N ALA B 1 4.40 8.54 2.41
CA ALA B 1 3.79 7.22 2.04
C ALA B 1 4.92 6.28 1.53
N ARG B 2 5.26 5.18 2.23
CA ARG B 2 6.33 4.23 1.81
C ARG B 2 6.02 3.62 0.45
N THR B 3 7.03 3.24 -0.34
CA THR B 3 6.88 2.63 -1.69
C THR B 3 7.97 1.60 -1.99
N MLY B 4 7.68 0.63 -2.90
CA MLY B 4 8.57 -0.52 -3.09
CB MLY B 4 8.10 -1.65 -2.14
CG MLY B 4 6.71 -2.24 -2.47
CD MLY B 4 6.17 -3.09 -1.30
CE MLY B 4 6.56 -4.58 -1.41
NZ MLY B 4 6.12 -5.36 -0.20
CH1 MLY B 4 4.63 -5.44 -0.08
CH2 MLY B 4 6.66 -6.74 -0.30
C MLY B 4 8.80 -1.02 -4.52
O MLY B 4 9.88 -1.57 -4.75
H MLY B 4 6.77 0.63 -3.34
HA MLY B 4 9.55 -0.18 -2.78
HB2 MLY B 4 8.84 -2.46 -2.14
HB3 MLY B 4 8.06 -1.25 -1.13
HG2 MLY B 4 6.02 -1.42 -2.65
HG3 MLY B 4 6.75 -2.84 -3.39
HD2 MLY B 4 6.53 -2.68 -0.35
HD3 MLY B 4 5.10 -3.00 -1.29
HE2 MLY B 4 6.12 -5.00 -2.32
HE3 MLY B 4 7.65 -4.64 -1.51
HH11 MLY B 4 4.35 -6.06 0.78
HH12 MLY B 4 4.18 -4.45 0.10
HH13 MLY B 4 4.17 -5.87 -0.97
HH21 MLY B 4 6.38 -7.33 0.58
HH22 MLY B 4 6.30 -7.26 -1.19
HH23 MLY B 4 7.76 -6.73 -0.34
HZ MLY B 4 6.51 -4.92 0.63
N GLN B 5 7.86 -0.88 -5.45
CA GLN B 5 7.99 -1.38 -6.84
C GLN B 5 8.34 -2.88 -6.98
N THR B 6 8.18 -3.68 -5.91
CA THR B 6 8.51 -5.12 -5.86
C THR B 6 9.96 -5.39 -6.31
N ALA B 7 10.92 -4.78 -5.61
CA ALA B 7 12.36 -4.90 -5.90
C ALA B 7 12.90 -6.34 -5.73
N ARG B 8 13.99 -6.66 -6.43
CA ARG B 8 14.59 -8.02 -6.49
C ARG B 8 15.28 -8.50 -5.21
N LYS B 9 15.62 -7.59 -4.29
CA LYS B 9 16.32 -7.90 -3.03
C LYS B 9 15.51 -8.82 -2.11
N SER B 10 16.19 -9.79 -1.49
CA SER B 10 15.60 -10.78 -0.56
C SER B 10 16.63 -11.30 0.45
N THR B 11 16.17 -11.89 1.56
CA THR B 11 17.01 -12.45 2.64
C THR B 11 17.71 -13.75 2.21
N NH2 B 12 17.02 -14.71 1.80
HN1 NH2 B 12 16.02 -14.63 1.75
HN2 NH2 B 12 17.48 -15.56 1.51
ZN ZN C . -5.15 3.20 6.09
ZN ZN D . -5.25 -3.91 -6.17
N GLY A 1 -5.42 -13.33 14.43
CA GLY A 1 -4.95 -12.82 15.75
C GLY A 1 -3.61 -12.10 15.67
N HIS A 2 -2.83 -12.10 16.75
CA HIS A 2 -1.47 -11.53 16.85
C HIS A 2 -1.39 -10.03 16.51
N MET A 3 -2.42 -9.25 16.87
CA MET A 3 -2.52 -7.81 16.56
C MET A 3 -1.50 -6.94 17.29
N ASP A 4 -1.18 -7.29 18.54
CA ASP A 4 -0.41 -6.45 19.48
C ASP A 4 -0.88 -4.99 19.60
N ARG A 5 -2.06 -4.69 19.05
CA ARG A 5 -2.67 -3.35 18.81
C ARG A 5 -1.82 -2.42 17.94
N TYR A 6 -0.77 -2.95 17.32
CA TYR A 6 0.24 -2.23 16.55
C TYR A 6 -0.12 -2.03 15.07
N ASP A 7 0.46 -0.99 14.48
CA ASP A 7 0.47 -0.71 13.04
C ASP A 7 1.66 -1.43 12.37
N PHE A 8 1.34 -2.39 11.51
CA PHE A 8 2.27 -3.23 10.75
C PHE A 8 2.10 -3.10 9.22
N GLU A 9 3.15 -3.50 8.48
CA GLU A 9 3.19 -3.58 7.02
C GLU A 9 2.22 -4.68 6.56
N VAL A 10 1.06 -4.26 6.05
CA VAL A 10 -0.11 -5.11 5.76
C VAL A 10 -0.69 -4.82 4.39
N VAL A 11 -0.51 -5.70 3.41
CA VAL A 11 -1.00 -5.44 2.05
C VAL A 11 -2.52 -5.63 2.01
N ARG A 12 -3.24 -4.52 2.06
CA ARG A 12 -4.71 -4.45 2.02
C ARG A 12 -5.14 -3.50 0.94
N CYS A 13 -5.31 -4.05 -0.26
CA CYS A 13 -5.91 -3.36 -1.41
C CYS A 13 -7.43 -3.58 -1.49
N ILE A 14 -8.16 -2.71 -2.21
CA ILE A 14 -9.58 -2.90 -2.59
C ILE A 14 -9.86 -4.22 -3.32
N CYS A 15 -8.77 -4.81 -3.81
CA CYS A 15 -8.73 -6.08 -4.49
C CYS A 15 -8.99 -7.26 -3.50
N GLU A 16 -8.89 -7.00 -2.18
CA GLU A 16 -8.95 -7.97 -1.07
C GLU A 16 -7.99 -9.15 -1.25
N VAL A 17 -6.82 -8.79 -1.80
CA VAL A 17 -5.68 -9.65 -2.06
C VAL A 17 -4.45 -9.03 -1.42
N GLN A 18 -3.62 -9.88 -0.82
CA GLN A 18 -2.28 -9.51 -0.33
C GLN A 18 -1.19 -9.64 -1.43
N GLU A 19 -1.58 -9.90 -2.69
CA GLU A 19 -0.73 -10.06 -3.87
C GLU A 19 0.04 -8.78 -4.15
N GLU A 20 1.24 -8.90 -4.72
CA GLU A 20 2.05 -7.81 -5.16
C GLU A 20 2.16 -7.69 -6.68
N ASN A 21 1.63 -6.56 -7.07
CA ASN A 21 1.77 -5.97 -8.39
C ASN A 21 3.19 -5.40 -8.50
N ASP A 22 3.56 -4.95 -9.69
CA ASP A 22 4.85 -4.31 -9.96
C ASP A 22 5.09 -3.04 -9.12
N PHE A 23 4.02 -2.28 -8.80
CA PHE A 23 4.02 -1.15 -7.89
C PHE A 23 3.11 -1.31 -6.66
N MET A 24 3.60 -0.95 -5.45
CA MET A 24 2.81 -0.83 -4.20
C MET A 24 3.19 0.42 -3.38
N ILE A 25 2.23 0.93 -2.59
CA ILE A 25 2.39 2.14 -1.71
C ILE A 25 1.87 1.81 -0.33
N GLN A 26 2.30 2.52 0.71
CA GLN A 26 1.86 2.33 2.08
C GLN A 26 0.98 3.50 2.55
N CYS A 27 -0.12 3.20 3.24
CA CYS A 27 -0.97 4.18 3.91
C CYS A 27 -0.23 4.83 5.06
N GLU A 28 -0.29 6.14 5.15
CA GLU A 28 0.35 6.90 6.24
C GLU A 28 -0.38 6.74 7.59
N GLU A 29 -1.65 6.31 7.59
CA GLU A 29 -2.48 6.25 8.80
C GLU A 29 -2.41 4.91 9.52
N CYS A 30 -2.63 3.82 8.78
CA CYS A 30 -2.64 2.46 9.30
C CYS A 30 -1.53 1.53 8.79
N GLN A 31 -0.59 2.06 7.98
CA GLN A 31 0.56 1.36 7.41
C GLN A 31 0.27 0.30 6.35
N CYS A 32 -0.97 0.14 5.91
CA CYS A 32 -1.27 -0.94 4.97
C CYS A 32 -0.78 -0.63 3.56
N TRP A 33 -0.43 -1.64 2.79
CA TRP A 33 0.12 -1.54 1.45
C TRP A 33 -0.89 -1.86 0.35
N GLN A 34 -0.83 -1.17 -0.80
CA GLN A 34 -1.80 -1.35 -1.89
C GLN A 34 -1.11 -1.24 -3.22
N HIS A 35 -1.75 -1.77 -4.26
CA HIS A 35 -1.30 -1.52 -5.61
C HIS A 35 -1.66 -0.08 -5.92
N GLY A 36 -0.67 0.77 -6.19
CA GLY A 36 -1.00 2.17 -6.41
C GLY A 36 -1.99 2.41 -7.54
N VAL A 37 -1.91 1.61 -8.60
CA VAL A 37 -2.77 1.75 -9.78
C VAL A 37 -4.25 1.42 -9.49
N CYS A 38 -4.51 0.71 -8.37
CA CYS A 38 -5.85 0.47 -7.82
C CYS A 38 -6.39 1.65 -7.01
N MET A 39 -5.47 2.41 -6.40
CA MET A 39 -5.70 3.54 -5.52
C MET A 39 -5.64 4.91 -6.24
N GLY A 40 -5.26 4.94 -7.53
CA GLY A 40 -5.10 6.14 -8.34
C GLY A 40 -3.76 6.86 -8.15
N LEU A 41 -2.73 6.11 -7.75
CA LEU A 41 -1.37 6.62 -7.55
C LEU A 41 -0.34 5.74 -8.29
N LEU A 42 0.76 6.34 -8.69
CA LEU A 42 1.91 5.77 -9.39
C LEU A 42 3.16 6.22 -8.64
N GLU A 43 4.31 5.61 -8.93
CA GLU A 43 5.60 6.09 -8.41
C GLU A 43 5.90 7.56 -8.79
N GLU A 44 5.30 8.07 -9.88
CA GLU A 44 5.37 9.51 -10.20
C GLU A 44 4.60 10.40 -9.20
N ASN A 45 3.44 9.93 -8.71
CA ASN A 45 2.53 10.76 -7.91
C ASN A 45 2.59 10.52 -6.39
N VAL A 46 3.45 9.64 -5.86
CA VAL A 46 3.41 9.21 -4.44
C VAL A 46 3.45 10.43 -3.51
N PRO A 47 2.36 10.69 -2.78
CA PRO A 47 2.28 11.81 -1.87
C PRO A 47 3.01 11.51 -0.56
N GLU A 48 3.22 12.54 0.25
CA GLU A 48 3.81 12.38 1.59
C GLU A 48 2.78 11.75 2.54
N LYS A 49 1.49 12.05 2.33
CA LYS A 49 0.37 11.46 3.04
C LYS A 49 -0.75 10.94 2.16
N TYR A 50 -0.53 9.75 1.63
CA TYR A 50 -1.62 9.01 0.99
C TYR A 50 -2.40 8.26 2.09
N THR A 51 -3.70 8.51 2.13
CA THR A 51 -4.69 7.78 2.93
C THR A 51 -5.35 6.71 2.09
N CYS A 52 -5.59 5.53 2.68
CA CYS A 52 -6.17 4.36 2.01
C CYS A 52 -7.66 4.33 2.20
N TYR A 53 -8.47 3.86 1.26
CA TYR A 53 -9.90 3.58 1.41
C TYR A 53 -10.37 3.01 2.78
N VAL A 54 -9.62 2.12 3.43
CA VAL A 54 -9.91 1.63 4.80
C VAL A 54 -9.88 2.77 5.84
N CYS A 55 -9.08 3.82 5.62
CA CYS A 55 -9.05 5.09 6.34
C CYS A 55 -9.86 6.21 5.66
N GLN A 56 -9.52 6.64 4.42
CA GLN A 56 -10.23 7.74 3.75
C GLN A 56 -11.63 7.40 3.23
N ASP A 57 -11.83 6.19 2.71
CA ASP A 57 -13.04 5.70 2.00
C ASP A 57 -13.38 6.50 0.71
N ALA B 1 4.39 8.56 2.39
CA ALA B 1 3.79 7.23 2.04
C ALA B 1 4.92 6.30 1.55
N ARG B 2 5.25 5.20 2.26
CA ARG B 2 6.34 4.25 1.86
C ARG B 2 6.03 3.63 0.48
N THR B 3 7.05 3.26 -0.29
CA THR B 3 6.89 2.65 -1.63
C THR B 3 7.94 1.59 -1.96
N MLY B 4 7.54 0.65 -2.83
CA MLY B 4 8.32 -0.52 -3.24
CB MLY B 4 8.05 -1.68 -2.25
CG MLY B 4 6.65 -2.29 -2.44
CD MLY B 4 6.16 -3.09 -1.21
CE MLY B 4 6.71 -4.53 -1.15
NZ MLY B 4 6.14 -5.37 -0.06
CH1 MLY B 4 6.41 -4.81 1.31
CH2 MLY B 4 4.67 -5.61 -0.21
C MLY B 4 7.98 -0.89 -4.68
O MLY B 4 6.93 -0.51 -5.20
H MLY B 4 6.61 0.71 -3.21
HA MLY B 4 9.38 -0.25 -3.20
HB2 MLY B 4 8.79 -2.47 -2.39
HB3 MLY B 4 8.13 -1.31 -1.23
HG2 MLY B 4 5.97 -1.46 -2.61
HG3 MLY B 4 6.64 -2.92 -3.33
HD2 MLY B 4 6.43 -2.55 -0.30
HD3 MLY B 4 5.07 -3.13 -1.26
HE2 MLY B 4 6.53 -5.02 -2.11
HE3 MLY B 4 7.80 -4.47 -1.03
HH11 MLY B 4 7.47 -4.61 1.42
HH12 MLY B 4 5.86 -3.88 1.47
HH13 MLY B 4 6.12 -5.53 2.07
HH21 MLY B 4 4.33 -6.39 0.47
HH22 MLY B 4 4.08 -4.71 -0.01
HH23 MLY B 4 4.43 -5.94 -1.22
HZ MLY B 4 6.61 -6.29 -0.11
N GLN B 5 8.86 -1.68 -5.31
CA GLN B 5 8.67 -2.23 -6.66
C GLN B 5 9.04 -3.71 -6.70
N THR B 6 8.18 -4.54 -7.32
CA THR B 6 8.36 -6.00 -7.39
C THR B 6 9.20 -6.39 -8.61
N ALA B 7 10.36 -7.03 -8.40
CA ALA B 7 11.18 -7.61 -9.47
C ALA B 7 10.55 -8.89 -10.06
N ARG B 8 10.80 -9.16 -11.35
CA ARG B 8 10.28 -10.31 -12.11
C ARG B 8 11.39 -11.13 -12.76
N LYS B 9 11.08 -12.38 -13.13
CA LYS B 9 11.98 -13.35 -13.79
C LYS B 9 13.28 -13.63 -13.00
N SER B 10 13.20 -13.61 -11.67
CA SER B 10 14.33 -13.89 -10.76
C SER B 10 14.73 -15.37 -10.78
N THR B 11 16.01 -15.66 -10.47
CA THR B 11 16.60 -17.02 -10.46
C THR B 11 16.04 -17.92 -9.35
N NH2 B 12 16.00 -17.51 -8.17
HN1 NH2 B 12 16.32 -16.59 -7.94
HN2 NH2 B 12 15.64 -18.12 -7.44
ZN ZN C . -5.16 3.17 6.06
ZN ZN D . -5.24 -3.90 -6.19
N GLY A 1 -5.22 -12.48 20.15
CA GLY A 1 -5.46 -11.74 18.88
C GLY A 1 -4.17 -11.28 18.23
N HIS A 2 -4.08 -11.37 16.90
CA HIS A 2 -2.86 -11.07 16.11
C HIS A 2 -2.53 -9.57 15.98
N MET A 3 -3.52 -8.69 16.16
CA MET A 3 -3.41 -7.24 15.94
C MET A 3 -2.45 -6.51 16.88
N ASP A 4 -2.33 -6.95 18.14
CA ASP A 4 -1.63 -6.22 19.21
C ASP A 4 -2.04 -4.74 19.36
N ARG A 5 -3.16 -4.37 18.72
CA ARG A 5 -3.68 -2.99 18.49
C ARG A 5 -2.72 -2.07 17.71
N TYR A 6 -1.65 -2.63 17.16
CA TYR A 6 -0.56 -1.95 16.46
C TYR A 6 -0.82 -1.77 14.95
N ASP A 7 -0.17 -0.76 14.37
CA ASP A 7 -0.10 -0.55 12.92
C ASP A 7 1.14 -1.25 12.33
N PHE A 8 0.91 -2.26 11.49
CA PHE A 8 1.93 -3.07 10.82
C PHE A 8 1.84 -2.99 9.28
N GLU A 9 2.91 -3.38 8.59
CA GLU A 9 2.95 -3.58 7.14
C GLU A 9 1.98 -4.69 6.74
N VAL A 10 0.89 -4.28 6.11
CA VAL A 10 -0.23 -5.16 5.78
C VAL A 10 -0.74 -4.84 4.39
N VAL A 11 -0.52 -5.71 3.41
CA VAL A 11 -0.97 -5.44 2.04
C VAL A 11 -2.50 -5.63 1.99
N ARG A 12 -3.22 -4.51 2.07
CA ARG A 12 -4.69 -4.46 2.03
C ARG A 12 -5.12 -3.49 0.94
N CYS A 13 -5.29 -4.03 -0.25
CA CYS A 13 -5.90 -3.33 -1.39
C CYS A 13 -7.42 -3.58 -1.47
N ILE A 14 -8.15 -2.71 -2.17
CA ILE A 14 -9.58 -2.90 -2.55
C ILE A 14 -9.85 -4.22 -3.29
N CYS A 15 -8.76 -4.80 -3.79
CA CYS A 15 -8.72 -6.08 -4.47
C CYS A 15 -8.97 -7.25 -3.49
N GLU A 16 -8.88 -7.00 -2.16
CA GLU A 16 -8.93 -7.98 -1.06
C GLU A 16 -7.96 -9.15 -1.25
N VAL A 17 -6.79 -8.79 -1.79
CA VAL A 17 -5.65 -9.64 -2.07
C VAL A 17 -4.41 -9.03 -1.43
N GLN A 18 -3.58 -9.88 -0.82
CA GLN A 18 -2.24 -9.51 -0.34
C GLN A 18 -1.14 -9.63 -1.45
N GLU A 19 -1.54 -9.87 -2.70
CA GLU A 19 -0.69 -10.03 -3.88
C GLU A 19 0.09 -8.74 -4.15
N GLU A 20 1.27 -8.86 -4.74
CA GLU A 20 2.07 -7.76 -5.20
C GLU A 20 2.12 -7.67 -6.73
N ASN A 21 1.59 -6.55 -7.13
CA ASN A 21 1.66 -5.97 -8.47
C ASN A 21 3.08 -5.39 -8.71
N ASP A 22 3.32 -4.89 -9.92
CA ASP A 22 4.55 -4.18 -10.31
C ASP A 22 4.84 -2.92 -9.45
N PHE A 23 3.80 -2.32 -8.84
CA PHE A 23 3.90 -1.17 -7.93
C PHE A 23 3.03 -1.32 -6.65
N MET A 24 3.55 -0.94 -5.47
CA MET A 24 2.80 -0.81 -4.20
C MET A 24 3.18 0.45 -3.39
N ILE A 25 2.25 0.96 -2.59
CA ILE A 25 2.40 2.16 -1.70
C ILE A 25 1.90 1.82 -0.31
N GLN A 26 2.33 2.55 0.71
CA GLN A 26 1.87 2.36 2.10
C GLN A 26 0.99 3.53 2.56
N CYS A 27 -0.10 3.22 3.25
CA CYS A 27 -0.96 4.19 3.91
C CYS A 27 -0.23 4.85 5.06
N GLU A 28 -0.29 6.18 5.12
CA GLU A 28 0.36 6.93 6.20
C GLU A 28 -0.37 6.78 7.57
N GLU A 29 -1.63 6.33 7.57
CA GLU A 29 -2.46 6.27 8.78
C GLU A 29 -2.38 4.94 9.51
N CYS A 30 -2.60 3.84 8.76
CA CYS A 30 -2.61 2.49 9.29
C CYS A 30 -1.50 1.55 8.78
N GLN A 31 -0.57 2.09 7.98
CA GLN A 31 0.61 1.39 7.43
C GLN A 31 0.34 0.31 6.38
N CYS A 32 -0.90 0.13 5.94
CA CYS A 32 -1.19 -0.95 5.00
C CYS A 32 -0.72 -0.62 3.59
N TRP A 33 -0.38 -1.65 2.82
CA TRP A 33 0.17 -1.54 1.48
C TRP A 33 -0.85 -1.85 0.37
N GLN A 34 -0.80 -1.16 -0.76
CA GLN A 34 -1.78 -1.35 -1.84
C GLN A 34 -1.11 -1.24 -3.17
N HIS A 35 -1.76 -1.76 -4.21
CA HIS A 35 -1.31 -1.50 -5.57
C HIS A 35 -1.66 -0.06 -5.86
N GLY A 36 -0.67 0.77 -6.16
CA GLY A 36 -0.99 2.18 -6.40
C GLY A 36 -1.98 2.41 -7.51
N VAL A 37 -1.93 1.59 -8.56
CA VAL A 37 -2.79 1.75 -9.75
C VAL A 37 -4.27 1.45 -9.43
N CYS A 38 -4.54 0.74 -8.32
CA CYS A 38 -5.87 0.49 -7.77
C CYS A 38 -6.40 1.68 -6.94
N MET A 39 -5.46 2.44 -6.37
CA MET A 39 -5.67 3.58 -5.47
C MET A 39 -5.60 4.95 -6.20
N GLY A 40 -5.22 4.97 -7.50
CA GLY A 40 -5.06 6.16 -8.33
C GLY A 40 -3.69 6.84 -8.22
N LEU A 41 -2.65 6.09 -7.82
CA LEU A 41 -1.30 6.60 -7.60
C LEU A 41 -0.28 5.70 -8.34
N LEU A 42 0.85 6.27 -8.73
CA LEU A 42 2.02 5.70 -9.40
C LEU A 42 3.24 6.13 -8.59
N GLU A 43 4.40 5.54 -8.86
CA GLU A 43 5.67 6.00 -8.28
C GLU A 43 5.96 7.49 -8.61
N GLU A 44 5.43 8.01 -9.72
CA GLU A 44 5.51 9.45 -10.02
C GLU A 44 4.68 10.34 -9.08
N ASN A 45 3.49 9.87 -8.69
CA ASN A 45 2.52 10.69 -7.96
C ASN A 45 2.56 10.50 -6.42
N VAL A 46 3.43 9.64 -5.87
CA VAL A 46 3.40 9.23 -4.44
C VAL A 46 3.41 10.48 -3.54
N PRO A 47 2.31 10.73 -2.82
CA PRO A 47 2.22 11.85 -1.91
C PRO A 47 2.95 11.56 -0.59
N GLU A 48 3.16 12.59 0.21
CA GLU A 48 3.75 12.43 1.55
C GLU A 48 2.72 11.82 2.50
N LYS A 49 1.43 12.08 2.28
CA LYS A 49 0.32 11.49 3.00
C LYS A 49 -0.80 10.97 2.11
N TYR A 50 -0.58 9.77 1.58
CA TYR A 50 -1.66 9.01 0.95
C TYR A 50 -2.43 8.27 2.06
N THR A 51 -3.74 8.52 2.09
CA THR A 51 -4.73 7.81 2.89
C THR A 51 -5.40 6.70 2.08
N CYS A 52 -5.60 5.53 2.70
CA CYS A 52 -6.17 4.35 2.04
C CYS A 52 -7.66 4.32 2.24
N TYR A 53 -8.44 3.81 1.31
CA TYR A 53 -9.87 3.54 1.48
C TYR A 53 -10.35 2.96 2.83
N VAL A 54 -9.60 2.06 3.48
CA VAL A 54 -9.88 1.57 4.85
C VAL A 54 -9.86 2.71 5.89
N CYS A 55 -9.06 3.76 5.67
CA CYS A 55 -9.04 5.01 6.40
C CYS A 55 -9.92 6.10 5.72
N GLN A 56 -9.60 6.55 4.49
CA GLN A 56 -10.34 7.65 3.87
C GLN A 56 -11.67 7.29 3.17
N ASP A 57 -11.77 6.08 2.61
CA ASP A 57 -12.84 5.62 1.69
C ASP A 57 -12.84 6.45 0.38
N ALA B 1 4.33 8.69 2.32
CA ALA B 1 3.76 7.34 2.01
C ALA B 1 4.91 6.43 1.51
N ARG B 2 5.23 5.32 2.20
CA ARG B 2 6.32 4.39 1.79
C ARG B 2 6.01 3.77 0.42
N THR B 3 7.03 3.38 -0.34
CA THR B 3 6.90 2.74 -1.67
C THR B 3 8.02 1.74 -1.94
N MLY B 4 7.73 0.73 -2.78
CA MLY B 4 8.63 -0.42 -2.95
CB MLY B 4 8.14 -1.58 -2.06
CG MLY B 4 6.78 -2.17 -2.43
CD MLY B 4 6.22 -3.03 -1.27
CE MLY B 4 6.63 -4.52 -1.36
NZ MLY B 4 6.16 -5.31 -0.17
CH1 MLY B 4 4.67 -5.43 -0.09
CH2 MLY B 4 6.74 -6.68 -0.24
C MLY B 4 8.94 -0.85 -4.38
O MLY B 4 10.05 -1.30 -4.63
H MLY B 4 6.82 0.68 -3.21
HA MLY B 4 9.60 -0.09 -2.59
HB2 MLY B 4 8.89 -2.39 -2.07
HB3 MLY B 4 8.09 -1.21 -1.03
HG2 MLY B 4 6.08 -1.36 -2.61
HG3 MLY B 4 6.85 -2.76 -3.34
HD2 MLY B 4 6.53 -2.62 -0.31
HD3 MLY B 4 5.13 -2.97 -1.28
HE2 MLY B 4 6.24 -4.95 -2.27
HE3 MLY B 4 7.72 -4.56 -1.42
HH11 MLY B 4 4.37 -6.04 0.77
HH12 MLY B 4 4.20 -4.44 0.05
HH13 MLY B 4 4.26 -5.88 -0.99
HH21 MLY B 4 6.44 -7.27 0.63
HH22 MLY B 4 6.40 -7.21 -1.15
HH23 MLY B 4 7.84 -6.64 -0.26
HZ MLY B 4 6.51 -4.86 0.67
N GLN B 5 8.00 -0.68 -5.33
CA GLN B 5 8.23 -0.94 -6.77
C GLN B 5 8.77 -2.35 -7.11
N THR B 6 8.59 -3.33 -6.21
CA THR B 6 9.18 -4.69 -6.24
C THR B 6 10.71 -4.75 -6.45
N ALA B 7 11.42 -3.65 -6.19
CA ALA B 7 12.85 -3.43 -6.48
C ALA B 7 13.26 -3.67 -7.95
N ARG B 8 12.31 -3.66 -8.89
CA ARG B 8 12.52 -3.94 -10.33
C ARG B 8 13.43 -2.87 -10.99
N LYS B 9 14.35 -3.35 -11.85
CA LYS B 9 15.27 -2.53 -12.67
C LYS B 9 14.56 -1.92 -13.89
N SER B 10 15.31 -1.42 -14.87
CA SER B 10 14.80 -0.94 -16.16
C SER B 10 14.19 -2.06 -17.03
N THR B 11 14.59 -3.32 -16.81
CA THR B 11 14.05 -4.54 -17.46
C THR B 11 12.65 -4.91 -16.97
N NH2 B 12 12.45 -5.13 -15.76
HN1 NH2 B 12 13.21 -5.06 -15.10
HN2 NH2 B 12 11.53 -5.38 -15.43
ZN ZN C . -5.14 3.16 6.09
ZN ZN D . -5.25 -3.88 -6.17
N GLY A 1 -12.62 -10.00 13.76
CA GLY A 1 -11.94 -8.91 14.49
C GLY A 1 -10.44 -8.90 14.21
N HIS A 2 -9.64 -9.38 15.17
CA HIS A 2 -8.20 -9.66 15.04
C HIS A 2 -7.32 -8.45 14.64
N MET A 3 -7.73 -7.23 15.06
CA MET A 3 -7.01 -5.98 14.75
C MET A 3 -5.62 -5.88 15.42
N ASP A 4 -5.51 -6.43 16.62
CA ASP A 4 -4.40 -6.31 17.58
C ASP A 4 -3.89 -4.89 17.90
N ARG A 5 -4.64 -3.88 17.47
CA ARG A 5 -4.49 -2.42 17.74
C ARG A 5 -3.15 -1.80 17.30
N TYR A 6 -2.27 -2.62 16.77
CA TYR A 6 -0.97 -2.28 16.21
C TYR A 6 -1.02 -1.87 14.73
N ASP A 7 -0.14 -0.96 14.34
CA ASP A 7 0.12 -0.60 12.93
C ASP A 7 1.26 -1.46 12.38
N PHE A 8 0.96 -2.33 11.40
CA PHE A 8 1.87 -3.27 10.76
C PHE A 8 1.84 -3.17 9.24
N GLU A 9 2.92 -3.62 8.59
CA GLU A 9 3.06 -3.72 7.13
C GLU A 9 2.06 -4.79 6.64
N VAL A 10 0.93 -4.34 6.06
CA VAL A 10 -0.23 -5.17 5.73
C VAL A 10 -0.74 -4.84 4.36
N VAL A 11 -0.56 -5.72 3.37
CA VAL A 11 -1.03 -5.45 2.01
C VAL A 11 -2.55 -5.63 1.98
N ARG A 12 -3.28 -4.52 2.05
CA ARG A 12 -4.74 -4.45 2.00
C ARG A 12 -5.17 -3.50 0.91
N CYS A 13 -5.33 -4.04 -0.28
CA CYS A 13 -5.92 -3.34 -1.43
C CYS A 13 -7.44 -3.58 -1.51
N ILE A 14 -8.17 -2.71 -2.23
CA ILE A 14 -9.59 -2.89 -2.61
C ILE A 14 -9.86 -4.22 -3.36
N CYS A 15 -8.77 -4.80 -3.84
CA CYS A 15 -8.73 -6.08 -4.51
C CYS A 15 -9.00 -7.25 -3.52
N GLU A 16 -8.91 -7.00 -2.20
CA GLU A 16 -8.98 -7.98 -1.09
C GLU A 16 -8.03 -9.16 -1.28
N VAL A 17 -6.86 -8.81 -1.81
CA VAL A 17 -5.72 -9.66 -2.08
C VAL A 17 -4.49 -9.04 -1.43
N GLN A 18 -3.65 -9.89 -0.84
CA GLN A 18 -2.32 -9.51 -0.35
C GLN A 18 -1.22 -9.62 -1.45
N GLU A 19 -1.61 -9.87 -2.72
CA GLU A 19 -0.73 -10.00 -3.88
C GLU A 19 0.11 -8.73 -4.08
N GLU A 20 1.32 -8.87 -4.59
CA GLU A 20 2.19 -7.79 -5.00
C GLU A 20 2.34 -7.73 -6.52
N ASN A 21 1.85 -6.60 -6.96
CA ASN A 21 1.97 -5.98 -8.28
C ASN A 21 3.40 -5.39 -8.44
N ASP A 22 3.70 -4.90 -9.65
CA ASP A 22 4.91 -4.14 -9.98
C ASP A 22 5.09 -2.85 -9.16
N PHE A 23 3.98 -2.23 -8.73
CA PHE A 23 3.95 -1.07 -7.85
C PHE A 23 3.08 -1.23 -6.60
N MET A 24 3.60 -0.89 -5.40
CA MET A 24 2.84 -0.79 -4.13
C MET A 24 3.20 0.46 -3.32
N ILE A 25 2.25 1.00 -2.56
CA ILE A 25 2.39 2.21 -1.70
C ILE A 25 1.93 1.86 -0.29
N GLN A 26 2.38 2.58 0.74
CA GLN A 26 1.94 2.34 2.12
C GLN A 26 1.05 3.49 2.61
N CYS A 27 -0.06 3.16 3.27
CA CYS A 27 -0.92 4.14 3.92
C CYS A 27 -0.19 4.79 5.08
N GLU A 28 -0.24 6.11 5.15
CA GLU A 28 0.40 6.86 6.24
C GLU A 28 -0.33 6.70 7.59
N GLU A 29 -1.60 6.30 7.57
CA GLU A 29 -2.45 6.25 8.78
C GLU A 29 -2.39 4.91 9.51
N CYS A 30 -2.63 3.82 8.76
CA CYS A 30 -2.65 2.46 9.29
C CYS A 30 -1.55 1.52 8.78
N GLN A 31 -0.61 2.03 7.98
CA GLN A 31 0.54 1.31 7.42
C GLN A 31 0.24 0.26 6.35
N CYS A 32 -0.99 0.11 5.90
CA CYS A 32 -1.29 -0.96 4.96
C CYS A 32 -0.79 -0.64 3.57
N TRP A 33 -0.40 -1.65 2.80
CA TRP A 33 0.13 -1.53 1.44
C TRP A 33 -0.88 -1.82 0.36
N GLN A 34 -0.82 -1.13 -0.78
CA GLN A 34 -1.80 -1.32 -1.85
C GLN A 34 -1.11 -1.22 -3.18
N HIS A 35 -1.75 -1.76 -4.21
CA HIS A 35 -1.29 -1.51 -5.57
C HIS A 35 -1.66 -0.08 -5.89
N GLY A 36 -0.69 0.76 -6.18
CA GLY A 36 -1.02 2.16 -6.42
C GLY A 36 -2.01 2.39 -7.54
N VAL A 37 -1.93 1.58 -8.60
CA VAL A 37 -2.78 1.73 -9.80
C VAL A 37 -4.27 1.41 -9.49
N CYS A 38 -4.53 0.69 -8.39
CA CYS A 38 -5.86 0.42 -7.83
C CYS A 38 -6.41 1.61 -7.02
N MET A 39 -5.50 2.38 -6.42
CA MET A 39 -5.73 3.52 -5.54
C MET A 39 -5.69 4.87 -6.27
N GLY A 40 -5.30 4.89 -7.56
CA GLY A 40 -5.14 6.09 -8.40
C GLY A 40 -3.83 6.81 -8.21
N LEU A 41 -2.79 6.08 -7.80
CA LEU A 41 -1.44 6.61 -7.57
C LEU A 41 -0.40 5.73 -8.29
N LEU A 42 0.71 6.33 -8.70
CA LEU A 42 1.85 5.77 -9.39
C LEU A 42 3.10 6.22 -8.65
N GLU A 43 4.26 5.63 -8.95
CA GLU A 43 5.54 6.12 -8.43
C GLU A 43 5.83 7.58 -8.82
N GLU A 44 5.22 8.09 -9.90
CA GLU A 44 5.26 9.53 -10.23
C GLU A 44 4.49 10.42 -9.24
N ASN A 45 3.33 9.96 -8.76
CA ASN A 45 2.40 10.78 -7.98
C ASN A 45 2.47 10.57 -6.45
N VAL A 46 3.34 9.70 -5.92
CA VAL A 46 3.33 9.28 -4.50
C VAL A 46 3.38 10.50 -3.58
N PRO A 47 2.27 10.75 -2.84
CA PRO A 47 2.22 11.83 -1.87
C PRO A 47 2.97 11.44 -0.59
N GLU A 48 3.28 12.45 0.22
CA GLU A 48 3.91 12.29 1.52
C GLU A 48 2.92 11.61 2.47
N LYS A 49 1.63 11.94 2.32
CA LYS A 49 0.53 11.36 3.07
C LYS A 49 -0.63 10.88 2.21
N TYR A 50 -0.45 9.69 1.65
CA TYR A 50 -1.58 8.99 1.02
C TYR A 50 -2.36 8.25 2.10
N THR A 51 -3.66 8.52 2.15
CA THR A 51 -4.65 7.79 2.95
C THR A 51 -5.32 6.71 2.09
N CYS A 52 -5.54 5.54 2.69
CA CYS A 52 -6.13 4.38 2.00
C CYS A 52 -7.63 4.36 2.19
N TYR A 53 -8.43 3.88 1.26
CA TYR A 53 -9.87 3.60 1.41
C TYR A 53 -10.34 3.04 2.78
N VAL A 54 -9.59 2.14 3.44
CA VAL A 54 -9.88 1.65 4.79
C VAL A 54 -9.86 2.80 5.83
N CYS A 55 -9.05 3.85 5.61
CA CYS A 55 -9.02 5.11 6.33
C CYS A 55 -9.83 6.24 5.64
N GLN A 56 -9.48 6.66 4.41
CA GLN A 56 -10.19 7.76 3.75
C GLN A 56 -11.59 7.42 3.21
N ASP A 57 -11.78 6.20 2.69
CA ASP A 57 -12.99 5.73 1.97
C ASP A 57 -13.32 6.54 0.69
N ALA B 1 4.54 8.30 2.19
CA ALA B 1 3.78 7.03 1.92
C ALA B 1 4.70 5.82 1.50
N ARG B 2 5.98 5.76 1.94
CA ARG B 2 7.01 4.72 1.73
C ARG B 2 7.41 4.35 0.29
N THR B 3 6.52 3.61 -0.40
CA THR B 3 6.70 2.93 -1.71
C THR B 3 7.85 1.94 -1.86
N MLY B 4 7.70 0.99 -2.81
CA MLY B 4 8.65 -0.12 -2.95
CB MLY B 4 8.20 -1.28 -2.03
CG MLY B 4 7.03 -2.13 -2.50
CD MLY B 4 6.62 -3.08 -1.35
CE MLY B 4 6.16 -4.46 -1.86
NZ MLY B 4 5.81 -5.46 -0.78
CH1 MLY B 4 6.92 -5.68 0.18
CH2 MLY B 4 4.56 -5.11 -0.04
C MLY B 4 9.00 -0.59 -4.36
O MLY B 4 10.13 -1.03 -4.56
H MLY B 4 6.86 0.97 -3.37
HA MLY B 4 9.59 0.28 -2.58
HB2 MLY B 4 9.06 -1.93 -1.88
HB3 MLY B 4 7.93 -0.86 -1.05
HG2 MLY B 4 6.18 -1.51 -2.79
HG3 MLY B 4 7.33 -2.72 -3.38
HD2 MLY B 4 7.48 -3.21 -0.68
HD3 MLY B 4 5.82 -2.59 -0.77
HE2 MLY B 4 5.30 -4.35 -2.53
HE3 MLY B 4 6.96 -4.89 -2.46
HH11 MLY B 4 7.86 -5.86 -0.35
HH12 MLY B 4 7.05 -4.83 0.85
HH13 MLY B 4 6.71 -6.57 0.79
HH21 MLY B 4 4.32 -5.89 0.68
HH22 MLY B 4 4.67 -4.17 0.50
HH23 MLY B 4 3.70 -5.03 -0.72
HZ MLY B 4 5.66 -6.36 -1.27
N GLN B 5 8.09 -0.46 -5.34
CA GLN B 5 8.36 -0.74 -6.77
C GLN B 5 9.11 -2.08 -7.05
N THR B 6 8.66 -3.17 -6.43
CA THR B 6 9.35 -4.48 -6.53
C THR B 6 9.40 -5.03 -7.97
N ALA B 7 10.57 -5.48 -8.42
CA ALA B 7 10.78 -6.01 -9.77
C ALA B 7 10.29 -7.47 -9.94
N ARG B 8 10.42 -8.29 -8.88
CA ARG B 8 10.02 -9.72 -8.84
C ARG B 8 9.89 -10.21 -7.39
N LYS B 9 8.93 -11.09 -7.13
CA LYS B 9 8.80 -11.84 -5.86
C LYS B 9 9.91 -12.89 -5.72
N SER B 10 9.95 -13.59 -4.58
CA SER B 10 10.84 -14.74 -4.33
C SER B 10 10.69 -15.84 -5.40
N THR B 11 11.74 -16.65 -5.57
CA THR B 11 11.96 -17.63 -6.66
C THR B 11 10.69 -18.35 -7.13
N NH2 B 12 10.22 -18.03 -8.25
HN1 NH2 B 12 10.69 -17.32 -8.80
HN2 NH2 B 12 9.39 -18.48 -8.60
ZN ZN C . -5.14 3.18 6.05
ZN ZN D . -5.23 -3.91 -6.20
N GLY A 1 -3.73 -15.62 17.27
CA GLY A 1 -3.30 -14.82 18.45
C GLY A 1 -2.11 -13.91 18.13
N HIS A 2 -1.46 -13.36 19.17
CA HIS A 2 -0.26 -12.50 19.10
C HIS A 2 -0.40 -11.25 18.21
N MET A 3 -1.59 -10.65 18.17
CA MET A 3 -1.91 -9.49 17.32
C MET A 3 -1.13 -8.21 17.66
N ASP A 4 -0.87 -8.02 18.95
CA ASP A 4 -0.26 -6.84 19.59
C ASP A 4 -0.87 -5.46 19.25
N ARG A 5 -2.02 -5.45 18.59
CA ARG A 5 -2.85 -4.28 18.22
C ARG A 5 -2.11 -3.15 17.47
N TYR A 6 -0.92 -3.46 16.96
CA TYR A 6 0.03 -2.52 16.37
C TYR A 6 -0.22 -2.25 14.87
N ASP A 7 0.31 -1.12 14.39
CA ASP A 7 0.36 -0.81 12.96
C ASP A 7 1.54 -1.56 12.30
N PHE A 8 1.23 -2.50 11.40
CA PHE A 8 2.17 -3.34 10.67
C PHE A 8 2.04 -3.18 9.15
N GLU A 9 3.10 -3.59 8.44
CA GLU A 9 3.16 -3.63 6.97
C GLU A 9 2.18 -4.73 6.49
N VAL A 10 1.01 -4.29 6.00
CA VAL A 10 -0.15 -5.15 5.71
C VAL A 10 -0.71 -4.82 4.34
N VAL A 11 -0.54 -5.70 3.37
CA VAL A 11 -1.05 -5.44 2.01
C VAL A 11 -2.57 -5.60 2.01
N ARG A 12 -3.28 -4.48 2.03
CA ARG A 12 -4.75 -4.41 2.00
C ARG A 12 -5.16 -3.44 0.91
N CYS A 13 -5.34 -3.98 -0.29
CA CYS A 13 -5.93 -3.27 -1.44
C CYS A 13 -7.44 -3.50 -1.53
N ILE A 14 -8.16 -2.62 -2.23
CA ILE A 14 -9.59 -2.80 -2.63
C ILE A 14 -9.87 -4.12 -3.35
N CYS A 15 -8.79 -4.72 -3.84
CA CYS A 15 -8.75 -6.00 -4.50
C CYS A 15 -9.03 -7.15 -3.48
N GLU A 16 -8.92 -6.87 -2.17
CA GLU A 16 -9.00 -7.79 -1.02
C GLU A 16 -8.12 -9.03 -1.19
N VAL A 17 -6.95 -8.73 -1.74
CA VAL A 17 -5.82 -9.60 -2.01
C VAL A 17 -4.58 -9.02 -1.37
N GLN A 18 -3.73 -9.87 -0.81
CA GLN A 18 -2.39 -9.50 -0.34
C GLN A 18 -1.31 -9.65 -1.44
N GLU A 19 -1.70 -9.92 -2.69
CA GLU A 19 -0.83 -10.04 -3.87
C GLU A 19 0.01 -8.78 -4.08
N GLU A 20 1.22 -8.92 -4.59
CA GLU A 20 2.09 -7.83 -4.99
C GLU A 20 2.23 -7.73 -6.51
N ASN A 21 1.73 -6.60 -6.91
CA ASN A 21 1.88 -5.99 -8.23
C ASN A 21 3.31 -5.43 -8.31
N ASP A 22 3.69 -4.96 -9.49
CA ASP A 22 4.97 -4.31 -9.74
C ASP A 22 5.18 -3.03 -8.91
N PHE A 23 4.11 -2.23 -8.72
CA PHE A 23 4.07 -1.07 -7.83
C PHE A 23 3.16 -1.24 -6.60
N MET A 24 3.65 -0.90 -5.39
CA MET A 24 2.85 -0.80 -4.15
C MET A 24 3.20 0.44 -3.33
N ILE A 25 2.23 1.00 -2.58
CA ILE A 25 2.36 2.21 -1.72
C ILE A 25 1.88 1.88 -0.32
N GLN A 26 2.33 2.59 0.70
CA GLN A 26 1.90 2.37 2.09
C GLN A 26 1.01 3.52 2.59
N CYS A 27 -0.11 3.18 3.25
CA CYS A 27 -0.96 4.16 3.92
C CYS A 27 -0.21 4.79 5.08
N GLU A 28 -0.24 6.11 5.16
CA GLU A 28 0.41 6.84 6.25
C GLU A 28 -0.33 6.69 7.61
N GLU A 29 -1.60 6.29 7.59
CA GLU A 29 -2.44 6.23 8.80
C GLU A 29 -2.38 4.89 9.52
N CYS A 30 -2.60 3.80 8.78
CA CYS A 30 -2.61 2.44 9.28
C CYS A 30 -1.49 1.51 8.76
N GLN A 31 -0.56 2.04 7.96
CA GLN A 31 0.59 1.34 7.39
C GLN A 31 0.30 0.28 6.32
N CYS A 32 -0.95 0.13 5.88
CA CYS A 32 -1.26 -0.95 4.95
C CYS A 32 -0.78 -0.62 3.54
N TRP A 33 -0.44 -1.64 2.77
CA TRP A 33 0.11 -1.52 1.42
C TRP A 33 -0.90 -1.83 0.32
N GLN A 34 -0.83 -1.12 -0.80
CA GLN A 34 -1.79 -1.31 -1.89
C GLN A 34 -1.11 -1.20 -3.21
N HIS A 35 -1.73 -1.74 -4.25
CA HIS A 35 -1.28 -1.50 -5.60
C HIS A 35 -1.65 -0.07 -5.93
N GLY A 36 -0.68 0.79 -6.20
CA GLY A 36 -1.02 2.19 -6.44
C GLY A 36 -2.01 2.42 -7.56
N VAL A 37 -1.91 1.62 -8.61
CA VAL A 37 -2.76 1.76 -9.82
C VAL A 37 -4.25 1.43 -9.53
N CYS A 38 -4.51 0.71 -8.42
CA CYS A 38 -5.85 0.47 -7.88
C CYS A 38 -6.40 1.65 -7.06
N MET A 39 -5.48 2.39 -6.43
CA MET A 39 -5.71 3.53 -5.54
C MET A 39 -5.67 4.90 -6.28
N GLY A 40 -5.29 4.93 -7.56
CA GLY A 40 -5.13 6.12 -8.39
C GLY A 40 -3.81 6.84 -8.19
N LEU A 41 -2.77 6.12 -7.78
CA LEU A 41 -1.43 6.64 -7.56
C LEU A 41 -0.39 5.77 -8.28
N LEU A 42 0.71 6.36 -8.70
CA LEU A 42 1.85 5.80 -9.40
C LEU A 42 3.11 6.26 -8.67
N GLU A 43 4.26 5.67 -8.97
CA GLU A 43 5.55 6.15 -8.47
C GLU A 43 5.82 7.62 -8.85
N GLU A 44 5.22 8.13 -9.93
CA GLU A 44 5.27 9.56 -10.26
C GLU A 44 4.50 10.45 -9.26
N ASN A 45 3.35 9.98 -8.76
CA ASN A 45 2.44 10.80 -7.95
C ASN A 45 2.52 10.57 -6.44
N VAL A 46 3.39 9.70 -5.92
CA VAL A 46 3.37 9.26 -4.50
C VAL A 46 3.43 10.49 -3.57
N PRO A 47 2.34 10.75 -2.83
CA PRO A 47 2.29 11.85 -1.89
C PRO A 47 3.08 11.51 -0.61
N GLU A 48 3.31 12.51 0.24
CA GLU A 48 3.93 12.29 1.55
C GLU A 48 2.94 11.57 2.46
N LYS A 49 1.65 11.92 2.33
CA LYS A 49 0.55 11.36 3.08
C LYS A 49 -0.61 10.89 2.19
N TYR A 50 -0.44 9.69 1.67
CA TYR A 50 -1.56 8.99 1.02
C TYR A 50 -2.37 8.26 2.12
N THR A 51 -3.67 8.54 2.14
CA THR A 51 -4.69 7.84 2.93
C THR A 51 -5.36 6.74 2.11
N CYS A 52 -5.56 5.57 2.71
CA CYS A 52 -6.12 4.40 2.02
C CYS A 52 -7.62 4.38 2.19
N TYR A 53 -8.40 3.89 1.23
CA TYR A 53 -9.82 3.63 1.39
C TYR A 53 -10.31 3.12 2.76
N VAL A 54 -9.63 2.16 3.38
CA VAL A 54 -9.96 1.66 4.73
C VAL A 54 -9.90 2.78 5.80
N CYS A 55 -9.04 3.79 5.63
CA CYS A 55 -9.01 5.02 6.40
C CYS A 55 -9.86 6.13 5.75
N GLN A 56 -9.56 6.54 4.50
CA GLN A 56 -10.34 7.59 3.84
C GLN A 56 -11.73 7.18 3.33
N ASP A 57 -11.82 6.23 2.38
CA ASP A 57 -13.10 5.87 1.69
C ASP A 57 -13.10 4.57 0.83
N ALA B 1 4.64 8.18 2.22
CA ALA B 1 3.82 6.94 1.99
C ALA B 1 4.68 5.67 1.63
N ARG B 2 5.87 5.48 2.25
CA ARG B 2 6.94 4.45 2.05
C ARG B 2 7.37 4.08 0.61
N THR B 3 6.49 3.40 -0.13
CA THR B 3 6.65 2.83 -1.49
C THR B 3 7.77 1.82 -1.75
N MLY B 4 7.49 0.92 -2.71
CA MLY B 4 8.33 -0.20 -3.11
CB MLY B 4 8.09 -1.39 -2.16
CG MLY B 4 6.87 -2.25 -2.50
CD MLY B 4 6.53 -3.18 -1.32
CE MLY B 4 6.13 -4.60 -1.78
NZ MLY B 4 5.77 -5.56 -0.67
CH1 MLY B 4 6.86 -5.70 0.32
CH2 MLY B 4 4.50 -5.22 0.01
C MLY B 4 8.05 -0.58 -4.57
O MLY B 4 7.02 -0.21 -5.12
H MLY B 4 6.59 0.98 -3.17
HA MLY B 4 9.38 0.11 -3.03
HB2 MLY B 4 8.98 -2.03 -2.15
HB3 MLY B 4 7.96 -1.01 -1.14
HG2 MLY B 4 6.03 -1.61 -2.72
HG3 MLY B 4 7.10 -2.85 -3.40
HD2 MLY B 4 7.41 -3.27 -0.67
HD3 MLY B 4 5.72 -2.72 -0.74
HE2 MLY B 4 5.29 -4.53 -2.48
HE3 MLY B 4 6.96 -5.03 -2.35
HH11 MLY B 4 6.95 -4.81 0.94
HH12 MLY B 4 6.67 -6.56 0.98
HH13 MLY B 4 7.82 -5.88 -0.17
HH21 MLY B 4 3.66 -5.19 -0.71
HH22 MLY B 4 4.26 -5.98 0.74
HH23 MLY B 4 4.56 -4.25 0.51
HZ MLY B 4 5.65 -6.48 -1.12
N GLN B 5 8.95 -1.37 -5.15
CA GLN B 5 8.76 -2.01 -6.45
C GLN B 5 9.14 -3.49 -6.39
N THR B 6 8.28 -4.37 -6.90
CA THR B 6 8.47 -5.83 -6.85
C THR B 6 9.46 -6.30 -7.93
N ALA B 7 10.63 -6.79 -7.51
CA ALA B 7 11.58 -7.47 -8.38
C ALA B 7 11.15 -8.94 -8.62
N ARG B 8 11.36 -9.45 -9.85
CA ARG B 8 10.89 -10.79 -10.30
C ARG B 8 12.01 -11.67 -10.91
N LYS B 9 13.28 -11.34 -10.62
CA LYS B 9 14.47 -12.09 -11.08
C LYS B 9 14.53 -13.51 -10.48
N SER B 10 15.03 -14.47 -11.27
CA SER B 10 15.03 -15.90 -10.93
C SER B 10 16.09 -16.31 -9.89
N THR B 11 17.16 -15.52 -9.72
CA THR B 11 18.27 -15.75 -8.78
C THR B 11 18.73 -14.44 -8.13
N NH2 B 12 19.00 -13.46 -8.87
HN1 NH2 B 12 18.90 -13.55 -9.87
HN2 NH2 B 12 19.30 -12.58 -8.47
ZN ZN C . -5.13 3.14 6.07
ZN ZN D . -5.24 -3.87 -6.21
N GLY A 1 -7.62 -11.21 12.62
CA GLY A 1 -7.36 -10.26 11.50
C GLY A 1 -5.91 -9.77 11.50
N HIS A 2 -5.34 -9.55 10.31
CA HIS A 2 -3.91 -9.29 10.06
C HIS A 2 -3.31 -8.12 10.86
N MET A 3 -4.13 -7.12 11.19
CA MET A 3 -3.74 -5.94 11.99
C MET A 3 -3.33 -6.24 13.43
N ASP A 4 -3.91 -7.26 14.08
CA ASP A 4 -3.77 -7.48 15.54
C ASP A 4 -4.18 -6.24 16.38
N ARG A 5 -4.92 -5.30 15.75
CA ARG A 5 -5.28 -3.92 16.18
C ARG A 5 -4.11 -2.94 16.29
N TYR A 6 -2.91 -3.39 15.95
CA TYR A 6 -1.70 -2.59 15.77
C TYR A 6 -1.57 -2.04 14.34
N ASP A 7 -0.72 -1.02 14.16
CA ASP A 7 -0.33 -0.55 12.83
C ASP A 7 0.93 -1.31 12.37
N PHE A 8 0.77 -2.15 11.34
CA PHE A 8 1.80 -2.99 10.74
C PHE A 8 1.75 -2.97 9.20
N GLU A 9 2.85 -3.37 8.55
CA GLU A 9 2.91 -3.61 7.10
C GLU A 9 1.94 -4.73 6.72
N VAL A 10 0.82 -4.30 6.11
CA VAL A 10 -0.29 -5.18 5.79
C VAL A 10 -0.81 -4.86 4.40
N VAL A 11 -0.59 -5.73 3.43
CA VAL A 11 -1.02 -5.45 2.04
C VAL A 11 -2.55 -5.62 1.97
N ARG A 12 -3.27 -4.50 2.05
CA ARG A 12 -4.73 -4.44 2.00
C ARG A 12 -5.15 -3.48 0.92
N CYS A 13 -5.31 -4.03 -0.28
CA CYS A 13 -5.91 -3.34 -1.42
C CYS A 13 -7.43 -3.58 -1.51
N ILE A 14 -8.16 -2.71 -2.23
CA ILE A 14 -9.58 -2.89 -2.61
C ILE A 14 -9.86 -4.21 -3.34
N CYS A 15 -8.76 -4.81 -3.83
CA CYS A 15 -8.71 -6.08 -4.51
C CYS A 15 -8.98 -7.25 -3.51
N GLU A 16 -8.90 -7.01 -2.19
CA GLU A 16 -8.95 -7.97 -1.08
C GLU A 16 -7.98 -9.14 -1.27
N VAL A 17 -6.82 -8.80 -1.81
CA VAL A 17 -5.67 -9.65 -2.08
C VAL A 17 -4.44 -9.04 -1.44
N GLN A 18 -3.62 -9.88 -0.82
CA GLN A 18 -2.28 -9.51 -0.34
C GLN A 18 -1.17 -9.64 -1.43
N GLU A 19 -1.57 -9.90 -2.69
CA GLU A 19 -0.70 -10.05 -3.86
C GLU A 19 0.07 -8.75 -4.12
N GLU A 20 1.28 -8.87 -4.68
CA GLU A 20 2.08 -7.76 -5.11
C GLU A 20 2.19 -7.66 -6.63
N ASN A 21 1.69 -6.54 -7.04
CA ASN A 21 1.84 -5.93 -8.35
C ASN A 21 3.27 -5.35 -8.45
N ASP A 22 3.65 -4.88 -9.64
CA ASP A 22 4.92 -4.21 -9.90
C ASP A 22 5.15 -2.96 -9.04
N PHE A 23 4.06 -2.24 -8.70
CA PHE A 23 4.03 -1.08 -7.81
C PHE A 23 3.12 -1.24 -6.59
N MET A 24 3.61 -0.90 -5.39
CA MET A 24 2.81 -0.79 -4.15
C MET A 24 3.17 0.46 -3.32
N ILE A 25 2.22 1.00 -2.57
CA ILE A 25 2.36 2.21 -1.71
C ILE A 25 1.89 1.87 -0.30
N GLN A 26 2.34 2.61 0.72
CA GLN A 26 1.90 2.38 2.11
C GLN A 26 0.99 3.53 2.61
N CYS A 27 -0.12 3.19 3.26
CA CYS A 27 -0.98 4.15 3.94
C CYS A 27 -0.24 4.79 5.09
N GLU A 28 -0.26 6.11 5.15
CA GLU A 28 0.40 6.83 6.24
C GLU A 28 -0.33 6.70 7.59
N GLU A 29 -1.62 6.30 7.57
CA GLU A 29 -2.45 6.25 8.78
C GLU A 29 -2.39 4.91 9.51
N CYS A 30 -2.61 3.82 8.77
CA CYS A 30 -2.61 2.47 9.30
C CYS A 30 -1.50 1.53 8.79
N GLN A 31 -0.57 2.06 7.99
CA GLN A 31 0.58 1.35 7.43
C GLN A 31 0.31 0.27 6.37
N CYS A 32 -0.93 0.10 5.93
CA CYS A 32 -1.24 -0.96 5.00
C CYS A 32 -0.76 -0.65 3.58
N TRP A 33 -0.43 -1.67 2.80
CA TRP A 33 0.12 -1.56 1.47
C TRP A 33 -0.88 -1.85 0.36
N GLN A 34 -0.83 -1.15 -0.77
CA GLN A 34 -1.79 -1.35 -1.86
C GLN A 34 -1.11 -1.23 -3.19
N HIS A 35 -1.74 -1.77 -4.23
CA HIS A 35 -1.30 -1.50 -5.58
C HIS A 35 -1.66 -0.07 -5.89
N GLY A 36 -0.68 0.77 -6.18
CA GLY A 36 -1.03 2.18 -6.41
C GLY A 36 -2.02 2.40 -7.54
N VAL A 37 -1.93 1.60 -8.59
CA VAL A 37 -2.78 1.74 -9.79
C VAL A 37 -4.26 1.41 -9.49
N CYS A 38 -4.52 0.70 -8.39
CA CYS A 38 -5.86 0.43 -7.83
C CYS A 38 -6.41 1.62 -7.01
N MET A 39 -5.50 2.39 -6.41
CA MET A 39 -5.73 3.53 -5.52
C MET A 39 -5.69 4.88 -6.26
N GLY A 40 -5.30 4.91 -7.54
CA GLY A 40 -5.15 6.11 -8.37
C GLY A 40 -3.83 6.84 -8.18
N LEU A 41 -2.78 6.10 -7.78
CA LEU A 41 -1.44 6.62 -7.56
C LEU A 41 -0.41 5.75 -8.29
N LEU A 42 0.69 6.35 -8.71
CA LEU A 42 1.83 5.78 -9.40
C LEU A 42 3.09 6.24 -8.68
N GLU A 43 4.24 5.65 -8.97
CA GLU A 43 5.53 6.15 -8.48
C GLU A 43 5.81 7.61 -8.87
N GLU A 44 5.20 8.12 -9.95
CA GLU A 44 5.24 9.55 -10.28
C GLU A 44 4.48 10.45 -9.29
N ASN A 45 3.33 9.98 -8.78
CA ASN A 45 2.41 10.80 -7.98
C ASN A 45 2.49 10.57 -6.46
N VAL A 46 3.37 9.70 -5.94
CA VAL A 46 3.36 9.27 -4.52
C VAL A 46 3.41 10.50 -3.59
N PRO A 47 2.32 10.74 -2.84
CA PRO A 47 2.27 11.82 -1.86
C PRO A 47 3.03 11.43 -0.59
N GLU A 48 3.32 12.45 0.22
CA GLU A 48 3.94 12.29 1.54
C GLU A 48 2.95 11.58 2.47
N LYS A 49 1.67 11.91 2.33
CA LYS A 49 0.56 11.33 3.07
C LYS A 49 -0.60 10.86 2.19
N TYR A 50 -0.44 9.66 1.65
CA TYR A 50 -1.55 8.97 1.01
C TYR A 50 -2.35 8.24 2.10
N THR A 51 -3.66 8.50 2.11
CA THR A 51 -4.67 7.81 2.90
C THR A 51 -5.36 6.71 2.10
N CYS A 52 -5.57 5.55 2.70
CA CYS A 52 -6.15 4.38 2.03
C CYS A 52 -7.64 4.35 2.23
N TYR A 53 -8.43 3.84 1.30
CA TYR A 53 -9.86 3.58 1.46
C TYR A 53 -10.34 3.01 2.82
N VAL A 54 -9.59 2.10 3.46
CA VAL A 54 -9.90 1.59 4.81
C VAL A 54 -9.88 2.72 5.87
N CYS A 55 -9.06 3.76 5.66
CA CYS A 55 -9.04 5.02 6.40
C CYS A 55 -9.89 6.13 5.72
N GLN A 56 -9.56 6.58 4.49
CA GLN A 56 -10.30 7.70 3.87
C GLN A 56 -11.62 7.36 3.16
N ASP A 57 -11.74 6.16 2.61
CA ASP A 57 -12.81 5.71 1.68
C ASP A 57 -12.80 6.54 0.39
N ALA B 1 4.64 8.24 2.16
CA ALA B 1 3.84 6.98 1.95
C ALA B 1 4.71 5.73 1.59
N ARG B 2 5.95 5.58 2.13
CA ARG B 2 6.99 4.52 1.95
C ARG B 2 7.40 4.11 0.52
N THR B 3 6.52 3.44 -0.21
CA THR B 3 6.67 2.82 -1.55
C THR B 3 7.76 1.76 -1.76
N MLY B 4 7.45 0.84 -2.69
CA MLY B 4 8.27 -0.31 -3.09
CB MLY B 4 8.01 -1.49 -2.11
CG MLY B 4 6.63 -2.13 -2.32
CD MLY B 4 6.15 -2.95 -1.11
CE MLY B 4 6.71 -4.39 -1.06
NZ MLY B 4 6.13 -5.25 0.03
CH1 MLY B 4 6.37 -4.68 1.39
CH2 MLY B 4 4.67 -5.52 -0.15
C MLY B 4 7.97 -0.70 -4.55
O MLY B 4 6.92 -0.36 -5.09
H MLY B 4 6.56 0.91 -3.17
HA MLY B 4 9.33 -0.02 -3.03
HB2 MLY B 4 8.77 -2.26 -2.25
HB3 MLY B 4 8.07 -1.12 -1.09
HG2 MLY B 4 5.93 -1.32 -2.50
HG3 MLY B 4 6.66 -2.76 -3.22
HD2 MLY B 4 6.41 -2.42 -0.20
HD3 MLY B 4 5.05 -3.00 -1.15
HE2 MLY B 4 6.52 -4.87 -2.03
HE3 MLY B 4 7.79 -4.33 -0.95
HH11 MLY B 4 6.11 -5.40 2.16
HH12 MLY B 4 7.44 -4.44 1.52
HH13 MLY B 4 5.79 -3.78 1.56
HH21 MLY B 4 4.34 -6.30 0.55
HH22 MLY B 4 4.06 -4.63 0.03
HH23 MLY B 4 4.46 -5.88 -1.15
HZ MLY B 4 6.62 -6.15 -0.02
N GLN B 5 8.90 -1.42 -5.17
CA GLN B 5 8.79 -1.96 -6.54
C GLN B 5 9.34 -3.39 -6.63
N THR B 6 8.77 -4.21 -7.51
CA THR B 6 9.15 -5.63 -7.71
C THR B 6 9.57 -5.98 -9.15
N ALA B 7 9.79 -4.98 -10.01
CA ALA B 7 10.27 -5.17 -11.39
C ALA B 7 11.70 -5.78 -11.43
N ARG B 8 12.00 -6.55 -12.49
CA ARG B 8 13.29 -7.25 -12.67
C ARG B 8 14.47 -6.28 -12.87
N LYS B 9 15.69 -6.70 -12.49
CA LYS B 9 16.94 -5.96 -12.75
C LYS B 9 17.29 -5.90 -14.25
N SER B 10 18.00 -4.85 -14.67
CA SER B 10 18.52 -4.70 -16.04
C SER B 10 19.72 -5.61 -16.33
N THR B 11 19.90 -6.00 -17.60
CA THR B 11 20.99 -6.87 -18.12
C THR B 11 21.49 -6.40 -19.48
N NH2 B 12 22.72 -6.18 -19.62
HN1 NH2 B 12 23.34 -6.31 -18.83
HN2 NH2 B 12 23.08 -5.88 -20.51
ZN ZN C . -5.15 3.15 6.09
ZN ZN D . -5.22 -3.91 -6.20
N GLY A 1 -0.56 -12.01 20.28
CA GLY A 1 -1.44 -12.60 19.24
C GLY A 1 -0.94 -12.33 17.82
N HIS A 2 -1.84 -12.43 16.82
CA HIS A 2 -1.50 -12.20 15.41
C HIS A 2 -1.48 -10.71 15.03
N MET A 3 -2.62 -10.01 15.23
CA MET A 3 -2.76 -8.58 14.87
C MET A 3 -2.19 -7.62 15.92
N ASP A 4 -2.29 -7.97 17.20
CA ASP A 4 -2.01 -7.10 18.36
C ASP A 4 -2.62 -5.69 18.30
N ARG A 5 -3.63 -5.51 17.43
CA ARG A 5 -4.27 -4.22 17.07
C ARG A 5 -3.30 -3.10 16.65
N TYR A 6 -2.06 -3.47 16.33
CA TYR A 6 -0.95 -2.58 16.01
C TYR A 6 -0.91 -2.17 14.52
N ASP A 7 -0.23 -1.05 14.24
CA ASP A 7 0.09 -0.65 12.87
C ASP A 7 1.32 -1.44 12.35
N PHE A 8 1.10 -2.27 11.34
CA PHE A 8 2.09 -3.13 10.69
C PHE A 8 2.00 -3.05 9.16
N GLU A 9 3.07 -3.47 8.49
CA GLU A 9 3.15 -3.56 7.02
C GLU A 9 2.18 -4.66 6.56
N VAL A 10 1.02 -4.24 6.04
CA VAL A 10 -0.14 -5.11 5.75
C VAL A 10 -0.71 -4.80 4.38
N VAL A 11 -0.53 -5.67 3.41
CA VAL A 11 -1.02 -5.42 2.05
C VAL A 11 -2.55 -5.59 2.02
N ARG A 12 -3.27 -4.48 2.08
CA ARG A 12 -4.73 -4.42 2.03
C ARG A 12 -5.15 -3.47 0.94
N CYS A 13 -5.32 -4.01 -0.25
CA CYS A 13 -5.92 -3.32 -1.39
C CYS A 13 -7.44 -3.55 -1.49
N ILE A 14 -8.17 -2.68 -2.22
CA ILE A 14 -9.59 -2.87 -2.61
C ILE A 14 -9.85 -4.19 -3.35
N CYS A 15 -8.76 -4.79 -3.82
CA CYS A 15 -8.72 -6.07 -4.50
C CYS A 15 -8.99 -7.23 -3.51
N GLU A 16 -8.91 -6.98 -2.19
CA GLU A 16 -8.96 -7.95 -1.08
C GLU A 16 -7.99 -9.12 -1.26
N VAL A 17 -6.83 -8.76 -1.80
CA VAL A 17 -5.68 -9.61 -2.06
C VAL A 17 -4.44 -9.00 -1.42
N GLN A 18 -3.63 -9.84 -0.81
CA GLN A 18 -2.28 -9.47 -0.32
C GLN A 18 -1.19 -9.63 -1.41
N GLU A 19 -1.59 -9.89 -2.67
CA GLU A 19 -0.73 -10.05 -3.85
C GLU A 19 0.05 -8.77 -4.13
N GLU A 20 1.23 -8.89 -4.71
CA GLU A 20 2.04 -7.80 -5.17
C GLU A 20 2.10 -7.74 -6.69
N ASN A 21 1.64 -6.59 -7.12
CA ASN A 21 1.72 -6.04 -8.46
C ASN A 21 3.16 -5.54 -8.73
N ASP A 22 3.38 -4.91 -9.89
CA ASP A 22 4.62 -4.19 -10.21
C ASP A 22 4.94 -3.06 -9.22
N PHE A 23 3.91 -2.30 -8.78
CA PHE A 23 4.00 -1.17 -7.86
C PHE A 23 3.11 -1.31 -6.61
N MET A 24 3.61 -0.96 -5.42
CA MET A 24 2.83 -0.83 -4.16
C MET A 24 3.20 0.42 -3.34
N ILE A 25 2.25 0.95 -2.56
CA ILE A 25 2.40 2.14 -1.69
C ILE A 25 1.87 1.82 -0.30
N GLN A 26 2.31 2.53 0.73
CA GLN A 26 1.86 2.36 2.11
C GLN A 26 0.99 3.52 2.57
N CYS A 27 -0.12 3.23 3.24
CA CYS A 27 -0.97 4.20 3.91
C CYS A 27 -0.24 4.85 5.06
N GLU A 28 -0.29 6.18 5.12
CA GLU A 28 0.36 6.93 6.21
C GLU A 28 -0.38 6.77 7.56
N GLU A 29 -1.65 6.34 7.56
CA GLU A 29 -2.49 6.29 8.77
C GLU A 29 -2.41 4.96 9.50
N CYS A 30 -2.65 3.87 8.76
CA CYS A 30 -2.65 2.51 9.29
C CYS A 30 -1.54 1.58 8.79
N GLN A 31 -0.61 2.10 7.98
CA GLN A 31 0.55 1.39 7.43
C GLN A 31 0.26 0.32 6.37
N CYS A 32 -0.98 0.16 5.92
CA CYS A 32 -1.27 -0.92 4.99
C CYS A 32 -0.79 -0.60 3.58
N TRP A 33 -0.44 -1.62 2.81
CA TRP A 33 0.11 -1.51 1.47
C TRP A 33 -0.89 -1.83 0.36
N GLN A 34 -0.82 -1.15 -0.78
CA GLN A 34 -1.79 -1.34 -1.87
C GLN A 34 -1.11 -1.23 -3.20
N HIS A 35 -1.74 -1.76 -4.23
CA HIS A 35 -1.29 -1.49 -5.58
C HIS A 35 -1.64 -0.07 -5.89
N GLY A 36 -0.66 0.78 -6.17
CA GLY A 36 -0.98 2.19 -6.40
C GLY A 36 -1.97 2.42 -7.53
N VAL A 37 -1.89 1.61 -8.58
CA VAL A 37 -2.73 1.75 -9.78
C VAL A 37 -4.21 1.42 -9.49
N CYS A 38 -4.48 0.72 -8.37
CA CYS A 38 -5.83 0.47 -7.82
C CYS A 38 -6.36 1.68 -7.02
N MET A 39 -5.44 2.43 -6.42
CA MET A 39 -5.67 3.57 -5.53
C MET A 39 -5.61 4.93 -6.26
N GLY A 40 -5.21 4.96 -7.54
CA GLY A 40 -5.04 6.16 -8.37
C GLY A 40 -3.71 6.87 -8.17
N LEU A 41 -2.68 6.11 -7.77
CA LEU A 41 -1.32 6.62 -7.56
C LEU A 41 -0.30 5.74 -8.29
N LEU A 42 0.82 6.33 -8.70
CA LEU A 42 1.96 5.77 -9.39
C LEU A 42 3.21 6.20 -8.64
N GLU A 43 4.36 5.60 -8.92
CA GLU A 43 5.65 6.07 -8.39
C GLU A 43 5.95 7.53 -8.76
N GLU A 44 5.37 8.05 -9.86
CA GLU A 44 5.44 9.48 -10.18
C GLU A 44 4.68 10.37 -9.19
N ASN A 45 3.51 9.92 -8.71
CA ASN A 45 2.60 10.74 -7.91
C ASN A 45 2.65 10.52 -6.40
N VAL A 46 3.50 9.63 -5.85
CA VAL A 46 3.45 9.20 -4.44
C VAL A 46 3.50 10.43 -3.51
N PRO A 47 2.39 10.69 -2.79
CA PRO A 47 2.32 11.80 -1.86
C PRO A 47 3.00 11.47 -0.54
N GLU A 48 3.26 12.50 0.25
CA GLU A 48 3.83 12.41 1.59
C GLU A 48 2.81 11.76 2.53
N LYS A 49 1.52 12.04 2.31
CA LYS A 49 0.41 11.46 3.04
C LYS A 49 -0.72 10.97 2.14
N TYR A 50 -0.52 9.76 1.62
CA TYR A 50 -1.62 9.04 0.97
C TYR A 50 -2.40 8.30 2.06
N THR A 51 -3.72 8.54 2.08
CA THR A 51 -4.71 7.81 2.88
C THR A 51 -5.36 6.70 2.04
N CYS A 52 -5.57 5.54 2.65
CA CYS A 52 -6.14 4.37 1.99
C CYS A 52 -7.64 4.37 2.18
N TYR A 53 -8.44 3.92 1.23
CA TYR A 53 -9.86 3.67 1.36
C TYR A 53 -10.33 3.14 2.74
N VAL A 54 -9.63 2.18 3.37
CA VAL A 54 -9.97 1.69 4.71
C VAL A 54 -9.92 2.81 5.77
N CYS A 55 -9.06 3.81 5.60
CA CYS A 55 -9.02 5.06 6.36
C CYS A 55 -9.86 6.16 5.68
N GLN A 56 -9.54 6.60 4.43
CA GLN A 56 -10.30 7.69 3.81
C GLN A 56 -11.72 7.33 3.33
N ASP A 57 -11.91 6.26 2.55
CA ASP A 57 -13.26 5.87 2.04
C ASP A 57 -13.54 4.40 1.62
N ALA B 1 4.37 8.51 2.44
CA ALA B 1 3.76 7.19 2.05
C ALA B 1 4.89 6.25 1.56
N ARG B 2 5.27 5.20 2.30
CA ARG B 2 6.35 4.24 1.91
C ARG B 2 6.06 3.61 0.55
N THR B 3 7.08 3.26 -0.24
CA THR B 3 6.92 2.65 -1.57
C THR B 3 7.98 1.60 -1.92
N MLY B 4 7.58 0.67 -2.81
CA MLY B 4 8.36 -0.49 -3.23
CB MLY B 4 8.06 -1.67 -2.26
CG MLY B 4 6.66 -2.25 -2.45
CD MLY B 4 6.18 -3.09 -1.25
CE MLY B 4 6.47 -4.60 -1.42
NZ MLY B 4 6.07 -5.39 -0.22
CH1 MLY B 4 4.58 -5.46 -0.05
CH2 MLY B 4 6.60 -6.78 -0.35
C MLY B 4 8.01 -0.86 -4.67
O MLY B 4 6.97 -0.44 -5.20
H MLY B 4 6.65 0.74 -3.18
HA MLY B 4 9.42 -0.23 -3.18
HB2 MLY B 4 8.79 -2.46 -2.40
HB3 MLY B 4 8.15 -1.30 -1.23
HG2 MLY B 4 5.97 -1.42 -2.59
HG3 MLY B 4 6.64 -2.85 -3.37
HD2 MLY B 4 6.63 -2.71 -0.33
HD3 MLY B 4 5.11 -2.95 -1.15
HE2 MLY B 4 5.98 -4.97 -2.32
HE3 MLY B 4 7.56 -4.70 -1.58
HH11 MLY B 4 4.32 -6.07 0.81
HH12 MLY B 4 4.15 -4.46 0.12
HH13 MLY B 4 4.10 -5.89 -0.93
HH21 MLY B 4 6.21 -7.28 -1.23
HH22 MLY B 4 7.69 -6.78 -0.41
HH23 MLY B 4 6.33 -7.38 0.54
HZ MLY B 4 6.48 -4.97 0.61
N GLN B 5 8.86 -1.68 -5.30
CA GLN B 5 8.60 -2.28 -6.61
C GLN B 5 8.84 -3.79 -6.57
N THR B 6 7.92 -4.55 -7.19
CA THR B 6 7.81 -6.02 -7.10
C THR B 6 7.44 -6.67 -8.45
N ALA B 7 7.84 -6.03 -9.56
CA ALA B 7 7.57 -6.51 -10.92
C ALA B 7 8.29 -7.83 -11.25
N ARG B 8 7.54 -8.79 -11.82
CA ARG B 8 8.04 -10.10 -12.29
C ARG B 8 8.48 -10.11 -13.77
N LYS B 9 8.15 -9.05 -14.51
CA LYS B 9 8.39 -8.90 -15.97
C LYS B 9 9.88 -8.93 -16.33
N SER B 10 10.18 -9.44 -17.53
CA SER B 10 11.54 -9.54 -18.09
C SER B 10 12.19 -8.17 -18.37
N THR B 11 13.52 -8.12 -18.38
CA THR B 11 14.33 -6.95 -18.80
C THR B 11 14.25 -6.73 -20.31
N NH2 B 12 14.52 -7.68 -21.08
HN1 NH2 B 12 14.80 -8.58 -20.69
HN2 NH2 B 12 14.47 -7.56 -22.08
ZN ZN C . -5.15 3.17 6.06
ZN ZN D . -5.21 -3.88 -6.18
N GLY A 1 -6.51 -12.07 19.37
CA GLY A 1 -6.56 -11.76 17.93
C GLY A 1 -5.23 -11.21 17.41
N HIS A 2 -4.86 -11.59 16.17
CA HIS A 2 -3.52 -11.34 15.59
C HIS A 2 -3.16 -9.86 15.35
N MET A 3 -4.15 -8.96 15.33
CA MET A 3 -3.97 -7.52 15.11
C MET A 3 -3.15 -6.80 16.20
N ASP A 4 -3.27 -7.24 17.46
CA ASP A 4 -2.74 -6.54 18.65
C ASP A 4 -3.10 -5.04 18.73
N ARG A 5 -4.12 -4.63 17.97
CA ARG A 5 -4.53 -3.23 17.70
C ARG A 5 -3.41 -2.30 17.21
N TYR A 6 -2.29 -2.89 16.78
CA TYR A 6 -1.09 -2.20 16.30
C TYR A 6 -1.15 -1.88 14.80
N ASP A 7 -0.39 -0.86 14.39
CA ASP A 7 -0.17 -0.55 12.97
C ASP A 7 0.99 -1.41 12.43
N PHE A 8 0.68 -2.30 11.48
CA PHE A 8 1.62 -3.22 10.82
C PHE A 8 1.59 -3.06 9.30
N GLU A 9 2.71 -3.41 8.68
CA GLU A 9 2.90 -3.49 7.23
C GLU A 9 2.02 -4.64 6.70
N VAL A 10 0.88 -4.26 6.11
CA VAL A 10 -0.23 -5.16 5.74
C VAL A 10 -0.73 -4.83 4.36
N VAL A 11 -0.54 -5.71 3.38
CA VAL A 11 -1.03 -5.45 2.02
C VAL A 11 -2.55 -5.64 2.00
N ARG A 12 -3.28 -4.53 2.05
CA ARG A 12 -4.74 -4.47 2.01
C ARG A 12 -5.16 -3.51 0.93
N CYS A 13 -5.34 -4.05 -0.27
CA CYS A 13 -5.93 -3.35 -1.42
C CYS A 13 -7.45 -3.60 -1.51
N ILE A 14 -8.17 -2.73 -2.23
CA ILE A 14 -9.60 -2.91 -2.62
C ILE A 14 -9.86 -4.22 -3.37
N CYS A 15 -8.77 -4.81 -3.85
CA CYS A 15 -8.72 -6.09 -4.53
C CYS A 15 -8.99 -7.26 -3.54
N GLU A 16 -8.91 -7.02 -2.22
CA GLU A 16 -8.97 -7.99 -1.11
C GLU A 16 -8.02 -9.17 -1.29
N VAL A 17 -6.85 -8.81 -1.84
CA VAL A 17 -5.71 -9.67 -2.10
C VAL A 17 -4.47 -9.05 -1.44
N GLN A 18 -3.65 -9.90 -0.85
CA GLN A 18 -2.31 -9.52 -0.35
C GLN A 18 -1.21 -9.64 -1.44
N GLU A 19 -1.60 -9.92 -2.70
CA GLU A 19 -0.70 -10.03 -3.86
C GLU A 19 0.11 -8.74 -4.08
N GLU A 20 1.32 -8.86 -4.60
CA GLU A 20 2.16 -7.77 -5.03
C GLU A 20 2.25 -7.71 -6.55
N ASN A 21 1.76 -6.58 -6.97
CA ASN A 21 1.87 -5.98 -8.30
C ASN A 21 3.30 -5.40 -8.45
N ASP A 22 3.62 -4.90 -9.64
CA ASP A 22 4.88 -4.19 -9.94
C ASP A 22 5.12 -2.96 -9.05
N PHE A 23 4.04 -2.25 -8.69
CA PHE A 23 4.05 -1.07 -7.81
C PHE A 23 3.14 -1.23 -6.58
N MET A 24 3.63 -0.90 -5.37
CA MET A 24 2.84 -0.79 -4.12
C MET A 24 3.20 0.46 -3.31
N ILE A 25 2.22 1.00 -2.56
CA ILE A 25 2.36 2.21 -1.71
C ILE A 25 1.89 1.87 -0.30
N GLN A 26 2.34 2.60 0.72
CA GLN A 26 1.90 2.37 2.11
C GLN A 26 1.01 3.51 2.61
N CYS A 27 -0.11 3.18 3.26
CA CYS A 27 -0.96 4.14 3.93
C CYS A 27 -0.22 4.78 5.10
N GLU A 28 -0.24 6.10 5.17
CA GLU A 28 0.42 6.82 6.26
C GLU A 28 -0.32 6.68 7.61
N GLU A 29 -1.60 6.29 7.59
CA GLU A 29 -2.45 6.23 8.80
C GLU A 29 -2.38 4.88 9.51
N CYS A 30 -2.60 3.80 8.77
CA CYS A 30 -2.61 2.44 9.28
C CYS A 30 -1.51 1.50 8.77
N GLN A 31 -0.57 2.02 7.98
CA GLN A 31 0.60 1.31 7.43
C GLN A 31 0.30 0.25 6.35
N CYS A 32 -0.93 0.10 5.91
CA CYS A 32 -1.23 -0.97 4.97
C CYS A 32 -0.76 -0.65 3.56
N TRP A 33 -0.43 -1.66 2.78
CA TRP A 33 0.10 -1.53 1.43
C TRP A 33 -0.92 -1.83 0.34
N GLN A 34 -0.85 -1.13 -0.80
CA GLN A 34 -1.81 -1.33 -1.88
C GLN A 34 -1.12 -1.21 -3.19
N HIS A 35 -1.74 -1.75 -4.24
CA HIS A 35 -1.28 -1.50 -5.59
C HIS A 35 -1.65 -0.08 -5.90
N GLY A 36 -0.69 0.79 -6.19
CA GLY A 36 -1.04 2.19 -6.41
C GLY A 36 -2.04 2.42 -7.54
N VAL A 37 -1.94 1.62 -8.59
CA VAL A 37 -2.79 1.75 -9.79
C VAL A 37 -4.26 1.40 -9.50
N CYS A 38 -4.52 0.70 -8.39
CA CYS A 38 -5.86 0.43 -7.83
C CYS A 38 -6.42 1.62 -7.02
N MET A 39 -5.50 2.39 -6.40
CA MET A 39 -5.75 3.52 -5.51
C MET A 39 -5.72 4.89 -6.26
N GLY A 40 -5.32 4.91 -7.54
CA GLY A 40 -5.17 6.11 -8.36
C GLY A 40 -3.85 6.84 -8.17
N LEU A 41 -2.80 6.11 -7.76
CA LEU A 41 -1.46 6.64 -7.55
C LEU A 41 -0.42 5.76 -8.28
N LEU A 42 0.68 6.37 -8.70
CA LEU A 42 1.81 5.80 -9.40
C LEU A 42 3.07 6.24 -8.68
N GLU A 43 4.22 5.66 -8.98
CA GLU A 43 5.52 6.15 -8.50
C GLU A 43 5.79 7.62 -8.88
N GLU A 44 5.17 8.12 -9.95
CA GLU A 44 5.22 9.56 -10.28
C GLU A 44 4.45 10.44 -9.28
N ASN A 45 3.31 9.98 -8.77
CA ASN A 45 2.40 10.80 -7.97
C ASN A 45 2.48 10.58 -6.46
N VAL A 46 3.37 9.70 -5.93
CA VAL A 46 3.36 9.28 -4.51
C VAL A 46 3.42 10.49 -3.59
N PRO A 47 2.33 10.75 -2.83
CA PRO A 47 2.28 11.85 -1.88
C PRO A 47 3.07 11.49 -0.61
N GLU A 48 3.32 12.49 0.23
CA GLU A 48 3.96 12.27 1.54
C GLU A 48 2.96 11.56 2.46
N LYS A 49 1.66 11.90 2.34
CA LYS A 49 0.56 11.32 3.09
C LYS A 49 -0.59 10.87 2.21
N TYR A 50 -0.43 9.65 1.66
CA TYR A 50 -1.54 8.96 1.02
C TYR A 50 -2.34 8.23 2.11
N THR A 51 -3.64 8.51 2.13
CA THR A 51 -4.66 7.82 2.92
C THR A 51 -5.34 6.72 2.10
N CYS A 52 -5.56 5.56 2.71
CA CYS A 52 -6.14 4.39 2.04
C CYS A 52 -7.64 4.36 2.23
N TYR A 53 -8.42 3.85 1.30
CA TYR A 53 -9.85 3.60 1.45
C TYR A 53 -10.34 3.02 2.80
N VAL A 54 -9.61 2.11 3.45
CA VAL A 54 -9.90 1.60 4.80
C VAL A 54 -9.89 2.74 5.85
N CYS A 55 -9.06 3.77 5.65
CA CYS A 55 -9.04 5.03 6.39
C CYS A 55 -9.89 6.13 5.71
N GLN A 56 -9.55 6.59 4.49
CA GLN A 56 -10.28 7.70 3.86
C GLN A 56 -11.61 7.37 3.15
N ASP A 57 -11.73 6.17 2.60
CA ASP A 57 -12.79 5.72 1.67
C ASP A 57 -12.78 6.56 0.36
N ALA B 1 4.67 8.21 2.15
CA ALA B 1 3.86 6.97 1.96
C ALA B 1 4.72 5.70 1.60
N ARG B 2 5.93 5.53 2.17
CA ARG B 2 6.98 4.49 1.98
C ARG B 2 7.39 4.11 0.53
N THR B 3 6.50 3.43 -0.19
CA THR B 3 6.63 2.84 -1.55
C THR B 3 7.75 1.82 -1.80
N MLY B 4 7.47 0.92 -2.76
CA MLY B 4 8.32 -0.21 -3.15
CB MLY B 4 8.08 -1.38 -2.16
CG MLY B 4 6.87 -2.26 -2.48
CD MLY B 4 6.53 -3.16 -1.28
CE MLY B 4 6.16 -4.59 -1.72
NZ MLY B 4 5.82 -5.53 -0.60
CH1 MLY B 4 6.92 -5.64 0.41
CH2 MLY B 4 4.53 -5.21 0.07
C MLY B 4 8.03 -0.62 -4.60
O MLY B 4 6.98 -0.31 -5.16
H MLY B 4 6.57 0.97 -3.22
HA MLY B 4 9.36 0.11 -3.08
HB2 MLY B 4 8.97 -2.02 -2.16
HB3 MLY B 4 7.96 -0.98 -1.15
HG2 MLY B 4 6.03 -1.61 -2.71
HG3 MLY B 4 7.09 -2.86 -3.37
HD2 MLY B 4 7.40 -3.20 -0.62
HD3 MLY B 4 5.71 -2.71 -0.72
HE2 MLY B 4 5.32 -4.56 -2.42
HE3 MLY B 4 7.00 -5.02 -2.28
HH11 MLY B 4 7.87 -5.80 -0.08
HH12 MLY B 4 6.98 -4.73 1.03
HH13 MLY B 4 6.73 -6.48 1.08
HH21 MLY B 4 3.71 -5.21 -0.66
HH22 MLY B 4 4.31 -5.98 0.82
HH23 MLY B 4 4.58 -4.24 0.57
HZ MLY B 4 5.73 -6.47 -1.03
N GLN B 5 8.98 -1.38 -5.18
CA GLN B 5 8.87 -2.01 -6.50
C GLN B 5 9.46 -3.42 -6.48
N THR B 6 8.89 -4.35 -7.25
CA THR B 6 9.37 -5.74 -7.36
C THR B 6 10.70 -5.85 -8.13
N ALA B 7 11.55 -6.80 -7.73
CA ALA B 7 12.79 -7.14 -8.44
C ALA B 7 12.51 -7.90 -9.77
N ARG B 8 13.48 -7.85 -10.70
CA ARG B 8 13.43 -8.53 -12.01
C ARG B 8 14.82 -8.89 -12.54
N LYS B 9 14.89 -9.95 -13.37
CA LYS B 9 16.09 -10.37 -14.12
C LYS B 9 16.34 -9.52 -15.38
N SER B 10 17.55 -9.61 -15.92
CA SER B 10 18.01 -8.95 -17.16
C SER B 10 18.00 -7.40 -17.11
N THR B 11 18.49 -6.76 -18.19
CA THR B 11 18.49 -5.29 -18.37
C THR B 11 17.05 -4.75 -18.39
N NH2 B 12 16.74 -3.82 -17.62
HN1 NH2 B 12 17.45 -3.42 -17.01
HN2 NH2 B 12 15.80 -3.47 -17.59
ZN ZN C . -5.15 3.14 6.08
ZN ZN D . -5.21 -3.91 -6.18
N GLY A 1 -3.67 -13.77 18.92
CA GLY A 1 -3.69 -13.42 17.48
C GLY A 1 -2.48 -12.59 17.07
N HIS A 2 -1.96 -12.81 15.85
CA HIS A 2 -0.70 -12.21 15.36
C HIS A 2 -0.74 -10.68 15.14
N MET A 3 -1.94 -10.10 15.00
CA MET A 3 -2.14 -8.66 14.73
C MET A 3 -1.69 -7.73 15.85
N ASP A 4 -1.81 -8.15 17.11
CA ASP A 4 -1.63 -7.30 18.31
C ASP A 4 -2.37 -5.94 18.26
N ARG A 5 -3.37 -5.84 17.39
CA ARG A 5 -4.10 -4.61 17.01
C ARG A 5 -3.20 -3.42 16.61
N TYR A 6 -1.93 -3.71 16.30
CA TYR A 6 -0.88 -2.74 16.00
C TYR A 6 -0.84 -2.33 14.52
N ASP A 7 -0.20 -1.18 14.24
CA ASP A 7 0.11 -0.75 12.88
C ASP A 7 1.36 -1.49 12.36
N PHE A 8 1.17 -2.33 11.35
CA PHE A 8 2.19 -3.15 10.69
C PHE A 8 2.07 -3.09 9.16
N GLU A 9 3.12 -3.50 8.46
CA GLU A 9 3.19 -3.58 7.00
C GLU A 9 2.21 -4.69 6.54
N VAL A 10 1.04 -4.26 6.03
CA VAL A 10 -0.13 -5.12 5.76
C VAL A 10 -0.70 -4.81 4.39
N VAL A 11 -0.52 -5.69 3.41
CA VAL A 11 -1.01 -5.45 2.05
C VAL A 11 -2.53 -5.64 2.03
N ARG A 12 -3.26 -4.53 2.06
CA ARG A 12 -4.72 -4.47 2.03
C ARG A 12 -5.16 -3.51 0.94
N CYS A 13 -5.33 -4.05 -0.26
CA CYS A 13 -5.94 -3.36 -1.40
C CYS A 13 -7.45 -3.59 -1.48
N ILE A 14 -8.18 -2.72 -2.20
CA ILE A 14 -9.60 -2.91 -2.59
C ILE A 14 -9.88 -4.22 -3.33
N CYS A 15 -8.79 -4.81 -3.81
CA CYS A 15 -8.73 -6.09 -4.49
C CYS A 15 -8.99 -7.27 -3.50
N GLU A 16 -8.89 -7.01 -2.18
CA GLU A 16 -8.95 -7.98 -1.07
C GLU A 16 -7.99 -9.16 -1.26
N VAL A 17 -6.82 -8.80 -1.80
CA VAL A 17 -5.68 -9.66 -2.07
C VAL A 17 -4.43 -9.04 -1.43
N GLN A 18 -3.60 -9.88 -0.82
CA GLN A 18 -2.27 -9.50 -0.34
C GLN A 18 -1.18 -9.63 -1.44
N GLU A 19 -1.58 -9.90 -2.70
CA GLU A 19 -0.71 -10.05 -3.88
C GLU A 19 0.06 -8.77 -4.15
N GLU A 20 1.26 -8.88 -4.70
CA GLU A 20 2.08 -7.78 -5.13
C GLU A 20 2.19 -7.69 -6.65
N ASN A 21 1.71 -6.56 -7.07
CA ASN A 21 1.84 -5.96 -8.39
C ASN A 21 3.29 -5.40 -8.55
N ASP A 22 3.61 -4.91 -9.74
CA ASP A 22 4.85 -4.17 -10.06
C ASP A 22 5.05 -2.91 -9.20
N PHE A 23 3.97 -2.28 -8.75
CA PHE A 23 3.98 -1.13 -7.85
C PHE A 23 3.06 -1.28 -6.62
N MET A 24 3.57 -0.95 -5.42
CA MET A 24 2.78 -0.83 -4.17
C MET A 24 3.17 0.42 -3.35
N ILE A 25 2.21 0.94 -2.56
CA ILE A 25 2.36 2.14 -1.70
C ILE A 25 1.84 1.83 -0.30
N GLN A 26 2.29 2.53 0.72
CA GLN A 26 1.84 2.35 2.11
C GLN A 26 0.98 3.51 2.58
N CYS A 27 -0.14 3.21 3.25
CA CYS A 27 -0.98 4.19 3.93
C CYS A 27 -0.23 4.83 5.07
N GLU A 28 -0.29 6.16 5.14
CA GLU A 28 0.37 6.90 6.23
C GLU A 28 -0.36 6.75 7.59
N GLU A 29 -1.63 6.32 7.58
CA GLU A 29 -2.47 6.27 8.79
C GLU A 29 -2.39 4.93 9.52
N CYS A 30 -2.62 3.83 8.77
CA CYS A 30 -2.64 2.48 9.30
C CYS A 30 -1.53 1.55 8.78
N GLN A 31 -0.60 2.07 7.98
CA GLN A 31 0.56 1.36 7.42
C GLN A 31 0.26 0.31 6.35
N CYS A 32 -0.98 0.15 5.91
CA CYS A 32 -1.28 -0.93 4.98
C CYS A 32 -0.80 -0.62 3.56
N TRP A 33 -0.46 -1.64 2.80
CA TRP A 33 0.09 -1.53 1.46
C TRP A 33 -0.92 -1.84 0.36
N GLN A 34 -0.86 -1.16 -0.77
CA GLN A 34 -1.82 -1.35 -1.87
C GLN A 34 -1.14 -1.24 -3.20
N HIS A 35 -1.77 -1.76 -4.24
CA HIS A 35 -1.33 -1.51 -5.60
C HIS A 35 -1.68 -0.07 -5.90
N GLY A 36 -0.70 0.77 -6.17
CA GLY A 36 -1.02 2.18 -6.39
C GLY A 36 -2.01 2.41 -7.53
N VAL A 37 -1.93 1.62 -8.59
CA VAL A 37 -2.78 1.75 -9.78
C VAL A 37 -4.26 1.42 -9.47
N CYS A 38 -4.53 0.71 -8.37
CA CYS A 38 -5.87 0.46 -7.82
C CYS A 38 -6.41 1.64 -7.01
N MET A 39 -5.49 2.41 -6.40
CA MET A 39 -5.72 3.54 -5.50
C MET A 39 -5.67 4.91 -6.23
N GLY A 40 -5.29 4.94 -7.52
CA GLY A 40 -5.11 6.15 -8.34
C GLY A 40 -3.78 6.86 -8.14
N LEU A 41 -2.74 6.11 -7.75
CA LEU A 41 -1.39 6.62 -7.55
C LEU A 41 -0.36 5.74 -8.29
N LEU A 42 0.75 6.33 -8.69
CA LEU A 42 1.89 5.77 -9.38
C LEU A 42 3.15 6.21 -8.64
N GLU A 43 4.30 5.60 -8.94
CA GLU A 43 5.59 6.07 -8.43
C GLU A 43 5.88 7.54 -8.80
N GLU A 44 5.30 8.05 -9.89
CA GLU A 44 5.36 9.49 -10.21
C GLU A 44 4.60 10.38 -9.21
N ASN A 45 3.44 9.92 -8.72
CA ASN A 45 2.54 10.75 -7.92
C ASN A 45 2.59 10.52 -6.40
N VAL A 46 3.45 9.63 -5.86
CA VAL A 46 3.41 9.20 -4.44
C VAL A 46 3.47 10.42 -3.52
N PRO A 47 2.37 10.68 -2.79
CA PRO A 47 2.30 11.79 -1.85
C PRO A 47 3.01 11.46 -0.54
N GLU A 48 3.26 12.48 0.25
CA GLU A 48 3.85 12.37 1.58
C GLU A 48 2.84 11.73 2.53
N LYS A 49 1.55 12.02 2.31
CA LYS A 49 0.44 11.44 3.04
C LYS A 49 -0.71 10.95 2.16
N TYR A 50 -0.51 9.73 1.64
CA TYR A 50 -1.61 9.01 0.99
C TYR A 50 -2.40 8.28 2.08
N THR A 51 -3.71 8.54 2.10
CA THR A 51 -4.72 7.83 2.90
C THR A 51 -5.39 6.73 2.08
N CYS A 52 -5.61 5.57 2.71
CA CYS A 52 -6.18 4.39 2.04
C CYS A 52 -7.67 4.36 2.23
N TYR A 53 -8.45 3.85 1.30
CA TYR A 53 -9.88 3.59 1.46
C TYR A 53 -10.36 3.01 2.82
N VAL A 54 -9.62 2.09 3.47
CA VAL A 54 -9.90 1.59 4.83
C VAL A 54 -9.89 2.73 5.87
N CYS A 55 -9.07 3.78 5.66
CA CYS A 55 -9.06 5.04 6.40
C CYS A 55 -9.93 6.13 5.73
N GLN A 56 -9.60 6.58 4.50
CA GLN A 56 -10.33 7.69 3.87
C GLN A 56 -11.66 7.35 3.17
N ASP A 57 -11.77 6.14 2.61
CA ASP A 57 -12.84 5.69 1.69
C ASP A 57 -12.82 6.53 0.38
N ALA B 1 4.39 8.47 2.42
CA ALA B 1 3.77 7.17 2.03
C ALA B 1 4.89 6.23 1.52
N ARG B 2 5.28 5.16 2.25
CA ARG B 2 6.34 4.21 1.85
C ARG B 2 6.03 3.58 0.47
N THR B 3 7.05 3.20 -0.31
CA THR B 3 6.87 2.60 -1.65
C THR B 3 7.91 1.54 -2.01
N MLY B 4 7.50 0.59 -2.88
CA MLY B 4 8.27 -0.58 -3.28
CB MLY B 4 8.02 -1.74 -2.28
CG MLY B 4 6.60 -2.32 -2.44
CD MLY B 4 6.12 -3.11 -1.20
CE MLY B 4 6.66 -4.56 -1.14
NZ MLY B 4 6.10 -5.38 -0.03
CH1 MLY B 4 6.42 -4.81 1.32
CH2 MLY B 4 4.63 -5.59 -0.13
C MLY B 4 7.94 -0.97 -4.72
O MLY B 4 6.81 -0.77 -5.18
H MLY B 4 6.56 0.67 -3.25
HA MLY B 4 9.33 -0.31 -3.24
HB2 MLY B 4 8.74 -2.54 -2.44
HB3 MLY B 4 8.12 -1.37 -1.27
HG2 MLY B 4 5.92 -1.49 -2.61
HG3 MLY B 4 6.58 -2.97 -3.32
HD2 MLY B 4 6.42 -2.56 -0.30
HD3 MLY B 4 5.04 -3.13 -1.21
HE2 MLY B 4 6.45 -5.04 -2.10
HE3 MLY B 4 7.75 -4.52 -1.05
HH11 MLY B 4 7.49 -4.61 1.40
HH12 MLY B 4 5.89 -3.87 1.51
HH13 MLY B 4 6.16 -5.51 2.11
HH21 MLY B 4 4.29 -6.36 0.56
HH22 MLY B 4 4.06 -4.68 0.08
HH23 MLY B 4 4.35 -5.92 -1.14
HZ MLY B 4 6.55 -6.30 -0.09
N GLN B 5 8.93 -1.55 -5.42
CA GLN B 5 8.80 -1.97 -6.83
C GLN B 5 9.30 -3.42 -7.08
N THR B 6 9.31 -4.25 -6.02
CA THR B 6 9.73 -5.67 -6.03
C THR B 6 11.20 -5.95 -6.42
N ALA B 7 12.05 -4.89 -6.41
CA ALA B 7 13.45 -4.94 -6.83
C ALA B 7 14.34 -3.97 -6.02
N ARG B 8 15.67 -4.16 -6.09
CA ARG B 8 16.72 -3.34 -5.45
C ARG B 8 16.56 -3.20 -3.91
N LYS B 9 16.05 -4.26 -3.26
CA LYS B 9 15.88 -4.36 -1.79
C LYS B 9 17.23 -4.30 -1.05
N SER B 10 17.26 -3.59 0.08
CA SER B 10 18.39 -3.59 1.03
C SER B 10 18.52 -4.92 1.81
N THR B 11 19.69 -5.15 2.43
CA THR B 11 20.02 -6.36 3.22
C THR B 11 19.06 -6.54 4.42
N NH2 B 12 18.34 -7.56 4.45
HN1 NH2 B 12 18.39 -8.24 3.72
HN2 NH2 B 12 17.70 -7.69 5.23
ZN ZN C . -5.16 3.19 6.09
ZN ZN D . -5.25 -3.90 -6.18
N GLY A 1 -6.13 -12.74 19.51
CA GLY A 1 -6.22 -12.00 18.22
C GLY A 1 -4.85 -11.62 17.69
N HIS A 2 -4.62 -11.76 16.38
CA HIS A 2 -3.32 -11.54 15.72
C HIS A 2 -2.91 -10.06 15.58
N MET A 3 -3.87 -9.12 15.65
CA MET A 3 -3.66 -7.69 15.40
C MET A 3 -2.76 -6.97 16.40
N ASP A 4 -2.80 -7.38 17.68
CA ASP A 4 -2.16 -6.68 18.82
C ASP A 4 -2.48 -5.16 18.90
N ARG A 5 -3.53 -4.74 18.19
CA ARG A 5 -3.94 -3.33 17.96
C ARG A 5 -2.83 -2.41 17.40
N TYR A 6 -1.75 -3.02 16.91
CA TYR A 6 -0.56 -2.37 16.37
C TYR A 6 -0.69 -2.03 14.87
N ASP A 7 0.07 -1.03 14.43
CA ASP A 7 0.25 -0.70 13.02
C ASP A 7 1.40 -1.54 12.41
N PHE A 8 1.08 -2.42 11.47
CA PHE A 8 2.00 -3.31 10.76
C PHE A 8 1.92 -3.13 9.24
N GLU A 9 3.00 -3.53 8.56
CA GLU A 9 3.10 -3.58 7.09
C GLU A 9 2.14 -4.69 6.59
N VAL A 10 0.99 -4.26 6.08
CA VAL A 10 -0.16 -5.13 5.75
C VAL A 10 -0.71 -4.81 4.38
N VAL A 11 -0.51 -5.68 3.40
CA VAL A 11 -0.99 -5.42 2.03
C VAL A 11 -2.51 -5.63 2.01
N ARG A 12 -3.25 -4.52 2.05
CA ARG A 12 -4.71 -4.48 2.01
C ARG A 12 -5.14 -3.50 0.94
N CYS A 13 -5.30 -4.03 -0.27
CA CYS A 13 -5.90 -3.34 -1.42
C CYS A 13 -7.42 -3.58 -1.50
N ILE A 14 -8.16 -2.71 -2.22
CA ILE A 14 -9.58 -2.90 -2.60
C ILE A 14 -9.84 -4.23 -3.34
N CYS A 15 -8.74 -4.80 -3.83
CA CYS A 15 -8.68 -6.08 -4.50
C CYS A 15 -8.94 -7.24 -3.50
N GLU A 16 -8.82 -6.97 -2.18
CA GLU A 16 -8.87 -7.89 -1.03
C GLU A 16 -7.98 -9.12 -1.22
N VAL A 17 -6.81 -8.80 -1.76
CA VAL A 17 -5.68 -9.66 -2.03
C VAL A 17 -4.43 -9.05 -1.39
N GLN A 18 -3.59 -9.89 -0.81
CA GLN A 18 -2.25 -9.51 -0.32
C GLN A 18 -1.14 -9.61 -1.41
N GLU A 19 -1.51 -9.87 -2.67
CA GLU A 19 -0.60 -9.99 -3.81
C GLU A 19 0.18 -8.69 -4.05
N GLU A 20 1.38 -8.78 -4.63
CA GLU A 20 2.15 -7.68 -5.12
C GLU A 20 2.18 -7.65 -6.64
N ASN A 21 1.67 -6.53 -7.08
CA ASN A 21 1.70 -5.97 -8.44
C ASN A 21 3.12 -5.41 -8.73
N ASP A 22 3.32 -4.85 -9.92
CA ASP A 22 4.54 -4.10 -10.31
C ASP A 22 4.82 -2.86 -9.43
N PHE A 23 3.80 -2.31 -8.75
CA PHE A 23 3.91 -1.16 -7.85
C PHE A 23 3.04 -1.29 -6.58
N MET A 24 3.56 -0.90 -5.40
CA MET A 24 2.81 -0.77 -4.13
C MET A 24 3.18 0.48 -3.32
N ILE A 25 2.23 1.01 -2.53
CA ILE A 25 2.37 2.21 -1.67
C ILE A 25 1.89 1.87 -0.27
N GLN A 26 2.33 2.60 0.75
CA GLN A 26 1.88 2.40 2.14
C GLN A 26 0.98 3.54 2.62
N CYS A 27 -0.14 3.21 3.28
CA CYS A 27 -1.01 4.17 3.94
C CYS A 27 -0.27 4.82 5.10
N GLU A 28 -0.30 6.14 5.16
CA GLU A 28 0.36 6.87 6.25
C GLU A 28 -0.38 6.73 7.61
N GLU A 29 -1.66 6.33 7.58
CA GLU A 29 -2.51 6.28 8.79
C GLU A 29 -2.44 4.94 9.51
N CYS A 30 -2.65 3.84 8.77
CA CYS A 30 -2.66 2.49 9.30
C CYS A 30 -1.55 1.55 8.79
N GLN A 31 -0.62 2.08 8.00
CA GLN A 31 0.56 1.36 7.45
C GLN A 31 0.27 0.30 6.38
N CYS A 32 -0.98 0.13 5.94
CA CYS A 32 -1.27 -0.93 5.01
C CYS A 32 -0.79 -0.61 3.59
N TRP A 33 -0.45 -1.64 2.82
CA TRP A 33 0.09 -1.52 1.48
C TRP A 33 -0.91 -1.82 0.37
N GLN A 34 -0.84 -1.11 -0.76
CA GLN A 34 -1.82 -1.31 -1.84
C GLN A 34 -1.13 -1.19 -3.17
N HIS A 35 -1.76 -1.74 -4.20
CA HIS A 35 -1.32 -1.47 -5.56
C HIS A 35 -1.68 -0.04 -5.87
N GLY A 36 -0.70 0.79 -6.14
CA GLY A 36 -1.02 2.20 -6.38
C GLY A 36 -2.01 2.41 -7.51
N VAL A 37 -1.92 1.60 -8.57
CA VAL A 37 -2.76 1.74 -9.77
C VAL A 37 -4.25 1.43 -9.47
N CYS A 38 -4.52 0.73 -8.36
CA CYS A 38 -5.86 0.47 -7.82
C CYS A 38 -6.42 1.65 -7.00
N MET A 39 -5.49 2.39 -6.38
CA MET A 39 -5.73 3.54 -5.50
C MET A 39 -5.65 4.90 -6.25
N GLY A 40 -5.27 4.91 -7.54
CA GLY A 40 -5.09 6.09 -8.38
C GLY A 40 -3.76 6.81 -8.20
N LEU A 41 -2.73 6.08 -7.78
CA LEU A 41 -1.38 6.60 -7.57
C LEU A 41 -0.34 5.71 -8.28
N LEU A 42 0.77 6.29 -8.68
CA LEU A 42 1.93 5.72 -9.35
C LEU A 42 3.17 6.16 -8.60
N GLU A 43 4.33 5.57 -8.89
CA GLU A 43 5.61 6.05 -8.36
C GLU A 43 5.90 7.52 -8.75
N GLU A 44 5.31 8.03 -9.85
CA GLU A 44 5.37 9.46 -10.18
C GLU A 44 4.59 10.36 -9.20
N ASN A 45 3.42 9.90 -8.73
CA ASN A 45 2.49 10.73 -7.96
C ASN A 45 2.55 10.53 -6.44
N VAL A 46 3.43 9.67 -5.90
CA VAL A 46 3.41 9.26 -4.48
C VAL A 46 3.44 10.49 -3.55
N PRO A 47 2.35 10.74 -2.82
CA PRO A 47 2.28 11.82 -1.86
C PRO A 47 3.02 11.44 -0.57
N GLU A 48 3.31 12.45 0.24
CA GLU A 48 3.92 12.30 1.56
C GLU A 48 2.92 11.59 2.49
N LYS A 49 1.62 11.92 2.33
CA LYS A 49 0.51 11.35 3.06
C LYS A 49 -0.63 10.88 2.17
N TYR A 50 -0.46 9.68 1.64
CA TYR A 50 -1.58 8.98 0.98
C TYR A 50 -2.38 8.26 2.08
N THR A 51 -3.69 8.50 2.08
CA THR A 51 -4.70 7.82 2.87
C THR A 51 -5.39 6.71 2.07
N CYS A 52 -5.61 5.55 2.69
CA CYS A 52 -6.18 4.37 2.02
C CYS A 52 -7.67 4.33 2.22
N TYR A 53 -8.45 3.80 1.29
CA TYR A 53 -9.88 3.54 1.44
C TYR A 53 -10.36 2.97 2.80
N VAL A 54 -9.61 2.07 3.45
CA VAL A 54 -9.90 1.57 4.80
C VAL A 54 -9.90 2.72 5.85
N CYS A 55 -9.08 3.76 5.64
CA CYS A 55 -9.08 5.02 6.37
C CYS A 55 -9.93 6.11 5.68
N GLN A 56 -9.59 6.56 4.46
CA GLN A 56 -10.33 7.66 3.82
C GLN A 56 -11.65 7.33 3.12
N ASP A 57 -11.77 6.11 2.57
CA ASP A 57 -12.83 5.65 1.64
C ASP A 57 -12.81 6.48 0.33
N ALA B 1 4.60 8.23 2.24
CA ALA B 1 3.80 6.97 1.99
C ALA B 1 4.68 5.72 1.62
N ARG B 2 5.89 5.57 2.18
CA ARG B 2 6.94 4.52 1.99
C ARG B 2 7.36 4.12 0.55
N THR B 3 6.48 3.43 -0.19
CA THR B 3 6.68 2.80 -1.52
C THR B 3 7.81 1.76 -1.67
N MLY B 4 7.61 0.76 -2.57
CA MLY B 4 8.50 -0.40 -2.65
CB MLY B 4 8.04 -1.46 -1.61
CG MLY B 4 6.74 -2.18 -2.01
CD MLY B 4 6.10 -3.00 -0.88
CE MLY B 4 6.76 -4.37 -0.65
NZ MLY B 4 6.05 -5.25 0.33
CH1 MLY B 4 5.94 -4.61 1.68
CH2 MLY B 4 4.70 -5.66 -0.14
C MLY B 4 8.64 -1.11 -3.99
O MLY B 4 9.60 -1.88 -4.13
H MLY B 4 6.75 0.75 -3.10
HA MLY B 4 9.49 -0.02 -2.43
HB2 MLY B 4 8.83 -2.21 -1.49
HB3 MLY B 4 7.91 -0.97 -0.64
HG2 MLY B 4 6.03 -1.42 -2.34
HG3 MLY B 4 6.92 -2.83 -2.87
HD2 MLY B 4 6.17 -2.41 0.04
HD3 MLY B 4 5.06 -3.12 -1.13
HE2 MLY B 4 6.82 -4.89 -1.62
HE3 MLY B 4 7.79 -4.21 -0.33
HH11 MLY B 4 5.58 -5.34 2.42
HH12 MLY B 4 6.91 -4.25 2.02
HH13 MLY B 4 5.24 -3.77 1.68
HH21 MLY B 4 3.98 -4.83 -0.13
HH22 MLY B 4 4.75 -6.04 -1.16
HH23 MLY B 4 4.30 -6.47 0.49
HZ MLY B 4 6.61 -6.10 0.44
N GLN B 5 7.73 -0.91 -4.97
CA GLN B 5 7.65 -1.73 -6.18
C GLN B 5 7.32 -3.20 -5.86
N THR B 6 8.32 -4.05 -5.57
CA THR B 6 8.19 -5.44 -5.10
C THR B 6 9.24 -5.81 -4.05
N ALA B 7 8.86 -6.66 -3.09
CA ALA B 7 9.79 -7.28 -2.14
C ALA B 7 10.53 -8.48 -2.78
N ARG B 8 9.80 -9.30 -3.55
CA ARG B 8 10.36 -10.37 -4.42
C ARG B 8 11.14 -9.77 -5.60
N LYS B 9 12.18 -10.47 -6.06
CA LYS B 9 12.99 -10.09 -7.24
C LYS B 9 12.25 -10.34 -8.55
N SER B 10 12.63 -9.62 -9.61
CA SER B 10 12.11 -9.82 -10.97
C SER B 10 12.55 -11.16 -11.56
N THR B 11 11.69 -11.77 -12.39
CA THR B 11 11.89 -13.11 -13.02
C THR B 11 11.11 -13.24 -14.34
N NH2 B 12 9.95 -12.77 -14.42
HN1 NH2 B 12 9.52 -12.33 -13.61
HN2 NH2 B 12 9.45 -12.82 -15.29
ZN ZN C . -5.19 3.16 6.08
ZN ZN D . -5.22 -3.90 -6.19
N GLY A 1 1.49 -10.19 23.47
CA GLY A 1 0.35 -11.05 23.06
C GLY A 1 0.47 -11.51 21.62
N HIS A 2 -0.67 -11.86 20.99
CA HIS A 2 -0.72 -12.32 19.58
C HIS A 2 -0.79 -11.14 18.59
N MET A 3 -1.84 -10.32 18.68
CA MET A 3 -2.10 -9.20 17.76
C MET A 3 -1.28 -7.93 18.08
N ASP A 4 -1.05 -7.67 19.36
CA ASP A 4 -0.43 -6.45 19.93
C ASP A 4 -1.01 -5.09 19.49
N ARG A 5 -2.15 -5.11 18.81
CA ARG A 5 -2.94 -3.94 18.36
C ARG A 5 -2.18 -2.89 17.54
N TYR A 6 -1.00 -3.26 17.05
CA TYR A 6 -0.02 -2.38 16.42
C TYR A 6 -0.27 -2.14 14.93
N ASP A 7 0.30 -1.04 14.41
CA ASP A 7 0.38 -0.75 12.98
C ASP A 7 1.54 -1.54 12.34
N PHE A 8 1.21 -2.47 11.44
CA PHE A 8 2.14 -3.33 10.71
C PHE A 8 2.02 -3.15 9.19
N GLU A 9 3.08 -3.56 8.48
CA GLU A 9 3.14 -3.61 7.01
C GLU A 9 2.17 -4.71 6.54
N VAL A 10 1.01 -4.28 6.04
CA VAL A 10 -0.16 -5.14 5.74
C VAL A 10 -0.71 -4.83 4.37
N VAL A 11 -0.54 -5.70 3.39
CA VAL A 11 -1.04 -5.45 2.03
C VAL A 11 -2.56 -5.63 2.02
N ARG A 12 -3.28 -4.51 2.05
CA ARG A 12 -4.74 -4.45 2.02
C ARG A 12 -5.18 -3.49 0.94
N CYS A 13 -5.34 -4.04 -0.26
CA CYS A 13 -5.93 -3.35 -1.41
C CYS A 13 -7.45 -3.59 -1.50
N ILE A 14 -8.18 -2.72 -2.22
CA ILE A 14 -9.60 -2.91 -2.62
C ILE A 14 -9.86 -4.22 -3.37
N CYS A 15 -8.78 -4.81 -3.84
CA CYS A 15 -8.72 -6.09 -4.53
C CYS A 15 -9.00 -7.26 -3.54
N GLU A 16 -8.92 -7.02 -2.22
CA GLU A 16 -8.98 -8.00 -1.12
C GLU A 16 -8.03 -9.18 -1.31
N VAL A 17 -6.86 -8.83 -1.85
CA VAL A 17 -5.71 -9.68 -2.11
C VAL A 17 -4.48 -9.07 -1.45
N GLN A 18 -3.65 -9.90 -0.85
CA GLN A 18 -2.31 -9.52 -0.35
C GLN A 18 -1.22 -9.64 -1.45
N GLU A 19 -1.59 -9.91 -2.71
CA GLU A 19 -0.70 -10.03 -3.86
C GLU A 19 0.11 -8.74 -4.08
N GLU A 20 1.33 -8.86 -4.60
CA GLU A 20 2.17 -7.77 -5.03
C GLU A 20 2.28 -7.70 -6.55
N ASN A 21 1.78 -6.57 -6.97
CA ASN A 21 1.90 -5.96 -8.30
C ASN A 21 3.34 -5.40 -8.46
N ASP A 22 3.66 -4.91 -9.66
CA ASP A 22 4.92 -4.19 -9.96
C ASP A 22 5.13 -2.92 -9.09
N PHE A 23 4.04 -2.27 -8.66
CA PHE A 23 4.04 -1.09 -7.79
C PHE A 23 3.13 -1.25 -6.56
N MET A 24 3.63 -0.92 -5.35
CA MET A 24 2.83 -0.81 -4.11
C MET A 24 3.18 0.45 -3.30
N ILE A 25 2.21 0.99 -2.56
CA ILE A 25 2.34 2.21 -1.70
C ILE A 25 1.86 1.87 -0.30
N GLN A 26 2.33 2.60 0.72
CA GLN A 26 1.89 2.37 2.10
C GLN A 26 1.00 3.51 2.60
N CYS A 27 -0.12 3.19 3.25
CA CYS A 27 -0.97 4.16 3.93
C CYS A 27 -0.24 4.80 5.09
N GLU A 28 -0.28 6.12 5.16
CA GLU A 28 0.38 6.85 6.25
C GLU A 28 -0.35 6.71 7.61
N GLU A 29 -1.64 6.30 7.60
CA GLU A 29 -2.48 6.24 8.80
C GLU A 29 -2.41 4.89 9.52
N CYS A 30 -2.63 3.81 8.76
CA CYS A 30 -2.63 2.45 9.28
C CYS A 30 -1.52 1.52 8.77
N GLN A 31 -0.59 2.05 7.97
CA GLN A 31 0.57 1.34 7.41
C GLN A 31 0.28 0.27 6.35
N CYS A 32 -0.96 0.12 5.90
CA CYS A 32 -1.26 -0.95 4.97
C CYS A 32 -0.79 -0.62 3.56
N TRP A 33 -0.45 -1.65 2.78
CA TRP A 33 0.10 -1.53 1.44
C TRP A 33 -0.91 -1.84 0.34
N GLN A 34 -0.85 -1.14 -0.80
CA GLN A 34 -1.81 -1.34 -1.88
C GLN A 34 -1.13 -1.22 -3.20
N HIS A 35 -1.74 -1.77 -4.23
CA HIS A 35 -1.28 -1.51 -5.59
C HIS A 35 -1.66 -0.08 -5.91
N GLY A 36 -0.70 0.78 -6.19
CA GLY A 36 -1.03 2.18 -6.42
C GLY A 36 -2.03 2.41 -7.55
N VAL A 37 -1.94 1.60 -8.60
CA VAL A 37 -2.80 1.74 -9.80
C VAL A 37 -4.27 1.40 -9.50
N CYS A 38 -4.53 0.69 -8.39
CA CYS A 38 -5.87 0.44 -7.82
C CYS A 38 -6.42 1.62 -7.02
N MET A 39 -5.50 2.40 -6.43
CA MET A 39 -5.74 3.53 -5.53
C MET A 39 -5.69 4.90 -6.25
N GLY A 40 -5.30 4.93 -7.54
CA GLY A 40 -5.16 6.14 -8.36
C GLY A 40 -3.81 6.85 -8.22
N LEU A 41 -2.77 6.11 -7.81
CA LEU A 41 -1.43 6.64 -7.58
C LEU A 41 -0.39 5.75 -8.31
N LEU A 42 0.73 6.34 -8.74
CA LEU A 42 1.87 5.76 -9.44
C LEU A 42 3.11 6.19 -8.67
N GLU A 43 4.26 5.59 -8.96
CA GLU A 43 5.55 6.05 -8.43
C GLU A 43 5.84 7.54 -8.75
N GLU A 44 5.26 8.08 -9.83
CA GLU A 44 5.32 9.53 -10.12
C GLU A 44 4.51 10.40 -9.16
N ASN A 45 3.33 9.94 -8.75
CA ASN A 45 2.39 10.74 -7.97
C ASN A 45 2.46 10.54 -6.46
N VAL A 46 3.34 9.67 -5.92
CA VAL A 46 3.34 9.26 -4.51
C VAL A 46 3.39 10.48 -3.59
N PRO A 47 2.30 10.74 -2.84
CA PRO A 47 2.25 11.84 -1.89
C PRO A 47 3.03 11.49 -0.62
N GLU A 48 3.28 12.50 0.23
CA GLU A 48 3.92 12.27 1.53
C GLU A 48 2.90 11.56 2.45
N LYS A 49 1.63 11.93 2.33
CA LYS A 49 0.52 11.35 3.08
C LYS A 49 -0.63 10.87 2.20
N TYR A 50 -0.45 9.68 1.66
CA TYR A 50 -1.56 8.97 1.02
C TYR A 50 -2.35 8.22 2.10
N THR A 51 -3.64 8.50 2.15
CA THR A 51 -4.64 7.78 2.95
C THR A 51 -5.31 6.70 2.10
N CYS A 52 -5.56 5.53 2.68
CA CYS A 52 -6.14 4.37 2.00
C CYS A 52 -7.65 4.35 2.20
N TYR A 53 -8.45 3.88 1.26
CA TYR A 53 -9.88 3.61 1.41
C TYR A 53 -10.35 3.04 2.77
N VAL A 54 -9.61 2.15 3.43
CA VAL A 54 -9.90 1.65 4.79
C VAL A 54 -9.88 2.79 5.84
N CYS A 55 -9.08 3.84 5.62
CA CYS A 55 -9.04 5.11 6.34
C CYS A 55 -9.84 6.24 5.65
N GLN A 56 -9.48 6.66 4.42
CA GLN A 56 -10.18 7.76 3.76
C GLN A 56 -11.59 7.44 3.22
N ASP A 57 -11.79 6.21 2.70
CA ASP A 57 -13.01 5.74 1.98
C ASP A 57 -13.33 6.55 0.70
N ALA B 1 4.64 8.18 2.18
CA ALA B 1 3.81 6.95 1.97
C ALA B 1 4.67 5.67 1.60
N ARG B 2 5.86 5.49 2.21
CA ARG B 2 6.93 4.44 2.01
C ARG B 2 7.34 4.07 0.57
N THR B 3 6.46 3.38 -0.16
CA THR B 3 6.62 2.82 -1.53
C THR B 3 7.73 1.80 -1.80
N MLY B 4 7.45 0.90 -2.75
CA MLY B 4 8.30 -0.22 -3.15
CB MLY B 4 8.07 -1.39 -2.16
CG MLY B 4 6.85 -2.27 -2.47
CD MLY B 4 6.53 -3.17 -1.27
CE MLY B 4 6.14 -4.60 -1.71
NZ MLY B 4 5.80 -5.54 -0.59
CH1 MLY B 4 6.88 -5.64 0.42
CH2 MLY B 4 4.50 -5.21 0.06
C MLY B 4 8.02 -0.63 -4.60
O MLY B 4 6.97 -0.30 -5.17
H MLY B 4 6.55 0.97 -3.22
HA MLY B 4 9.35 0.10 -3.08
HB2 MLY B 4 8.95 -2.04 -2.17
HB3 MLY B 4 7.96 -1.00 -1.15
HG2 MLY B 4 6.01 -1.61 -2.70
HG3 MLY B 4 7.06 -2.87 -3.36
HD2 MLY B 4 7.40 -3.21 -0.62
HD3 MLY B 4 5.70 -2.72 -0.71
HE2 MLY B 4 5.31 -4.55 -2.42
HE3 MLY B 4 6.98 -5.02 -2.26
HH11 MLY B 4 7.85 -5.82 -0.06
HH12 MLY B 4 6.95 -4.74 1.04
HH13 MLY B 4 6.68 -6.49 1.09
HH21 MLY B 4 4.54 -4.24 0.57
HH22 MLY B 4 3.69 -5.21 -0.66
HH23 MLY B 4 4.27 -5.97 0.81
HZ MLY B 4 5.70 -6.47 -1.01
N GLN B 5 8.94 -1.40 -5.18
CA GLN B 5 8.80 -2.06 -6.49
C GLN B 5 9.39 -3.49 -6.45
N THR B 6 8.85 -4.40 -7.26
CA THR B 6 9.37 -5.77 -7.41
C THR B 6 10.68 -5.84 -8.23
N ALA B 7 11.00 -4.78 -8.99
CA ALA B 7 12.25 -4.60 -9.72
C ALA B 7 12.65 -3.11 -9.81
N ARG B 8 13.95 -2.83 -9.98
CA ARG B 8 14.49 -1.47 -10.18
C ARG B 8 14.25 -0.94 -11.61
N LYS B 9 14.27 0.39 -11.78
CA LYS B 9 14.19 1.06 -13.09
C LYS B 9 15.44 0.79 -13.95
N SER B 10 15.27 0.87 -15.27
CA SER B 10 16.36 0.77 -16.27
C SER B 10 17.21 2.05 -16.42
N THR B 11 16.74 3.18 -15.87
CA THR B 11 17.40 4.51 -15.90
C THR B 11 18.73 4.55 -15.15
N NH2 B 12 19.72 5.08 -15.72
HN1 NH2 B 12 19.61 5.45 -16.65
HN2 NH2 B 12 20.61 5.14 -15.25
ZN ZN C . -5.16 3.16 6.06
ZN ZN D . -5.21 -3.91 -6.18
N GLY A 1 -6.59 -11.45 20.90
CA GLY A 1 -6.80 -11.33 19.44
C GLY A 1 -5.48 -11.18 18.68
N HIS A 2 -5.39 -11.72 17.46
CA HIS A 2 -4.14 -11.82 16.66
C HIS A 2 -3.59 -10.47 16.16
N MET A 3 -4.43 -9.43 16.10
CA MET A 3 -4.06 -8.09 15.61
C MET A 3 -3.01 -7.35 16.46
N ASP A 4 -3.02 -7.57 17.78
CA ASP A 4 -2.25 -6.81 18.78
C ASP A 4 -2.41 -5.28 18.77
N ARG A 5 -3.41 -4.80 18.02
CA ARG A 5 -3.81 -3.39 17.83
C ARG A 5 -2.69 -2.44 17.35
N TYR A 6 -1.59 -3.02 16.89
CA TYR A 6 -0.41 -2.35 16.35
C TYR A 6 -0.53 -2.04 14.85
N ASP A 7 0.18 -1.00 14.40
CA ASP A 7 0.36 -0.70 12.98
C ASP A 7 1.50 -1.54 12.38
N PHE A 8 1.16 -2.44 11.45
CA PHE A 8 2.08 -3.33 10.72
C PHE A 8 2.00 -3.13 9.20
N GLU A 9 3.06 -3.53 8.50
CA GLU A 9 3.15 -3.58 7.05
C GLU A 9 2.18 -4.68 6.56
N VAL A 10 1.02 -4.26 6.06
CA VAL A 10 -0.14 -5.13 5.75
C VAL A 10 -0.70 -4.81 4.38
N VAL A 11 -0.50 -5.70 3.40
CA VAL A 11 -1.01 -5.44 2.04
C VAL A 11 -2.53 -5.64 2.03
N ARG A 12 -3.25 -4.51 2.05
CA ARG A 12 -4.71 -4.46 2.01
C ARG A 12 -5.13 -3.48 0.91
N CYS A 13 -5.30 -4.02 -0.28
CA CYS A 13 -5.89 -3.32 -1.43
C CYS A 13 -7.41 -3.55 -1.51
N ILE A 14 -8.14 -2.68 -2.22
CA ILE A 14 -9.57 -2.86 -2.59
C ILE A 14 -9.84 -4.18 -3.32
N CYS A 15 -8.76 -4.78 -3.82
CA CYS A 15 -8.72 -6.06 -4.48
C CYS A 15 -8.98 -7.21 -3.46
N GLU A 16 -8.86 -6.93 -2.15
CA GLU A 16 -8.90 -7.86 -1.00
C GLU A 16 -8.02 -9.09 -1.18
N VAL A 17 -6.85 -8.78 -1.73
CA VAL A 17 -5.72 -9.64 -2.01
C VAL A 17 -4.47 -9.03 -1.37
N GLN A 18 -3.62 -9.88 -0.82
CA GLN A 18 -2.27 -9.50 -0.35
C GLN A 18 -1.19 -9.62 -1.46
N GLU A 19 -1.59 -9.89 -2.71
CA GLU A 19 -0.74 -10.04 -3.90
C GLU A 19 0.05 -8.76 -4.16
N GLU A 20 1.24 -8.87 -4.71
CA GLU A 20 2.07 -7.78 -5.15
C GLU A 20 2.18 -7.69 -6.67
N ASN A 21 1.69 -6.55 -7.08
CA ASN A 21 1.83 -5.94 -8.41
C ASN A 21 3.27 -5.40 -8.53
N ASP A 22 3.65 -4.91 -9.70
CA ASP A 22 4.94 -4.25 -9.93
C ASP A 22 5.09 -2.88 -9.22
N PHE A 23 4.00 -2.31 -8.70
CA PHE A 23 4.00 -1.13 -7.84
C PHE A 23 3.08 -1.28 -6.61
N MET A 24 3.59 -0.95 -5.41
CA MET A 24 2.80 -0.83 -4.18
C MET A 24 3.18 0.41 -3.35
N ILE A 25 2.23 0.95 -2.58
CA ILE A 25 2.38 2.14 -1.70
C ILE A 25 1.87 1.81 -0.32
N GLN A 26 2.30 2.53 0.71
CA GLN A 26 1.86 2.33 2.10
C GLN A 26 0.99 3.50 2.57
N CYS A 27 -0.12 3.20 3.24
CA CYS A 27 -0.97 4.17 3.91
C CYS A 27 -0.24 4.82 5.07
N GLU A 28 -0.30 6.14 5.14
CA GLU A 28 0.35 6.88 6.22
C GLU A 28 -0.39 6.75 7.58
N GLU A 29 -1.65 6.32 7.58
CA GLU A 29 -2.49 6.25 8.79
C GLU A 29 -2.42 4.91 9.51
N CYS A 30 -2.64 3.82 8.76
CA CYS A 30 -2.64 2.46 9.29
C CYS A 30 -1.54 1.53 8.78
N GLN A 31 -0.60 2.06 7.98
CA GLN A 31 0.56 1.35 7.41
C GLN A 31 0.27 0.29 6.35
N CYS A 32 -0.97 0.13 5.91
CA CYS A 32 -1.27 -0.95 4.97
C CYS A 32 -0.79 -0.63 3.56
N TRP A 33 -0.43 -1.64 2.79
CA TRP A 33 0.11 -1.54 1.45
C TRP A 33 -0.90 -1.84 0.35
N GLN A 34 -0.83 -1.17 -0.80
CA GLN A 34 -1.79 -1.34 -1.88
C GLN A 34 -1.12 -1.23 -3.21
N HIS A 35 -1.75 -1.77 -4.25
CA HIS A 35 -1.31 -1.51 -5.61
C HIS A 35 -1.67 -0.08 -5.92
N GLY A 36 -0.69 0.78 -6.19
CA GLY A 36 -1.03 2.18 -6.41
C GLY A 36 -2.01 2.42 -7.54
N VAL A 37 -1.92 1.61 -8.59
CA VAL A 37 -2.77 1.76 -9.80
C VAL A 37 -4.25 1.42 -9.50
N CYS A 38 -4.52 0.71 -8.39
CA CYS A 38 -5.86 0.46 -7.83
C CYS A 38 -6.39 1.65 -7.02
N MET A 39 -5.48 2.40 -6.41
CA MET A 39 -5.70 3.54 -5.51
C MET A 39 -5.66 4.90 -6.24
N GLY A 40 -5.28 4.93 -7.52
CA GLY A 40 -5.11 6.13 -8.35
C GLY A 40 -3.78 6.85 -8.14
N LEU A 41 -2.74 6.09 -7.75
CA LEU A 41 -1.39 6.61 -7.56
C LEU A 41 -0.36 5.73 -8.30
N LEU A 42 0.74 6.32 -8.71
CA LEU A 42 1.89 5.76 -9.40
C LEU A 42 3.15 6.20 -8.65
N GLU A 43 4.30 5.59 -8.94
CA GLU A 43 5.58 6.07 -8.44
C GLU A 43 5.87 7.54 -8.81
N GLU A 44 5.29 8.05 -9.90
CA GLU A 44 5.36 9.48 -10.22
C GLU A 44 4.60 10.38 -9.22
N ASN A 45 3.44 9.92 -8.73
CA ASN A 45 2.53 10.75 -7.93
C ASN A 45 2.59 10.52 -6.40
N VAL A 46 3.46 9.63 -5.87
CA VAL A 46 3.42 9.20 -4.45
C VAL A 46 3.47 10.43 -3.53
N PRO A 47 2.37 10.69 -2.80
CA PRO A 47 2.29 11.80 -1.87
C PRO A 47 3.03 11.50 -0.56
N GLU A 48 3.24 12.53 0.26
CA GLU A 48 3.84 12.34 1.59
C GLU A 48 2.80 11.72 2.53
N LYS A 49 1.51 12.03 2.32
CA LYS A 49 0.40 11.45 3.05
C LYS A 49 -0.73 10.93 2.16
N TYR A 50 -0.52 9.73 1.63
CA TYR A 50 -1.61 8.99 0.99
C TYR A 50 -2.40 8.26 2.09
N THR A 51 -3.70 8.51 2.13
CA THR A 51 -4.69 7.78 2.93
C THR A 51 -5.35 6.70 2.08
N CYS A 52 -5.58 5.52 2.67
CA CYS A 52 -6.16 4.35 2.00
C CYS A 52 -7.66 4.32 2.20
N TYR A 53 -8.46 3.83 1.26
CA TYR A 53 -9.89 3.55 1.41
C TYR A 53 -10.36 2.98 2.78
N VAL A 54 -9.61 2.09 3.44
CA VAL A 54 -9.90 1.60 4.81
C VAL A 54 -9.89 2.75 5.85
N CYS A 55 -9.08 3.80 5.63
CA CYS A 55 -9.06 5.07 6.35
C CYS A 55 -9.87 6.19 5.65
N GLN A 56 -9.51 6.61 4.41
CA GLN A 56 -10.22 7.71 3.75
C GLN A 56 -11.63 7.37 3.21
N ASP A 57 -11.82 6.14 2.71
CA ASP A 57 -13.04 5.66 2.01
C ASP A 57 -13.39 6.44 0.73
N ALA B 1 4.41 8.49 2.42
CA ALA B 1 3.80 7.19 2.04
C ALA B 1 4.93 6.25 1.54
N ARG B 2 5.28 5.16 2.25
CA ARG B 2 6.36 4.20 1.84
C ARG B 2 6.04 3.59 0.48
N THR B 3 7.05 3.21 -0.31
CA THR B 3 6.87 2.61 -1.65
C THR B 3 7.92 1.54 -2.01
N MLY B 4 7.52 0.62 -2.91
CA MLY B 4 8.30 -0.54 -3.33
CB MLY B 4 8.02 -1.71 -2.34
CG MLY B 4 6.62 -2.29 -2.51
CD MLY B 4 6.16 -3.12 -1.29
CE MLY B 4 6.50 -4.61 -1.41
NZ MLY B 4 6.08 -5.40 -0.21
CH1 MLY B 4 4.59 -5.45 -0.08
CH2 MLY B 4 6.61 -6.78 -0.32
C MLY B 4 7.94 -0.93 -4.78
O MLY B 4 6.89 -0.54 -5.29
H MLY B 4 6.58 0.70 -3.29
HA MLY B 4 9.36 -0.28 -3.30
HB2 MLY B 4 8.76 -2.50 -2.49
HB3 MLY B 4 8.13 -1.33 -1.32
HG2 MLY B 4 5.94 -1.45 -2.63
HG3 MLY B 4 6.58 -2.89 -3.41
HD2 MLY B 4 6.60 -2.70 -0.37
HD3 MLY B 4 5.08 -3.00 -1.19
HE2 MLY B 4 6.05 -5.01 -2.32
HE3 MLY B 4 7.59 -4.69 -1.54
HH11 MLY B 4 4.12 -5.86 -0.99
HH12 MLY B 4 4.31 -6.10 0.75
HH13 MLY B 4 4.16 -4.46 0.13
HH21 MLY B 4 6.32 -7.38 0.54
HH22 MLY B 4 6.24 -7.28 -1.23
HH23 MLY B 4 7.70 -6.77 -0.36
HZ MLY B 4 6.47 -4.97 0.61
N GLN B 5 8.81 -1.74 -5.39
CA GLN B 5 8.62 -2.31 -6.74
C GLN B 5 9.05 -3.78 -6.78
N THR B 6 8.32 -4.62 -7.53
CA THR B 6 8.52 -6.08 -7.51
C THR B 6 9.61 -6.55 -8.49
N ALA B 7 9.61 -6.05 -9.73
CA ALA B 7 10.69 -6.26 -10.70
C ALA B 7 11.81 -5.20 -10.55
N ARG B 8 12.92 -5.38 -11.31
CA ARG B 8 14.16 -4.55 -11.38
C ARG B 8 15.01 -4.54 -10.09
N LYS B 9 14.39 -4.35 -8.93
CA LYS B 9 14.97 -4.50 -7.57
C LYS B 9 16.26 -3.67 -7.34
N SER B 10 16.33 -2.49 -7.93
CA SER B 10 17.49 -1.57 -7.88
C SER B 10 17.07 -0.10 -8.05
N THR B 11 17.82 0.82 -7.44
CA THR B 11 17.58 2.29 -7.44
C THR B 11 17.83 2.94 -8.80
N NH2 B 12 16.95 3.70 -9.27
HN1 NH2 B 12 16.09 3.85 -8.75
HN2 NH2 B 12 17.09 4.16 -10.15
ZN ZN C . -5.16 3.15 6.06
ZN ZN D . -5.25 -3.89 -6.20
N GLY A 1 -9.41 -11.54 18.56
CA GLY A 1 -8.26 -11.85 17.66
C GLY A 1 -6.97 -11.19 18.14
N HIS A 2 -5.82 -11.73 17.73
CA HIS A 2 -4.47 -11.30 18.17
C HIS A 2 -3.98 -10.03 17.44
N MET A 3 -4.72 -8.92 17.60
CA MET A 3 -4.44 -7.63 16.94
C MET A 3 -3.15 -6.95 17.40
N ASP A 4 -2.80 -7.11 18.67
CA ASP A 4 -1.73 -6.43 19.42
C ASP A 4 -1.72 -4.89 19.36
N ARG A 5 -2.77 -4.30 18.82
CA ARG A 5 -3.06 -2.84 18.72
C ARG A 5 -1.98 -2.01 18.00
N TYR A 6 -1.01 -2.70 17.39
CA TYR A 6 0.10 -2.15 16.63
C TYR A 6 -0.25 -1.88 15.15
N ASP A 7 0.47 -0.93 14.54
CA ASP A 7 0.46 -0.70 13.10
C ASP A 7 1.54 -1.56 12.44
N PHE A 8 1.13 -2.45 11.53
CA PHE A 8 1.98 -3.40 10.80
C PHE A 8 1.91 -3.20 9.27
N GLU A 9 2.97 -3.63 8.59
CA GLU A 9 3.08 -3.67 7.13
C GLU A 9 2.09 -4.75 6.62
N VAL A 10 0.96 -4.30 6.09
CA VAL A 10 -0.21 -5.14 5.75
C VAL A 10 -0.74 -4.82 4.37
N VAL A 11 -0.55 -5.70 3.39
CA VAL A 11 -1.05 -5.44 2.04
C VAL A 11 -2.57 -5.63 2.02
N ARG A 12 -3.30 -4.51 2.06
CA ARG A 12 -4.75 -4.46 2.02
C ARG A 12 -5.18 -3.49 0.94
N CYS A 13 -5.35 -4.04 -0.27
CA CYS A 13 -5.94 -3.35 -1.41
C CYS A 13 -7.46 -3.59 -1.51
N ILE A 14 -8.18 -2.71 -2.23
CA ILE A 14 -9.60 -2.90 -2.63
C ILE A 14 -9.87 -4.22 -3.37
N CYS A 15 -8.77 -4.81 -3.85
CA CYS A 15 -8.71 -6.08 -4.53
C CYS A 15 -8.99 -7.25 -3.55
N GLU A 16 -8.92 -7.01 -2.22
CA GLU A 16 -8.98 -7.99 -1.12
C GLU A 16 -8.03 -9.17 -1.32
N VAL A 17 -6.85 -8.82 -1.85
CA VAL A 17 -5.71 -9.67 -2.10
C VAL A 17 -4.48 -9.05 -1.44
N GLN A 18 -3.65 -9.90 -0.84
CA GLN A 18 -2.32 -9.51 -0.34
C GLN A 18 -1.22 -9.64 -1.43
N GLU A 19 -1.60 -9.90 -2.69
CA GLU A 19 -0.69 -10.03 -3.85
C GLU A 19 0.12 -8.74 -4.07
N GLU A 20 1.33 -8.87 -4.59
CA GLU A 20 2.18 -7.78 -5.01
C GLU A 20 2.29 -7.72 -6.53
N ASN A 21 1.82 -6.58 -6.96
CA ASN A 21 1.94 -5.98 -8.28
C ASN A 21 3.38 -5.44 -8.46
N ASP A 22 3.66 -4.88 -9.64
CA ASP A 22 4.89 -4.14 -9.97
C ASP A 22 5.13 -2.92 -9.06
N PHE A 23 4.04 -2.23 -8.67
CA PHE A 23 4.04 -1.07 -7.79
C PHE A 23 3.13 -1.23 -6.55
N MET A 24 3.62 -0.90 -5.35
CA MET A 24 2.82 -0.80 -4.11
C MET A 24 3.18 0.44 -3.29
N ILE A 25 2.20 1.01 -2.56
CA ILE A 25 2.34 2.21 -1.70
C ILE A 25 1.87 1.87 -0.30
N GLN A 26 2.32 2.59 0.72
CA GLN A 26 1.89 2.36 2.11
C GLN A 26 1.00 3.51 2.60
N CYS A 27 -0.12 3.19 3.26
CA CYS A 27 -0.98 4.15 3.94
C CYS A 27 -0.23 4.79 5.09
N GLU A 28 -0.26 6.11 5.17
CA GLU A 28 0.40 6.84 6.25
C GLU A 28 -0.33 6.70 7.61
N GLU A 29 -1.62 6.29 7.60
CA GLU A 29 -2.45 6.24 8.81
C GLU A 29 -2.38 4.90 9.52
N CYS A 30 -2.60 3.81 8.76
CA CYS A 30 -2.61 2.46 9.29
C CYS A 30 -1.50 1.52 8.78
N GLN A 31 -0.56 2.05 7.99
CA GLN A 31 0.59 1.33 7.42
C GLN A 31 0.29 0.27 6.34
N CYS A 32 -0.96 0.12 5.91
CA CYS A 32 -1.27 -0.95 4.98
C CYS A 32 -0.79 -0.63 3.56
N TRP A 33 -0.45 -1.64 2.79
CA TRP A 33 0.09 -1.52 1.45
C TRP A 33 -0.93 -1.83 0.36
N GLN A 34 -0.86 -1.14 -0.78
CA GLN A 34 -1.82 -1.32 -1.86
C GLN A 34 -1.13 -1.21 -3.19
N HIS A 35 -1.74 -1.76 -4.22
CA HIS A 35 -1.29 -1.50 -5.57
C HIS A 35 -1.67 -0.07 -5.90
N GLY A 36 -0.70 0.78 -6.19
CA GLY A 36 -1.05 2.18 -6.42
C GLY A 36 -2.05 2.42 -7.54
N VAL A 37 -1.94 1.63 -8.60
CA VAL A 37 -2.80 1.76 -9.79
C VAL A 37 -4.28 1.42 -9.50
N CYS A 38 -4.54 0.70 -8.39
CA CYS A 38 -5.87 0.44 -7.83
C CYS A 38 -6.43 1.62 -7.02
N MET A 39 -5.51 2.39 -6.42
CA MET A 39 -5.76 3.52 -5.52
C MET A 39 -5.72 4.89 -6.25
N GLY A 40 -5.34 4.92 -7.54
CA GLY A 40 -5.18 6.12 -8.36
C GLY A 40 -3.86 6.84 -8.18
N LEU A 41 -2.81 6.11 -7.76
CA LEU A 41 -1.47 6.64 -7.56
C LEU A 41 -0.43 5.76 -8.28
N LEU A 42 0.65 6.37 -8.70
CA LEU A 42 1.80 5.81 -9.40
C LEU A 42 3.06 6.27 -8.68
N GLU A 43 4.20 5.65 -8.97
CA GLU A 43 5.50 6.12 -8.50
C GLU A 43 5.82 7.58 -8.89
N GLU A 44 5.20 8.10 -9.96
CA GLU A 44 5.25 9.53 -10.28
C GLU A 44 4.50 10.42 -9.28
N ASN A 45 3.34 9.97 -8.77
CA ASN A 45 2.44 10.79 -7.97
C ASN A 45 2.51 10.56 -6.45
N VAL A 46 3.39 9.69 -5.93
CA VAL A 46 3.37 9.26 -4.51
C VAL A 46 3.43 10.48 -3.58
N PRO A 47 2.34 10.74 -2.84
CA PRO A 47 2.29 11.83 -1.88
C PRO A 47 3.06 11.49 -0.61
N GLU A 48 3.31 12.48 0.23
CA GLU A 48 3.93 12.27 1.54
C GLU A 48 2.94 11.56 2.46
N LYS A 49 1.65 11.92 2.33
CA LYS A 49 0.54 11.35 3.07
C LYS A 49 -0.61 10.88 2.18
N TYR A 50 -0.44 9.67 1.65
CA TYR A 50 -1.55 8.97 1.01
C TYR A 50 -2.35 8.24 2.10
N THR A 51 -3.65 8.51 2.12
CA THR A 51 -4.67 7.82 2.91
C THR A 51 -5.35 6.73 2.11
N CYS A 52 -5.58 5.56 2.71
CA CYS A 52 -6.15 4.39 2.04
C CYS A 52 -7.65 4.37 2.23
N TYR A 53 -8.43 3.85 1.30
CA TYR A 53 -9.86 3.61 1.46
C TYR A 53 -10.36 3.03 2.81
N VAL A 54 -9.62 2.12 3.45
CA VAL A 54 -9.91 1.61 4.80
C VAL A 54 -9.88 2.75 5.86
N CYS A 55 -9.07 3.78 5.65
CA CYS A 55 -9.05 5.04 6.39
C CYS A 55 -9.90 6.15 5.71
N GLN A 56 -9.56 6.60 4.49
CA GLN A 56 -10.29 7.72 3.86
C GLN A 56 -11.62 7.39 3.15
N ASP A 57 -11.74 6.18 2.59
CA ASP A 57 -12.80 5.73 1.66
C ASP A 57 -12.77 6.56 0.35
N ALA B 1 4.66 8.20 2.18
CA ALA B 1 3.83 6.95 1.97
C ALA B 1 4.68 5.68 1.62
N ARG B 2 5.89 5.51 2.20
CA ARG B 2 6.95 4.46 2.01
C ARG B 2 7.37 4.08 0.57
N THR B 3 6.47 3.41 -0.16
CA THR B 3 6.62 2.82 -1.52
C THR B 3 7.73 1.79 -1.76
N MLY B 4 7.43 0.89 -2.72
CA MLY B 4 8.27 -0.22 -3.13
CB MLY B 4 8.06 -1.40 -2.17
CG MLY B 4 6.84 -2.27 -2.48
CD MLY B 4 6.52 -3.18 -1.27
CE MLY B 4 6.16 -4.62 -1.71
NZ MLY B 4 5.82 -5.57 -0.59
CH1 MLY B 4 6.91 -5.65 0.42
CH2 MLY B 4 4.52 -5.25 0.06
C MLY B 4 7.99 -0.59 -4.59
O MLY B 4 6.90 -0.35 -5.11
H MLY B 4 6.53 0.96 -3.19
HA MLY B 4 9.32 0.10 -3.07
HB2 MLY B 4 8.95 -2.05 -2.19
HB3 MLY B 4 7.97 -1.02 -1.14
HG2 MLY B 4 6.00 -1.61 -2.68
HG3 MLY B 4 7.04 -2.87 -3.36
HD2 MLY B 4 7.38 -3.21 -0.61
HD3 MLY B 4 5.68 -2.74 -0.71
HE2 MLY B 4 5.34 -4.59 -2.43
HE3 MLY B 4 7.01 -5.03 -2.26
HH11 MLY B 4 6.73 -6.50 1.09
HH12 MLY B 4 7.87 -5.83 -0.06
HH13 MLY B 4 6.96 -4.75 1.03
HH21 MLY B 4 4.30 -6.02 0.82
HH22 MLY B 4 4.54 -4.28 0.55
HH23 MLY B 4 3.70 -5.28 -0.67
HZ MLY B 4 5.74 -6.50 -1.02
N GLN B 5 8.98 -1.22 -5.24
CA GLN B 5 8.91 -1.70 -6.64
C GLN B 5 9.65 -3.03 -6.79
N THR B 6 9.19 -3.89 -7.69
CA THR B 6 9.83 -5.17 -8.07
C THR B 6 11.01 -4.99 -9.07
N ALA B 7 11.86 -3.98 -8.81
CA ALA B 7 12.93 -3.47 -9.69
C ALA B 7 12.43 -3.00 -11.09
N ARG B 8 13.37 -2.62 -11.97
CA ARG B 8 13.13 -2.16 -13.35
C ARG B 8 14.08 -2.84 -14.36
N LYS B 9 13.67 -2.93 -15.62
CA LYS B 9 14.45 -3.50 -16.73
C LYS B 9 15.71 -2.67 -17.08
N SER B 10 16.66 -3.31 -17.76
CA SER B 10 17.93 -2.72 -18.20
C SER B 10 18.48 -3.39 -19.49
N THR B 11 19.39 -2.71 -20.19
CA THR B 11 20.07 -3.19 -21.40
C THR B 11 21.18 -4.20 -21.08
N NH2 B 12 21.12 -5.35 -21.60
HN1 NH2 B 12 20.36 -5.58 -22.22
HN2 NH2 B 12 21.83 -6.03 -21.39
ZN ZN C . -5.15 3.15 6.08
ZN ZN D . -5.21 -3.91 -6.18
N GLY A 1 -10.66 -10.60 16.96
CA GLY A 1 -10.49 -9.20 16.46
C GLY A 1 -9.28 -9.07 15.54
N HIS A 2 -9.47 -8.52 14.35
CA HIS A 2 -8.44 -8.41 13.29
C HIS A 2 -7.41 -7.30 13.50
N MET A 3 -7.72 -6.29 14.33
CA MET A 3 -6.92 -5.06 14.48
C MET A 3 -5.52 -5.26 15.09
N ASP A 4 -5.38 -6.22 15.99
CA ASP A 4 -4.19 -6.45 16.84
C ASP A 4 -3.66 -5.24 17.63
N ARG A 5 -4.43 -4.15 17.65
CA ARG A 5 -4.16 -2.84 18.29
C ARG A 5 -2.84 -2.17 17.86
N TYR A 6 -2.28 -2.65 16.75
CA TYR A 6 -0.95 -2.31 16.22
C TYR A 6 -0.98 -1.93 14.74
N ASP A 7 -0.09 -1.02 14.34
CA ASP A 7 0.18 -0.69 12.94
C ASP A 7 1.33 -1.56 12.40
N PHE A 8 1.02 -2.45 11.44
CA PHE A 8 1.95 -3.34 10.76
C PHE A 8 1.91 -3.18 9.23
N GLU A 9 2.98 -3.62 8.56
CA GLU A 9 3.09 -3.67 7.10
C GLU A 9 2.12 -4.75 6.59
N VAL A 10 0.97 -4.30 6.07
CA VAL A 10 -0.19 -5.15 5.74
C VAL A 10 -0.72 -4.82 4.36
N VAL A 11 -0.54 -5.70 3.38
CA VAL A 11 -1.03 -5.43 2.02
C VAL A 11 -2.55 -5.61 2.01
N ARG A 12 -3.29 -4.50 2.04
CA ARG A 12 -4.74 -4.45 1.99
C ARG A 12 -5.17 -3.48 0.92
N CYS A 13 -5.31 -4.01 -0.29
CA CYS A 13 -5.91 -3.31 -1.44
C CYS A 13 -7.43 -3.55 -1.52
N ILE A 14 -8.16 -2.68 -2.24
CA ILE A 14 -9.59 -2.86 -2.62
C ILE A 14 -9.85 -4.17 -3.37
N CYS A 15 -8.78 -4.76 -3.85
CA CYS A 15 -8.73 -6.05 -4.51
C CYS A 15 -9.01 -7.20 -3.50
N GLU A 16 -8.88 -6.92 -2.18
CA GLU A 16 -8.95 -7.85 -1.04
C GLU A 16 -8.06 -9.08 -1.22
N VAL A 17 -6.89 -8.77 -1.77
CA VAL A 17 -5.76 -9.65 -2.03
C VAL A 17 -4.53 -9.04 -1.39
N GLN A 18 -3.68 -9.89 -0.82
CA GLN A 18 -2.34 -9.51 -0.35
C GLN A 18 -1.25 -9.64 -1.46
N GLU A 19 -1.63 -9.89 -2.71
CA GLU A 19 -0.75 -10.02 -3.88
C GLU A 19 0.06 -8.75 -4.09
N GLU A 20 1.28 -8.87 -4.60
CA GLU A 20 2.15 -7.79 -5.01
C GLU A 20 2.28 -7.72 -6.54
N ASN A 21 1.81 -6.59 -6.96
CA ASN A 21 1.94 -5.99 -8.28
C ASN A 21 3.38 -5.43 -8.43
N ASP A 22 3.68 -4.91 -9.62
CA ASP A 22 4.93 -4.18 -9.92
C ASP A 22 5.14 -2.93 -9.04
N PHE A 23 4.05 -2.24 -8.69
CA PHE A 23 4.04 -1.07 -7.80
C PHE A 23 3.13 -1.23 -6.58
N MET A 24 3.62 -0.90 -5.36
CA MET A 24 2.83 -0.80 -4.12
C MET A 24 3.19 0.45 -3.30
N ILE A 25 2.22 0.99 -2.56
CA ILE A 25 2.35 2.20 -1.70
C ILE A 25 1.88 1.87 -0.30
N GLN A 26 2.35 2.59 0.72
CA GLN A 26 1.91 2.37 2.11
C GLN A 26 1.01 3.51 2.61
N CYS A 27 -0.10 3.19 3.26
CA CYS A 27 -0.96 4.15 3.93
C CYS A 27 -0.22 4.78 5.08
N GLU A 28 -0.26 6.11 5.17
CA GLU A 28 0.40 6.84 6.25
C GLU A 28 -0.34 6.70 7.61
N GLU A 29 -1.61 6.29 7.59
CA GLU A 29 -2.47 6.23 8.79
C GLU A 29 -2.40 4.89 9.51
N CYS A 30 -2.61 3.80 8.76
CA CYS A 30 -2.62 2.45 9.29
C CYS A 30 -1.51 1.51 8.78
N GLN A 31 -0.57 2.05 7.98
CA GLN A 31 0.58 1.33 7.41
C GLN A 31 0.29 0.27 6.34
N CYS A 32 -0.96 0.12 5.90
CA CYS A 32 -1.26 -0.94 4.96
C CYS A 32 -0.79 -0.63 3.55
N TRP A 33 -0.45 -1.65 2.78
CA TRP A 33 0.10 -1.54 1.44
C TRP A 33 -0.92 -1.83 0.35
N GLN A 34 -0.85 -1.13 -0.79
CA GLN A 34 -1.81 -1.32 -1.88
C GLN A 34 -1.13 -1.22 -3.20
N HIS A 35 -1.75 -1.76 -4.24
CA HIS A 35 -1.30 -1.50 -5.58
C HIS A 35 -1.66 -0.08 -5.91
N GLY A 36 -0.69 0.78 -6.18
CA GLY A 36 -1.03 2.18 -6.42
C GLY A 36 -2.02 2.41 -7.54
N VAL A 37 -1.92 1.62 -8.61
CA VAL A 37 -2.77 1.76 -9.80
C VAL A 37 -4.26 1.43 -9.51
N CYS A 38 -4.52 0.71 -8.41
CA CYS A 38 -5.86 0.45 -7.85
C CYS A 38 -6.41 1.64 -7.04
N MET A 39 -5.50 2.38 -6.41
CA MET A 39 -5.74 3.52 -5.52
C MET A 39 -5.70 4.88 -6.26
N GLY A 40 -5.32 4.91 -7.55
CA GLY A 40 -5.16 6.11 -8.38
C GLY A 40 -3.83 6.84 -8.19
N LEU A 41 -2.79 6.10 -7.78
CA LEU A 41 -1.45 6.63 -7.57
C LEU A 41 -0.41 5.75 -8.28
N LEU A 42 0.70 6.35 -8.70
CA LEU A 42 1.83 5.78 -9.40
C LEU A 42 3.09 6.23 -8.66
N GLU A 43 4.24 5.64 -8.97
CA GLU A 43 5.54 6.13 -8.47
C GLU A 43 5.81 7.60 -8.85
N GLU A 44 5.20 8.11 -9.93
CA GLU A 44 5.24 9.55 -10.26
C GLU A 44 4.48 10.43 -9.26
N ASN A 45 3.32 9.96 -8.77
CA ASN A 45 2.41 10.78 -7.96
C ASN A 45 2.49 10.56 -6.45
N VAL A 46 3.37 9.69 -5.92
CA VAL A 46 3.36 9.27 -4.51
C VAL A 46 3.40 10.48 -3.58
N PRO A 47 2.31 10.74 -2.84
CA PRO A 47 2.26 11.85 -1.90
C PRO A 47 3.05 11.51 -0.63
N GLU A 48 3.28 12.52 0.22
CA GLU A 48 3.91 12.30 1.52
C GLU A 48 2.91 11.57 2.43
N LYS A 49 1.63 11.93 2.32
CA LYS A 49 0.52 11.35 3.06
C LYS A 49 -0.62 10.87 2.18
N TYR A 50 -0.45 9.66 1.65
CA TYR A 50 -1.57 8.95 1.01
C TYR A 50 -2.36 8.23 2.10
N THR A 51 -3.66 8.50 2.12
CA THR A 51 -4.68 7.81 2.91
C THR A 51 -5.36 6.71 2.09
N CYS A 52 -5.59 5.54 2.71
CA CYS A 52 -6.16 4.37 2.03
C CYS A 52 -7.65 4.34 2.22
N TYR A 53 -8.43 3.82 1.29
CA TYR A 53 -9.86 3.56 1.46
C TYR A 53 -10.35 2.98 2.81
N VAL A 54 -9.60 2.09 3.46
CA VAL A 54 -9.90 1.59 4.81
C VAL A 54 -9.88 2.73 5.87
N CYS A 55 -9.05 3.76 5.65
CA CYS A 55 -9.04 5.01 6.39
C CYS A 55 -9.90 6.12 5.72
N GLN A 56 -9.56 6.57 4.49
CA GLN A 56 -10.31 7.68 3.87
C GLN A 56 -11.63 7.34 3.16
N ASP A 57 -11.75 6.13 2.60
CA ASP A 57 -12.81 5.68 1.68
C ASP A 57 -12.81 6.51 0.38
N ALA B 1 4.65 8.19 2.19
CA ALA B 1 3.82 6.95 1.99
C ALA B 1 4.67 5.67 1.64
N ARG B 2 5.87 5.49 2.24
CA ARG B 2 6.94 4.46 2.04
C ARG B 2 7.35 4.09 0.59
N THR B 3 6.47 3.41 -0.14
CA THR B 3 6.62 2.84 -1.50
C THR B 3 7.73 1.81 -1.77
N MLY B 4 7.45 0.94 -2.74
CA MLY B 4 8.29 -0.17 -3.17
CB MLY B 4 8.07 -1.36 -2.22
CG MLY B 4 6.80 -2.17 -2.51
CD MLY B 4 6.50 -3.13 -1.34
CE MLY B 4 6.11 -4.53 -1.86
NZ MLY B 4 5.82 -5.56 -0.81
CH1 MLY B 4 6.94 -5.73 0.15
CH2 MLY B 4 4.55 -5.29 -0.07
C MLY B 4 8.00 -0.52 -4.64
O MLY B 4 6.92 -0.26 -5.14
H MLY B 4 6.56 1.02 -3.21
HA MLY B 4 9.35 0.14 -3.09
HB2 MLY B 4 8.92 -2.03 -2.28
HB3 MLY B 4 8.00 -0.99 -1.19
HG2 MLY B 4 5.97 -1.48 -2.64
HG3 MLY B 4 6.94 -2.73 -3.44
HD2 MLY B 4 7.39 -3.22 -0.71
HD3 MLY B 4 5.70 -2.71 -0.74
HE2 MLY B 4 5.24 -4.44 -2.53
HE3 MLY B 4 6.92 -4.91 -2.48
HH11 MLY B 4 7.88 -5.86 -0.39
HH12 MLY B 4 7.03 -4.87 0.82
HH13 MLY B 4 6.79 -6.62 0.76
HH21 MLY B 4 3.69 -5.26 -0.76
HH22 MLY B 4 4.35 -6.09 0.64
HH23 MLY B 4 4.59 -4.35 0.47
HZ MLY B 4 5.72 -6.45 -1.32
N GLN B 5 8.97 -1.17 -5.29
CA GLN B 5 8.88 -1.64 -6.69
C GLN B 5 9.56 -3.01 -6.87
N THR B 6 9.06 -3.81 -7.82
CA THR B 6 9.70 -5.06 -8.27
C THR B 6 9.34 -5.40 -9.73
N ALA B 7 10.28 -6.03 -10.45
CA ALA B 7 10.05 -6.60 -11.78
C ALA B 7 9.68 -8.10 -11.76
N ARG B 8 9.89 -8.80 -10.62
CA ARG B 8 9.78 -10.28 -10.54
C ARG B 8 9.11 -10.83 -9.27
N LYS B 9 8.92 -10.02 -8.21
CA LYS B 9 8.50 -10.45 -6.86
C LYS B 9 9.42 -11.56 -6.29
N SER B 10 10.73 -11.43 -6.53
CA SER B 10 11.77 -12.37 -6.10
C SER B 10 12.06 -12.30 -4.59
N THR B 11 12.66 -13.38 -4.05
CA THR B 11 13.07 -13.58 -2.64
C THR B 11 11.90 -13.42 -1.64
N NH2 B 12 11.74 -12.35 -1.00
HN1 NH2 B 12 12.37 -11.58 -1.15
HN2 NH2 B 12 10.98 -12.27 -0.35
ZN ZN C . -5.15 3.14 6.08
ZN ZN D . -5.24 -3.89 -6.20
N GLY A 1 -5.60 -3.59 23.02
CA GLY A 1 -5.92 -2.89 21.75
C GLY A 1 -5.13 -3.47 20.57
N HIS A 2 -5.78 -3.60 19.41
CA HIS A 2 -5.26 -4.31 18.22
C HIS A 2 -3.95 -3.77 17.63
N MET A 3 -3.57 -2.53 17.95
CA MET A 3 -2.30 -1.91 17.54
C MET A 3 -1.06 -2.60 18.10
N ASP A 4 -1.13 -3.14 19.32
CA ASP A 4 0.04 -3.63 20.08
C ASP A 4 1.20 -2.61 20.19
N ARG A 5 0.93 -1.35 19.85
CA ARG A 5 1.87 -0.21 19.63
C ARG A 5 2.90 -0.45 18.52
N TYR A 6 2.74 -1.54 17.76
CA TYR A 6 3.64 -2.01 16.71
C TYR A 6 3.36 -1.38 15.33
N ASP A 7 4.40 -1.37 14.48
CA ASP A 7 4.29 -1.04 13.06
C ASP A 7 4.05 -2.32 12.23
N PHE A 8 2.89 -2.41 11.56
CA PHE A 8 2.49 -3.58 10.77
C PHE A 8 2.26 -3.25 9.29
N GLU A 9 3.23 -3.65 8.47
CA GLU A 9 3.23 -3.68 7.01
C GLU A 9 2.20 -4.73 6.53
N VAL A 10 1.04 -4.26 6.07
CA VAL A 10 -0.15 -5.10 5.78
C VAL A 10 -0.71 -4.80 4.41
N VAL A 11 -0.53 -5.68 3.43
CA VAL A 11 -1.03 -5.43 2.07
C VAL A 11 -2.54 -5.63 2.05
N ARG A 12 -3.28 -4.52 2.06
CA ARG A 12 -4.74 -4.46 2.02
C ARG A 12 -5.16 -3.50 0.93
N CYS A 13 -5.32 -4.05 -0.26
CA CYS A 13 -5.92 -3.35 -1.41
C CYS A 13 -7.44 -3.59 -1.49
N ILE A 14 -8.17 -2.72 -2.21
CA ILE A 14 -9.59 -2.91 -2.59
C ILE A 14 -9.87 -4.23 -3.32
N CYS A 15 -8.78 -4.82 -3.81
CA CYS A 15 -8.73 -6.09 -4.49
C CYS A 15 -8.98 -7.27 -3.50
N GLU A 16 -8.88 -7.01 -2.17
CA GLU A 16 -8.94 -7.99 -1.07
C GLU A 16 -7.96 -9.15 -1.26
N VAL A 17 -6.80 -8.79 -1.80
CA VAL A 17 -5.66 -9.65 -2.06
C VAL A 17 -4.42 -9.03 -1.42
N GLN A 18 -3.59 -9.87 -0.82
CA GLN A 18 -2.26 -9.50 -0.33
C GLN A 18 -1.16 -9.62 -1.43
N GLU A 19 -1.56 -9.89 -2.69
CA GLU A 19 -0.70 -10.02 -3.88
C GLU A 19 0.08 -8.74 -4.13
N GLU A 20 1.27 -8.85 -4.69
CA GLU A 20 2.08 -7.76 -5.13
C GLU A 20 2.19 -7.67 -6.65
N ASN A 21 1.71 -6.52 -7.07
CA ASN A 21 1.84 -5.94 -8.39
C ASN A 21 3.27 -5.39 -8.56
N ASP A 22 3.59 -4.91 -9.77
CA ASP A 22 4.85 -4.20 -10.09
C ASP A 22 5.03 -2.86 -9.32
N PHE A 23 3.96 -2.33 -8.70
CA PHE A 23 3.99 -1.16 -7.82
C PHE A 23 3.09 -1.30 -6.59
N MET A 24 3.59 -0.96 -5.39
CA MET A 24 2.80 -0.84 -4.15
C MET A 24 3.17 0.41 -3.33
N ILE A 25 2.22 0.94 -2.56
CA ILE A 25 2.36 2.13 -1.69
C ILE A 25 1.85 1.81 -0.30
N GLN A 26 2.28 2.54 0.73
CA GLN A 26 1.83 2.36 2.11
C GLN A 26 0.95 3.52 2.57
N CYS A 27 -0.16 3.21 3.24
CA CYS A 27 -1.00 4.19 3.92
C CYS A 27 -0.24 4.84 5.06
N GLU A 28 -0.29 6.16 5.14
CA GLU A 28 0.36 6.90 6.22
C GLU A 28 -0.34 6.72 7.59
N GLU A 29 -1.62 6.30 7.60
CA GLU A 29 -2.44 6.24 8.81
C GLU A 29 -2.38 4.90 9.53
N CYS A 30 -2.63 3.82 8.78
CA CYS A 30 -2.65 2.45 9.30
C CYS A 30 -1.54 1.53 8.78
N GLN A 31 -0.61 2.05 7.99
CA GLN A 31 0.54 1.35 7.40
C GLN A 31 0.24 0.32 6.31
N CYS A 32 -1.01 0.15 5.90
CA CYS A 32 -1.31 -0.92 4.97
C CYS A 32 -0.83 -0.60 3.56
N TRP A 33 -0.47 -1.63 2.80
CA TRP A 33 0.09 -1.53 1.46
C TRP A 33 -0.92 -1.85 0.36
N GLN A 34 -0.85 -1.17 -0.79
CA GLN A 34 -1.81 -1.36 -1.87
C GLN A 34 -1.14 -1.25 -3.21
N HIS A 35 -1.77 -1.78 -4.24
CA HIS A 35 -1.31 -1.51 -5.60
C HIS A 35 -1.67 -0.07 -5.91
N GLY A 36 -0.68 0.77 -6.18
CA GLY A 36 -1.02 2.18 -6.40
C GLY A 36 -2.02 2.41 -7.53
N VAL A 37 -1.93 1.62 -8.59
CA VAL A 37 -2.78 1.75 -9.79
C VAL A 37 -4.26 1.42 -9.50
N CYS A 38 -4.53 0.71 -8.38
CA CYS A 38 -5.87 0.46 -7.83
C CYS A 38 -6.41 1.64 -7.01
N MET A 39 -5.49 2.41 -6.41
CA MET A 39 -5.71 3.54 -5.51
C MET A 39 -5.67 4.91 -6.24
N GLY A 40 -5.28 4.94 -7.53
CA GLY A 40 -5.11 6.14 -8.35
C GLY A 40 -3.77 6.85 -8.15
N LEU A 41 -2.75 6.10 -7.76
CA LEU A 41 -1.39 6.61 -7.56
C LEU A 41 -0.36 5.73 -8.30
N LEU A 42 0.75 6.32 -8.69
CA LEU A 42 1.89 5.76 -9.38
C LEU A 42 3.14 6.19 -8.64
N GLU A 43 4.29 5.58 -8.93
CA GLU A 43 5.59 6.06 -8.42
C GLU A 43 5.88 7.52 -8.80
N GLU A 44 5.29 8.03 -9.89
CA GLU A 44 5.36 9.47 -10.22
C GLU A 44 4.60 10.37 -9.21
N ASN A 45 3.44 9.91 -8.73
CA ASN A 45 2.53 10.73 -7.93
C ASN A 45 2.60 10.50 -6.41
N VAL A 46 3.46 9.62 -5.88
CA VAL A 46 3.41 9.19 -4.45
C VAL A 46 3.46 10.42 -3.53
N PRO A 47 2.36 10.68 -2.80
CA PRO A 47 2.29 11.81 -1.89
C PRO A 47 3.03 11.51 -0.58
N GLU A 48 3.23 12.55 0.24
CA GLU A 48 3.84 12.39 1.57
C GLU A 48 2.83 11.75 2.53
N LYS A 49 1.53 12.03 2.31
CA LYS A 49 0.42 11.44 3.06
C LYS A 49 -0.71 10.94 2.17
N TYR A 50 -0.52 9.74 1.64
CA TYR A 50 -1.61 9.00 1.00
C TYR A 50 -2.41 8.27 2.10
N THR A 51 -3.71 8.54 2.12
CA THR A 51 -4.73 7.85 2.92
C THR A 51 -5.40 6.75 2.10
N CYS A 52 -5.62 5.59 2.71
CA CYS A 52 -6.18 4.41 2.04
C CYS A 52 -7.69 4.38 2.23
N TYR A 53 -8.47 3.86 1.30
CA TYR A 53 -9.88 3.60 1.46
C TYR A 53 -10.37 3.02 2.83
N VAL A 54 -9.62 2.11 3.47
CA VAL A 54 -9.91 1.61 4.82
C VAL A 54 -9.89 2.75 5.88
N CYS A 55 -9.08 3.80 5.66
CA CYS A 55 -9.07 5.05 6.41
C CYS A 55 -9.93 6.15 5.75
N GLN A 56 -9.60 6.60 4.51
CA GLN A 56 -10.34 7.71 3.89
C GLN A 56 -11.67 7.37 3.18
N ASP A 57 -11.78 6.16 2.62
CA ASP A 57 -12.85 5.71 1.70
C ASP A 57 -12.85 6.55 0.39
N ALA B 1 4.37 8.47 2.53
CA ALA B 1 3.78 7.17 2.08
C ALA B 1 4.92 6.25 1.57
N ARG B 2 5.29 5.17 2.29
CA ARG B 2 6.37 4.22 1.85
C ARG B 2 6.04 3.61 0.48
N THR B 3 7.06 3.23 -0.30
CA THR B 3 6.87 2.62 -1.63
C THR B 3 7.91 1.56 -1.99
N MLY B 4 7.51 0.64 -2.87
CA MLY B 4 8.26 -0.53 -3.30
CB MLY B 4 8.02 -1.68 -2.30
CG MLY B 4 6.61 -2.28 -2.45
CD MLY B 4 6.17 -3.11 -1.24
CE MLY B 4 6.50 -4.60 -1.40
NZ MLY B 4 6.09 -5.41 -0.22
CH1 MLY B 4 4.60 -5.46 -0.06
CH2 MLY B 4 6.60 -6.81 -0.37
C MLY B 4 7.87 -0.93 -4.73
O MLY B 4 6.77 -0.61 -5.19
H MLY B 4 6.57 0.72 -3.25
HA MLY B 4 9.33 -0.27 -3.28
HB2 MLY B 4 8.75 -2.47 -2.42
HB3 MLY B 4 8.11 -1.28 -1.28
HG2 MLY B 4 5.92 -1.44 -2.58
HG3 MLY B 4 6.56 -2.87 -3.37
HD2 MLY B 4 6.61 -2.71 -0.32
HD3 MLY B 4 5.08 -3.00 -1.15
HE2 MLY B 4 6.02 -4.98 -2.31
HE3 MLY B 4 7.59 -4.69 -1.55
HH11 MLY B 4 4.32 -6.12 0.77
HH12 MLY B 4 4.18 -4.48 0.17
HH13 MLY B 4 4.10 -5.84 -0.97
HH21 MLY B 4 7.70 -6.79 -0.43
HH22 MLY B 4 6.33 -7.42 0.50
HH23 MLY B 4 6.22 -7.28 -1.27
HZ MLY B 4 6.49 -5.00 0.62
N GLN B 5 8.76 -1.68 -5.40
CA GLN B 5 8.49 -2.33 -6.68
C GLN B 5 8.66 -3.87 -6.63
N THR B 6 8.77 -4.43 -5.41
CA THR B 6 9.05 -5.85 -5.14
C THR B 6 10.38 -6.34 -5.77
N ALA B 7 11.48 -5.79 -5.24
CA ALA B 7 12.88 -6.22 -5.48
C ALA B 7 13.35 -6.21 -6.96
N ARG B 8 12.97 -5.18 -7.74
CA ARG B 8 13.55 -4.96 -9.09
C ARG B 8 15.02 -4.54 -9.03
N LYS B 9 15.80 -4.86 -10.07
CA LYS B 9 17.23 -4.52 -10.21
C LYS B 9 17.45 -3.01 -10.42
N SER B 10 18.60 -2.50 -9.95
CA SER B 10 18.99 -1.08 -10.08
C SER B 10 19.35 -0.67 -11.52
N THR B 11 19.77 -1.62 -12.36
CA THR B 11 20.12 -1.45 -13.79
C THR B 11 19.54 -2.59 -14.63
N NH2 B 12 19.85 -3.77 -14.34
HN1 NH2 B 12 20.48 -3.96 -13.57
HN2 NH2 B 12 19.47 -4.53 -14.87
ZN ZN C . -5.17 3.19 6.09
ZN ZN D . -5.24 -3.90 -6.20
N GLY A 1 -3.87 -12.86 17.28
CA GLY A 1 -4.86 -12.88 16.17
C GLY A 1 -4.25 -12.44 14.84
N HIS A 2 -5.09 -11.98 13.91
CA HIS A 2 -4.65 -11.54 12.57
C HIS A 2 -4.19 -10.08 12.55
N MET A 3 -5.03 -9.15 13.02
CA MET A 3 -4.71 -7.71 13.01
C MET A 3 -3.89 -7.23 14.21
N ASP A 4 -4.13 -7.82 15.38
CA ASP A 4 -3.64 -7.42 16.71
C ASP A 4 -3.80 -5.93 17.08
N ARG A 5 -4.59 -5.19 16.30
CA ARG A 5 -4.93 -3.76 16.43
C ARG A 5 -3.74 -2.79 16.46
N TYR A 6 -2.56 -3.32 16.14
CA TYR A 6 -1.31 -2.60 15.90
C TYR A 6 -1.18 -2.13 14.44
N ASP A 7 -0.40 -1.07 14.21
CA ASP A 7 -0.01 -0.65 12.87
C ASP A 7 1.21 -1.47 12.39
N PHE A 8 1.00 -2.31 11.37
CA PHE A 8 1.98 -3.20 10.75
C PHE A 8 1.93 -3.12 9.22
N GLU A 9 3.01 -3.59 8.58
CA GLU A 9 3.12 -3.66 7.11
C GLU A 9 2.15 -4.76 6.62
N VAL A 10 1.01 -4.31 6.08
CA VAL A 10 -0.16 -5.16 5.75
C VAL A 10 -0.70 -4.83 4.38
N VAL A 11 -0.51 -5.71 3.40
CA VAL A 11 -1.00 -5.44 2.04
C VAL A 11 -2.52 -5.62 2.01
N ARG A 12 -3.25 -4.51 2.05
CA ARG A 12 -4.71 -4.46 2.00
C ARG A 12 -5.13 -3.48 0.91
N CYS A 13 -5.29 -4.01 -0.29
CA CYS A 13 -5.89 -3.31 -1.43
C CYS A 13 -7.41 -3.54 -1.51
N ILE A 14 -8.14 -2.67 -2.22
CA ILE A 14 -9.56 -2.85 -2.60
C ILE A 14 -9.84 -4.17 -3.33
N CYS A 15 -8.76 -4.77 -3.83
CA CYS A 15 -8.71 -6.05 -4.48
C CYS A 15 -8.98 -7.21 -3.46
N GLU A 16 -8.86 -6.92 -2.14
CA GLU A 16 -8.92 -7.84 -0.99
C GLU A 16 -8.02 -9.07 -1.16
N VAL A 17 -6.86 -8.75 -1.72
CA VAL A 17 -5.73 -9.62 -2.00
C VAL A 17 -4.48 -9.02 -1.37
N GLN A 18 -3.63 -9.87 -0.81
CA GLN A 18 -2.28 -9.51 -0.34
C GLN A 18 -1.19 -9.65 -1.45
N GLU A 19 -1.60 -9.91 -2.70
CA GLU A 19 -0.74 -10.05 -3.89
C GLU A 19 0.05 -8.77 -4.14
N GLU A 20 1.24 -8.89 -4.70
CA GLU A 20 2.05 -7.80 -5.14
C GLU A 20 2.15 -7.71 -6.67
N ASN A 21 1.65 -6.57 -7.08
CA ASN A 21 1.78 -5.98 -8.41
C ASN A 21 3.22 -5.43 -8.58
N ASP A 22 3.51 -4.91 -9.77
CA ASP A 22 4.77 -4.22 -10.08
C ASP A 22 5.05 -3.01 -9.19
N PHE A 23 3.99 -2.30 -8.78
CA PHE A 23 4.02 -1.14 -7.87
C PHE A 23 3.11 -1.29 -6.64
N MET A 24 3.61 -0.95 -5.43
CA MET A 24 2.83 -0.82 -4.19
C MET A 24 3.20 0.42 -3.37
N ILE A 25 2.25 0.94 -2.58
CA ILE A 25 2.40 2.14 -1.71
C ILE A 25 1.89 1.81 -0.31
N GLN A 26 2.33 2.53 0.72
CA GLN A 26 1.89 2.33 2.10
C GLN A 26 1.01 3.49 2.57
N CYS A 27 -0.10 3.18 3.24
CA CYS A 27 -0.96 4.17 3.91
C CYS A 27 -0.22 4.83 5.05
N GLU A 28 -0.27 6.15 5.11
CA GLU A 28 0.37 6.90 6.19
C GLU A 28 -0.35 6.75 7.55
N GLU A 29 -1.62 6.32 7.56
CA GLU A 29 -2.46 6.27 8.78
C GLU A 29 -2.37 4.93 9.50
N CYS A 30 -2.60 3.84 8.75
CA CYS A 30 -2.62 2.49 9.29
C CYS A 30 -1.51 1.56 8.79
N GLN A 31 -0.58 2.07 7.97
CA GLN A 31 0.58 1.34 7.42
C GLN A 31 0.29 0.28 6.36
N CYS A 32 -0.95 0.12 5.92
CA CYS A 32 -1.25 -0.95 4.98
C CYS A 32 -0.78 -0.64 3.57
N TRP A 33 -0.43 -1.66 2.79
CA TRP A 33 0.13 -1.56 1.45
C TRP A 33 -0.89 -1.86 0.35
N GLN A 34 -0.82 -1.16 -0.79
CA GLN A 34 -1.78 -1.34 -1.87
C GLN A 34 -1.10 -1.23 -3.20
N HIS A 35 -1.74 -1.76 -4.25
CA HIS A 35 -1.30 -1.51 -5.61
C HIS A 35 -1.66 -0.08 -5.92
N GLY A 36 -0.67 0.77 -6.18
CA GLY A 36 -1.00 2.18 -6.40
C GLY A 36 -1.98 2.41 -7.54
N VAL A 37 -1.89 1.61 -8.59
CA VAL A 37 -2.73 1.75 -9.79
C VAL A 37 -4.21 1.42 -9.51
N CYS A 38 -4.49 0.71 -8.40
CA CYS A 38 -5.84 0.46 -7.86
C CYS A 38 -6.38 1.64 -7.04
N MET A 39 -5.45 2.38 -6.41
CA MET A 39 -5.69 3.52 -5.52
C MET A 39 -5.64 4.90 -6.25
N GLY A 40 -5.26 4.92 -7.53
CA GLY A 40 -5.09 6.12 -8.37
C GLY A 40 -3.76 6.84 -8.16
N LEU A 41 -2.73 6.09 -7.76
CA LEU A 41 -1.36 6.60 -7.56
C LEU A 41 -0.34 5.73 -8.30
N LEU A 42 0.77 6.32 -8.69
CA LEU A 42 1.92 5.77 -9.38
C LEU A 42 3.17 6.21 -8.64
N GLU A 43 4.32 5.61 -8.92
CA GLU A 43 5.61 6.10 -8.40
C GLU A 43 5.90 7.56 -8.77
N GLU A 44 5.32 8.07 -9.86
CA GLU A 44 5.39 9.52 -10.19
C GLU A 44 4.61 10.40 -9.20
N ASN A 45 3.46 9.94 -8.71
CA ASN A 45 2.54 10.76 -7.92
C ASN A 45 2.59 10.53 -6.39
N VAL A 46 3.45 9.64 -5.87
CA VAL A 46 3.41 9.22 -4.44
C VAL A 46 3.44 10.44 -3.52
N PRO A 47 2.34 10.69 -2.79
CA PRO A 47 2.25 11.80 -1.87
C PRO A 47 2.95 11.48 -0.54
N GLU A 48 3.18 12.51 0.24
CA GLU A 48 3.75 12.41 1.58
C GLU A 48 2.72 11.77 2.52
N LYS A 49 1.43 12.07 2.31
CA LYS A 49 0.31 11.50 3.03
C LYS A 49 -0.80 10.97 2.13
N TYR A 50 -0.56 9.77 1.61
CA TYR A 50 -1.65 9.01 0.98
C TYR A 50 -2.41 8.27 2.08
N THR A 51 -3.72 8.51 2.13
CA THR A 51 -4.69 7.79 2.92
C THR A 51 -5.36 6.70 2.08
N CYS A 52 -5.59 5.53 2.68
CA CYS A 52 -6.16 4.35 2.00
C CYS A 52 -7.66 4.32 2.20
N TYR A 53 -8.46 3.83 1.26
CA TYR A 53 -9.89 3.55 1.42
C TYR A 53 -10.35 2.97 2.79
N VAL A 54 -9.60 2.09 3.45
CA VAL A 54 -9.89 1.60 4.81
C VAL A 54 -9.87 2.74 5.86
N CYS A 55 -9.07 3.79 5.63
CA CYS A 55 -9.04 5.06 6.36
C CYS A 55 -9.86 6.17 5.67
N GLN A 56 -9.52 6.61 4.43
CA GLN A 56 -10.23 7.71 3.76
C GLN A 56 -11.63 7.35 3.23
N ASP A 57 -11.82 6.13 2.71
CA ASP A 57 -13.04 5.64 2.00
C ASP A 57 -13.39 6.45 0.72
N ALA B 1 4.32 8.55 2.43
CA ALA B 1 3.76 7.23 2.05
C ALA B 1 4.91 6.31 1.56
N ARG B 2 5.26 5.22 2.27
CA ARG B 2 6.35 4.28 1.85
C ARG B 2 6.05 3.67 0.48
N THR B 3 7.06 3.28 -0.29
CA THR B 3 6.89 2.67 -1.62
C THR B 3 7.94 1.61 -1.96
N MLY B 4 7.55 0.67 -2.84
CA MLY B 4 8.32 -0.49 -3.23
CB MLY B 4 8.04 -1.65 -2.25
CG MLY B 4 6.64 -2.24 -2.43
CD MLY B 4 6.16 -3.08 -1.23
CE MLY B 4 6.54 -4.57 -1.35
NZ MLY B 4 6.08 -5.37 -0.17
CH1 MLY B 4 4.60 -5.44 -0.06
CH2 MLY B 4 6.64 -6.76 -0.29
C MLY B 4 8.02 -0.89 -4.68
O MLY B 4 6.98 -0.52 -5.24
H MLY B 4 6.61 0.74 -3.23
HA MLY B 4 9.38 -0.24 -3.18
HB2 MLY B 4 8.77 -2.46 -2.38
HB3 MLY B 4 8.13 -1.28 -1.23
HG2 MLY B 4 5.95 -1.40 -2.57
HG3 MLY B 4 6.61 -2.85 -3.34
HD2 MLY B 4 6.58 -2.66 -0.30
HD3 MLY B 4 5.09 -2.98 -1.17
HE2 MLY B 4 6.09 -4.98 -2.28
HE3 MLY B 4 7.63 -4.64 -1.46
HH11 MLY B 4 4.14 -5.85 -0.97
HH12 MLY B 4 4.31 -6.09 0.78
HH13 MLY B 4 4.15 -4.46 0.14
HH21 MLY B 4 7.73 -6.73 -0.33
HH22 MLY B 4 6.35 -7.36 0.57
HH23 MLY B 4 6.27 -7.25 -1.20
HZ MLY B 4 6.47 -4.94 0.68
N GLN B 5 8.92 -1.70 -5.26
CA GLN B 5 8.78 -2.30 -6.60
C GLN B 5 9.34 -3.73 -6.61
N THR B 6 8.78 -4.61 -7.46
CA THR B 6 9.28 -5.99 -7.65
C THR B 6 10.66 -6.02 -8.34
N ALA B 7 11.56 -6.89 -7.86
CA ALA B 7 12.93 -7.05 -8.37
C ALA B 7 13.49 -8.46 -8.10
N ARG B 8 14.58 -8.83 -8.79
CA ARG B 8 15.36 -10.08 -8.60
C ARG B 8 14.52 -11.37 -8.69
N LYS B 9 13.55 -11.40 -9.62
CA LYS B 9 12.61 -12.53 -9.83
C LYS B 9 13.24 -13.79 -10.45
N SER B 10 14.42 -13.66 -11.07
CA SER B 10 15.18 -14.76 -11.68
C SER B 10 15.77 -15.73 -10.64
N THR B 11 16.05 -16.97 -11.06
CA THR B 11 16.67 -18.03 -10.25
C THR B 11 18.15 -17.77 -9.92
N NH2 B 12 18.53 -17.95 -8.75
HN1 NH2 B 12 17.87 -18.27 -8.05
HN2 NH2 B 12 19.50 -17.79 -8.50
ZN ZN C . -5.14 3.17 6.06
ZN ZN D . -5.24 -3.90 -6.21
N GLY A 1 -8.42 -3.08 21.90
CA GLY A 1 -7.11 -3.23 22.58
C GLY A 1 -6.09 -4.00 21.76
N HIS A 2 -5.11 -4.64 22.42
CA HIS A 2 -4.06 -5.49 21.81
C HIS A 2 -3.24 -4.79 20.70
N MET A 3 -2.94 -3.50 20.90
CA MET A 3 -2.22 -2.67 19.91
C MET A 3 -0.75 -3.06 19.70
N ASP A 4 -0.09 -3.50 20.77
CA ASP A 4 1.36 -3.77 20.91
C ASP A 4 2.33 -2.67 20.44
N ARG A 5 1.80 -1.49 20.16
CA ARG A 5 2.52 -0.24 19.77
C ARG A 5 3.47 -0.38 18.57
N TYR A 6 3.34 -1.48 17.83
CA TYR A 6 4.20 -1.86 16.71
C TYR A 6 3.78 -1.24 15.36
N ASP A 7 4.73 -1.19 14.43
CA ASP A 7 4.49 -0.85 13.03
C ASP A 7 4.15 -2.14 12.25
N PHE A 8 2.96 -2.20 11.64
CA PHE A 8 2.47 -3.38 10.92
C PHE A 8 2.20 -3.13 9.42
N GLU A 9 3.13 -3.60 8.58
CA GLU A 9 3.02 -3.68 7.11
C GLU A 9 1.99 -4.75 6.75
N VAL A 10 0.92 -4.30 6.10
CA VAL A 10 -0.24 -5.14 5.79
C VAL A 10 -0.75 -4.84 4.41
N VAL A 11 -0.55 -5.72 3.43
CA VAL A 11 -1.01 -5.45 2.06
C VAL A 11 -2.53 -5.63 2.00
N ARG A 12 -3.24 -4.51 2.06
CA ARG A 12 -4.71 -4.44 2.01
C ARG A 12 -5.14 -3.49 0.93
N CYS A 13 -5.30 -4.04 -0.28
CA CYS A 13 -5.91 -3.35 -1.42
C CYS A 13 -7.43 -3.59 -1.50
N ILE A 14 -8.15 -2.72 -2.22
CA ILE A 14 -9.58 -2.90 -2.61
C ILE A 14 -9.84 -4.22 -3.35
N CYS A 15 -8.76 -4.81 -3.83
CA CYS A 15 -8.71 -6.09 -4.51
C CYS A 15 -8.98 -7.25 -3.52
N GLU A 16 -8.89 -7.01 -2.20
CA GLU A 16 -8.95 -7.97 -1.09
C GLU A 16 -7.99 -9.15 -1.28
N VAL A 17 -6.81 -8.80 -1.82
CA VAL A 17 -5.67 -9.65 -2.09
C VAL A 17 -4.43 -9.04 -1.43
N GLN A 18 -3.61 -9.88 -0.83
CA GLN A 18 -2.27 -9.51 -0.33
C GLN A 18 -1.17 -9.64 -1.43
N GLU A 19 -1.57 -9.90 -2.69
CA GLU A 19 -0.71 -10.05 -3.86
C GLU A 19 0.08 -8.77 -4.13
N GLU A 20 1.27 -8.88 -4.68
CA GLU A 20 2.08 -7.79 -5.12
C GLU A 20 2.18 -7.71 -6.65
N ASN A 21 1.69 -6.57 -7.06
CA ASN A 21 1.81 -5.99 -8.39
C ASN A 21 3.25 -5.43 -8.56
N ASP A 22 3.55 -4.92 -9.76
CA ASP A 22 4.80 -4.22 -10.07
C ASP A 22 5.06 -2.98 -9.17
N PHE A 23 3.99 -2.29 -8.76
CA PHE A 23 4.01 -1.14 -7.86
C PHE A 23 3.10 -1.29 -6.63
N MET A 24 3.60 -0.94 -5.43
CA MET A 24 2.82 -0.82 -4.18
C MET A 24 3.20 0.43 -3.36
N ILE A 25 2.25 0.95 -2.57
CA ILE A 25 2.39 2.15 -1.70
C ILE A 25 1.88 1.81 -0.31
N GLN A 26 2.32 2.54 0.71
CA GLN A 26 1.87 2.34 2.10
C GLN A 26 1.00 3.51 2.57
N CYS A 27 -0.11 3.20 3.24
CA CYS A 27 -0.96 4.18 3.91
C CYS A 27 -0.22 4.83 5.05
N GLU A 28 -0.28 6.16 5.12
CA GLU A 28 0.37 6.91 6.20
C GLU A 28 -0.35 6.75 7.56
N GLU A 29 -1.61 6.31 7.56
CA GLU A 29 -2.44 6.25 8.79
C GLU A 29 -2.37 4.90 9.50
N CYS A 30 -2.61 3.82 8.75
CA CYS A 30 -2.63 2.47 9.28
C CYS A 30 -1.52 1.53 8.77
N GLN A 31 -0.58 2.06 7.97
CA GLN A 31 0.58 1.35 7.41
C GLN A 31 0.29 0.31 6.32
N CYS A 32 -0.95 0.13 5.89
CA CYS A 32 -1.25 -0.94 4.96
C CYS A 32 -0.76 -0.64 3.55
N TRP A 33 -0.41 -1.67 2.80
CA TRP A 33 0.14 -1.56 1.46
C TRP A 33 -0.86 -1.87 0.35
N GLN A 34 -0.80 -1.18 -0.79
CA GLN A 34 -1.77 -1.36 -1.88
C GLN A 34 -1.10 -1.24 -3.20
N HIS A 35 -1.74 -1.77 -4.24
CA HIS A 35 -1.29 -1.51 -5.60
C HIS A 35 -1.65 -0.08 -5.90
N GLY A 36 -0.67 0.78 -6.18
CA GLY A 36 -1.01 2.18 -6.41
C GLY A 36 -2.00 2.41 -7.54
N VAL A 37 -1.90 1.60 -8.59
CA VAL A 37 -2.76 1.74 -9.79
C VAL A 37 -4.24 1.40 -9.49
N CYS A 38 -4.51 0.70 -8.38
CA CYS A 38 -5.84 0.45 -7.82
C CYS A 38 -6.39 1.64 -7.01
N MET A 39 -5.47 2.39 -6.41
CA MET A 39 -5.70 3.54 -5.52
C MET A 39 -5.65 4.90 -6.25
N GLY A 40 -5.26 4.93 -7.53
CA GLY A 40 -5.10 6.13 -8.35
C GLY A 40 -3.77 6.85 -8.16
N LEU A 41 -2.73 6.10 -7.77
CA LEU A 41 -1.39 6.61 -7.56
C LEU A 41 -0.36 5.74 -8.29
N LEU A 42 0.75 6.34 -8.70
CA LEU A 42 1.89 5.78 -9.38
C LEU A 42 3.15 6.22 -8.65
N GLU A 43 4.30 5.62 -8.93
CA GLU A 43 5.59 6.10 -8.42
C GLU A 43 5.87 7.57 -8.80
N GLU A 44 5.28 8.08 -9.89
CA GLU A 44 5.34 9.52 -10.21
C GLU A 44 4.58 10.40 -9.22
N ASN A 45 3.42 9.94 -8.73
CA ASN A 45 2.50 10.76 -7.94
C ASN A 45 2.56 10.53 -6.41
N VAL A 46 3.43 9.65 -5.88
CA VAL A 46 3.39 9.22 -4.45
C VAL A 46 3.43 10.45 -3.53
N PRO A 47 2.33 10.70 -2.80
CA PRO A 47 2.25 11.80 -1.87
C PRO A 47 2.96 11.48 -0.55
N GLU A 48 3.21 12.52 0.23
CA GLU A 48 3.81 12.43 1.56
C GLU A 48 2.80 11.79 2.52
N LYS A 49 1.51 12.06 2.31
CA LYS A 49 0.40 11.47 3.04
C LYS A 49 -0.73 10.95 2.16
N TYR A 50 -0.53 9.76 1.63
CA TYR A 50 -1.62 9.01 1.00
C TYR A 50 -2.39 8.27 2.10
N THR A 51 -3.69 8.52 2.15
CA THR A 51 -4.68 7.79 2.95
C THR A 51 -5.34 6.72 2.10
N CYS A 52 -5.57 5.54 2.68
CA CYS A 52 -6.16 4.37 2.01
C CYS A 52 -7.66 4.35 2.20
N TYR A 53 -8.46 3.87 1.27
CA TYR A 53 -9.89 3.59 1.43
C TYR A 53 -10.36 3.02 2.79
N VAL A 54 -9.61 2.13 3.44
CA VAL A 54 -9.90 1.63 4.80
C VAL A 54 -9.88 2.78 5.86
N CYS A 55 -9.07 3.82 5.64
CA CYS A 55 -9.04 5.09 6.36
C CYS A 55 -9.85 6.21 5.67
N GLN A 56 -9.50 6.64 4.44
CA GLN A 56 -10.22 7.74 3.78
C GLN A 56 -11.62 7.40 3.24
N ASP A 57 -11.82 6.19 2.72
CA ASP A 57 -13.04 5.70 2.02
C ASP A 57 -13.39 6.51 0.74
N ALA B 1 4.34 8.56 2.39
CA ALA B 1 3.77 7.24 2.03
C ALA B 1 4.91 6.33 1.53
N ARG B 2 5.27 5.24 2.24
CA ARG B 2 6.35 4.29 1.83
C ARG B 2 6.05 3.67 0.46
N THR B 3 7.06 3.29 -0.31
CA THR B 3 6.88 2.67 -1.65
C THR B 3 7.93 1.62 -2.00
N MLY B 4 7.54 0.68 -2.87
CA MLY B 4 8.32 -0.48 -3.28
CB MLY B 4 8.05 -1.65 -2.29
CG MLY B 4 6.65 -2.23 -2.47
CD MLY B 4 6.18 -3.06 -1.25
CE MLY B 4 6.55 -4.56 -1.36
NZ MLY B 4 6.11 -5.35 -0.17
CH1 MLY B 4 4.62 -5.42 -0.05
CH2 MLY B 4 6.66 -6.73 -0.26
C MLY B 4 8.01 -0.88 -4.73
O MLY B 4 6.94 -0.56 -5.25
H MLY B 4 6.61 0.75 -3.27
HA MLY B 4 9.38 -0.22 -3.23
HB2 MLY B 4 8.78 -2.44 -2.43
HB3 MLY B 4 8.14 -1.27 -1.27
HG2 MLY B 4 5.96 -1.40 -2.60
HG3 MLY B 4 6.63 -2.84 -3.38
HD2 MLY B 4 6.59 -2.64 -0.33
HD3 MLY B 4 5.10 -2.98 -1.19
HE2 MLY B 4 6.12 -4.97 -2.28
HE3 MLY B 4 7.64 -4.63 -1.47
HH11 MLY B 4 4.32 -6.08 0.77
HH12 MLY B 4 4.17 -4.44 0.15
HH13 MLY B 4 4.16 -5.82 -0.97
HH21 MLY B 4 7.76 -6.71 -0.30
HH22 MLY B 4 6.38 -7.31 0.62
HH23 MLY B 4 6.29 -7.25 -1.15
HZ MLY B 4 6.49 -4.91 0.67
N GLN B 5 8.93 -1.61 -5.35
CA GLN B 5 8.82 -2.16 -6.70
C GLN B 5 9.42 -3.57 -6.78
N THR B 6 8.82 -4.45 -7.58
CA THR B 6 9.33 -5.82 -7.80
C THR B 6 10.49 -5.86 -8.81
N ALA B 7 11.24 -6.97 -8.81
CA ALA B 7 12.37 -7.20 -9.73
C ALA B 7 11.96 -7.34 -11.22
N ARG B 8 10.65 -7.47 -11.52
CA ARG B 8 10.12 -7.58 -12.89
C ARG B 8 10.30 -6.28 -13.71
N LYS B 9 10.28 -5.12 -13.04
CA LYS B 9 10.52 -3.80 -13.64
C LYS B 9 11.96 -3.66 -14.14
N SER B 10 12.12 -3.31 -15.42
CA SER B 10 13.42 -3.05 -16.06
C SER B 10 14.08 -1.73 -15.60
N THR B 11 15.41 -1.66 -15.73
CA THR B 11 16.23 -0.45 -15.44
C THR B 11 16.11 0.60 -16.55
N NH2 B 12 15.73 1.76 -16.25
HN1 NH2 B 12 15.54 1.98 -15.29
HN2 NH2 B 12 15.65 2.46 -16.97
ZN ZN C . -5.15 3.17 6.06
ZN ZN D . -5.22 -3.91 -6.20
N GLY A 1 -7.48 -9.48 19.21
CA GLY A 1 -8.00 -10.24 18.04
C GLY A 1 -7.90 -9.43 16.75
N HIS A 2 -7.83 -10.13 15.61
CA HIS A 2 -7.81 -9.60 14.23
C HIS A 2 -6.79 -8.47 13.99
N MET A 3 -7.21 -7.21 14.17
CA MET A 3 -6.35 -6.02 14.02
C MET A 3 -5.25 -5.91 15.07
N ASP A 4 -5.51 -6.35 16.30
CA ASP A 4 -4.68 -6.16 17.49
C ASP A 4 -4.25 -4.71 17.79
N ARG A 5 -4.88 -3.75 17.12
CA ARG A 5 -4.70 -2.29 17.22
C ARG A 5 -3.27 -1.78 16.98
N TYR A 6 -2.42 -2.67 16.47
CA TYR A 6 -1.06 -2.40 16.03
C TYR A 6 -1.01 -1.94 14.56
N ASP A 7 -0.10 -1.02 14.25
CA ASP A 7 0.23 -0.63 12.88
C ASP A 7 1.41 -1.46 12.35
N PHE A 8 1.16 -2.28 11.33
CA PHE A 8 2.11 -3.19 10.67
C PHE A 8 2.03 -3.10 9.14
N GLU A 9 3.08 -3.55 8.47
CA GLU A 9 3.17 -3.65 7.00
C GLU A 9 2.17 -4.74 6.56
N VAL A 10 1.01 -4.29 6.04
CA VAL A 10 -0.18 -5.13 5.76
C VAL A 10 -0.73 -4.82 4.39
N VAL A 11 -0.56 -5.70 3.41
CA VAL A 11 -1.05 -5.43 2.06
C VAL A 11 -2.57 -5.61 2.03
N ARG A 12 -3.29 -4.50 2.07
CA ARG A 12 -4.76 -4.43 2.04
C ARG A 12 -5.17 -3.47 0.95
N CYS A 13 -5.35 -4.02 -0.25
CA CYS A 13 -5.95 -3.33 -1.40
C CYS A 13 -7.47 -3.56 -1.48
N ILE A 14 -8.19 -2.69 -2.20
CA ILE A 14 -9.61 -2.87 -2.59
C ILE A 14 -9.88 -4.19 -3.34
N CYS A 15 -8.79 -4.78 -3.82
CA CYS A 15 -8.75 -6.05 -4.51
C CYS A 15 -9.02 -7.23 -3.51
N GLU A 16 -8.92 -6.98 -2.19
CA GLU A 16 -8.97 -7.96 -1.08
C GLU A 16 -8.02 -9.14 -1.28
N VAL A 17 -6.86 -8.78 -1.82
CA VAL A 17 -5.71 -9.63 -2.09
C VAL A 17 -4.47 -9.02 -1.44
N GLN A 18 -3.65 -9.87 -0.84
CA GLN A 18 -2.30 -9.49 -0.35
C GLN A 18 -1.21 -9.62 -1.44
N GLU A 19 -1.60 -9.88 -2.70
CA GLU A 19 -0.72 -10.03 -3.88
C GLU A 19 0.06 -8.73 -4.13
N GLU A 20 1.26 -8.85 -4.68
CA GLU A 20 2.08 -7.76 -5.12
C GLU A 20 2.20 -7.67 -6.64
N ASN A 21 1.72 -6.53 -7.06
CA ASN A 21 1.86 -5.93 -8.39
C ASN A 21 3.29 -5.36 -8.56
N ASP A 22 3.60 -4.90 -9.76
CA ASP A 22 4.84 -4.15 -10.11
C ASP A 22 5.04 -2.84 -9.30
N PHE A 23 3.95 -2.30 -8.72
CA PHE A 23 3.97 -1.14 -7.83
C PHE A 23 3.06 -1.29 -6.60
N MET A 24 3.56 -0.96 -5.40
CA MET A 24 2.79 -0.83 -4.16
C MET A 24 3.18 0.41 -3.34
N ILE A 25 2.22 0.94 -2.56
CA ILE A 25 2.38 2.14 -1.69
C ILE A 25 1.87 1.81 -0.31
N GLN A 26 2.30 2.53 0.72
CA GLN A 26 1.85 2.34 2.10
C GLN A 26 0.99 3.52 2.57
N CYS A 27 -0.13 3.22 3.25
CA CYS A 27 -0.96 4.20 3.92
C CYS A 27 -0.21 4.85 5.06
N GLU A 28 -0.26 6.18 5.14
CA GLU A 28 0.39 6.93 6.22
C GLU A 28 -0.34 6.77 7.58
N GLU A 29 -1.61 6.34 7.58
CA GLU A 29 -2.44 6.29 8.79
C GLU A 29 -2.37 4.95 9.52
N CYS A 30 -2.60 3.85 8.78
CA CYS A 30 -2.61 2.50 9.31
C CYS A 30 -1.50 1.57 8.80
N GLN A 31 -0.56 2.09 8.00
CA GLN A 31 0.59 1.38 7.43
C GLN A 31 0.28 0.31 6.37
N CYS A 32 -0.97 0.15 5.93
CA CYS A 32 -1.26 -0.94 5.00
C CYS A 32 -0.78 -0.62 3.58
N TRP A 33 -0.45 -1.64 2.81
CA TRP A 33 0.09 -1.53 1.47
C TRP A 33 -0.91 -1.85 0.37
N GLN A 34 -0.85 -1.17 -0.78
CA GLN A 34 -1.82 -1.34 -1.86
C GLN A 34 -1.14 -1.23 -3.19
N HIS A 35 -1.78 -1.76 -4.23
CA HIS A 35 -1.33 -1.50 -5.58
C HIS A 35 -1.68 -0.06 -5.89
N GLY A 36 -0.70 0.77 -6.17
CA GLY A 36 -1.01 2.18 -6.40
C GLY A 36 -2.01 2.41 -7.53
N VAL A 37 -1.92 1.61 -8.59
CA VAL A 37 -2.77 1.75 -9.78
C VAL A 37 -4.26 1.43 -9.48
N CYS A 38 -4.51 0.72 -8.38
CA CYS A 38 -5.85 0.48 -7.81
C CYS A 38 -6.39 1.67 -7.00
N MET A 39 -5.47 2.42 -6.41
CA MET A 39 -5.69 3.56 -5.51
C MET A 39 -5.65 4.93 -6.24
N GLY A 40 -5.26 4.96 -7.52
CA GLY A 40 -5.08 6.16 -8.35
C GLY A 40 -3.75 6.86 -8.15
N LEU A 41 -2.71 6.11 -7.76
CA LEU A 41 -1.35 6.61 -7.55
C LEU A 41 -0.33 5.74 -8.29
N LEU A 42 0.78 6.32 -8.69
CA LEU A 42 1.92 5.75 -9.39
C LEU A 42 3.17 6.18 -8.65
N GLU A 43 4.32 5.58 -8.94
CA GLU A 43 5.61 6.04 -8.42
C GLU A 43 5.91 7.51 -8.80
N GLU A 44 5.33 8.03 -9.89
CA GLU A 44 5.39 9.47 -10.21
C GLU A 44 4.64 10.35 -9.21
N ASN A 45 3.47 9.90 -8.73
CA ASN A 45 2.57 10.73 -7.93
C ASN A 45 2.63 10.50 -6.40
N VAL A 46 3.48 9.61 -5.88
CA VAL A 46 3.43 9.19 -4.45
C VAL A 46 3.48 10.42 -3.53
N PRO A 47 2.39 10.68 -2.80
CA PRO A 47 2.32 11.81 -1.88
C PRO A 47 3.05 11.50 -0.58
N GLU A 48 3.25 12.53 0.24
CA GLU A 48 3.85 12.36 1.57
C GLU A 48 2.80 11.74 2.51
N LYS A 49 1.51 12.06 2.30
CA LYS A 49 0.40 11.48 3.03
C LYS A 49 -0.73 10.98 2.14
N TYR A 50 -0.53 9.77 1.63
CA TYR A 50 -1.62 9.03 0.99
C TYR A 50 -2.41 8.29 2.09
N THR A 51 -3.71 8.54 2.11
CA THR A 51 -4.69 7.81 2.91
C THR A 51 -5.36 6.71 2.08
N CYS A 52 -5.55 5.54 2.68
CA CYS A 52 -6.12 4.37 2.02
C CYS A 52 -7.62 4.38 2.20
N TYR A 53 -8.41 3.93 1.24
CA TYR A 53 -9.84 3.70 1.39
C TYR A 53 -10.32 3.19 2.77
N VAL A 54 -9.62 2.20 3.38
CA VAL A 54 -9.95 1.69 4.73
C VAL A 54 -9.90 2.81 5.80
N CYS A 55 -9.04 3.82 5.63
CA CYS A 55 -9.00 5.06 6.39
C CYS A 55 -9.85 6.16 5.72
N GLN A 56 -9.55 6.60 4.49
CA GLN A 56 -10.32 7.67 3.85
C GLN A 56 -11.73 7.26 3.35
N ASP A 57 -11.85 6.29 2.43
CA ASP A 57 -13.16 5.90 1.81
C ASP A 57 -13.21 4.56 1.02
N ALA B 1 4.41 8.52 2.42
CA ALA B 1 3.81 7.20 2.04
C ALA B 1 4.94 6.27 1.54
N ARG B 2 5.29 5.17 2.24
CA ARG B 2 6.36 4.22 1.82
C ARG B 2 6.04 3.61 0.45
N THR B 3 7.05 3.21 -0.32
CA THR B 3 6.87 2.59 -1.66
C THR B 3 7.92 1.52 -2.01
N MLY B 4 7.53 0.61 -2.89
CA MLY B 4 8.30 -0.57 -3.29
CB MLY B 4 8.02 -1.73 -2.29
CG MLY B 4 6.62 -2.30 -2.46
CD MLY B 4 6.14 -3.12 -1.24
CE MLY B 4 6.49 -4.61 -1.36
NZ MLY B 4 6.04 -5.41 -0.17
CH1 MLY B 4 4.55 -5.45 -0.03
CH2 MLY B 4 6.57 -6.80 -0.28
C MLY B 4 7.98 -0.99 -4.73
O MLY B 4 6.92 -0.67 -5.25
H MLY B 4 6.60 0.67 -3.29
HA MLY B 4 9.36 -0.31 -3.24
HB2 MLY B 4 8.74 -2.53 -2.43
HB3 MLY B 4 8.13 -1.35 -1.28
HG2 MLY B 4 5.93 -1.46 -2.60
HG3 MLY B 4 6.57 -2.91 -3.37
HD2 MLY B 4 6.58 -2.70 -0.32
HD3 MLY B 4 5.06 -3.00 -1.16
HE2 MLY B 4 6.03 -5.02 -2.27
HE3 MLY B 4 7.57 -4.70 -1.47
HH11 MLY B 4 4.27 -6.10 0.80
HH12 MLY B 4 4.14 -4.46 0.19
HH13 MLY B 4 4.08 -5.84 -0.93
HH21 MLY B 4 6.28 -7.40 0.58
HH22 MLY B 4 6.19 -7.29 -1.18
HH23 MLY B 4 7.67 -6.79 -0.33
HZ MLY B 4 6.45 -4.98 0.68
N GLN B 5 8.91 -1.75 -5.35
CA GLN B 5 8.75 -2.38 -6.66
C GLN B 5 9.34 -3.80 -6.68
N THR B 6 8.81 -4.68 -7.53
CA THR B 6 9.34 -6.04 -7.75
C THR B 6 10.56 -6.07 -8.70
N ALA B 7 11.33 -7.16 -8.64
CA ALA B 7 12.55 -7.45 -9.41
C ALA B 7 13.75 -6.49 -9.18
N ARG B 8 14.97 -6.96 -9.51
CA ARG B 8 16.25 -6.24 -9.31
C ARG B 8 17.18 -6.36 -10.55
N LYS B 9 16.60 -6.54 -11.73
CA LYS B 9 17.31 -6.68 -13.03
C LYS B 9 17.96 -5.37 -13.50
N SER B 10 18.98 -5.48 -14.34
CA SER B 10 19.76 -4.36 -14.92
C SER B 10 20.14 -4.61 -16.39
N THR B 11 20.37 -3.54 -17.15
CA THR B 11 20.87 -3.58 -18.54
C THR B 11 22.35 -3.96 -18.60
N NH2 B 12 23.17 -3.30 -17.93
HN1 NH2 B 12 22.85 -2.54 -17.35
HN2 NH2 B 12 24.15 -3.54 -17.95
ZN ZN C . -5.12 3.19 6.08
ZN ZN D . -5.26 -3.88 -6.18
#